data_6ZMK
#
_entry.id   6ZMK
#
_cell.length_a   152.945
_cell.length_b   152.945
_cell.length_c   166.213
_cell.angle_alpha   90.000
_cell.angle_beta   90.000
_cell.angle_gamma   90.000
#
_symmetry.space_group_name_H-M   'P 41 21 2'
#
loop_
_entity.id
_entity.type
_entity.pdbx_description
1 polymer 'Glutamine--fructose-6-phosphate aminotransferase [isomerizing] 1'
2 polymer 'Glutamine--fructose-6-phosphate aminotransferase [isomerizing] 1'
3 non-polymer GLUCOSE-6-PHOSPHATE
4 non-polymer 'GLUTAMIC ACID'
5 water water
#
loop_
_entity_poly.entity_id
_entity_poly.type
_entity_poly.pdbx_seq_one_letter_code
_entity_poly.pdbx_strand_id
1 'polypeptide(L)'
;MCGIFAYLNYHVPRTRREILETLIKGLQRLEYRGYDSAGVGFDGGNDKDWEANACKIQLIKKKGKVKALDEEVHKQQDMD
LDIEFDVHLGIAHTRWATHGEPSPVNSHPQRSDKNNEFIVIHNGIITNYKDLKKFLESKGYDFESETDTETIAKLVKYMY
DNRESQDTSFTTLVERVIQQLEGAFALVFKSVHFPGQAVGTRRGSPLLIGVRSEHKLSTDHIPILYRTGKDKKGSCNLSR
VD(SEP)TTCLFPVEEKAVEYYFASDASAVIEHTNRVIFLEDDDVAAVVDGRLSIHRIKRTAGHHHHHHDHPGRAVQTLQ
MELQQIMKGNFSSFMQKEIFEQPESVVNTMRGRVNFDDYTVNLGGLKDHIKEIQRCRRLILIACGTSYHAGVATRQVLEE
LTELPVMVELASDFRDRNTPVFRDDVCFFLSQSGETADTLMGLRYCKERGALTVGITNTVGSSISRETDCGVHINAGPEI
GVASTKAYTSQFVSLVMFALMMCDDRISMQERRKEIMLGLKRLPDLIKEVLSMDDEIQKLATELYHQKSVLIMGRGYHYA
TCLEGALKIKEITYMHSEGILAGELKHGPLALVDKLMPVIMIIMRDHTYAKCQNALQQVVARQGRPVVICDKEDTETIKN
TKRTIKVPHSVDCLQGILSVIPLQLLAFHLAVLRGYDVDFPRNLAKSVTVE
;
A
2 'polypeptide(L)'
;MCGIFAYLNYHVPRTRREILETLIKGLQRLEYRGYDSAGVGFDGGNDKDWEANACKIQLIKKKGKVKALDEEVHKQQDMD
LDIEFDVHLGIAHTRWATHGEPSPVNSHPQRSDKNNEFIVIHNGIITNYKDLKKFLESKGYDFESETDTETIAKLVKYMY
DNRESQDTSFTTLVERVIQQLEGAFALVFKSVHFPGQAVGTRRGSPLLIGVRSEHKLSTDHIPILYRTGKDKKGSCNLSR
VDSTTCLFPVEEKAVEYYFASDASAVIEHTNRVIFLEDDDVAAVVDGRLSIHRIKRTAGHHHHHHDHPGRAVQTLQMELQ
QIMKGNFSSFMQKEIFEQPESVVNTMRGRVNFDDYTVNLGGLKDHIKEIQRCRRLILIACGTSYHAGVATRQVLEELTEL
PVMVELASDFRDRNTPVFRDDVCFFLSQSGETADTLMGLRYCKERGALTVGITNTVGSSISRETDCGVHINAGPEIGVAS
TKAYTSQFVSLVMFALMMCDDRISMQERRKEIMLGLKRLPDLIKEVLSMDDEIQKLATELYHQKSVLIMGRGYHYATCLE
GALKIKEITYMHSEGILAGELKHGPLALVDKLMPVIMIIMRDHTYAKCQNALQQVVARQGRPVVICDKEDTETIKNTKRT
IKVPHSVDCLQGILSVIPLQLLAFHLAVLRGYDVDFPRNLAKSVTVE
;
B
#
loop_
_chem_comp.id
_chem_comp.type
_chem_comp.name
_chem_comp.formula
G6Q non-polymer GLUCOSE-6-PHOSPHATE 'C6 H13 O9 P'
#
# COMPACT_ATOMS: atom_id res chain seq x y z
N CYS A 2 -20.44 24.53 -9.00
CA CYS A 2 -19.07 24.02 -9.12
C CYS A 2 -18.12 25.15 -9.47
N GLY A 3 -18.55 26.03 -10.38
CA GLY A 3 -17.78 27.20 -10.76
C GLY A 3 -18.58 28.48 -10.62
N ILE A 4 -18.01 29.47 -9.94
CA ILE A 4 -18.68 30.74 -9.68
C ILE A 4 -17.86 31.85 -10.33
N PHE A 5 -18.54 32.83 -10.91
CA PHE A 5 -17.88 34.00 -11.46
C PHE A 5 -18.89 35.15 -11.54
N ALA A 6 -18.53 36.29 -10.99
CA ALA A 6 -19.33 37.50 -11.10
C ALA A 6 -18.42 38.67 -11.43
N TYR A 7 -18.90 39.56 -12.30
CA TYR A 7 -18.14 40.71 -12.77
C TYR A 7 -18.93 41.98 -12.49
N LEU A 8 -18.36 42.87 -11.69
CA LEU A 8 -19.01 44.11 -11.29
C LEU A 8 -18.17 45.27 -11.82
N ASN A 9 -18.71 45.96 -12.82
CA ASN A 9 -18.08 47.17 -13.35
C ASN A 9 -18.77 48.38 -12.70
N TYR A 10 -18.01 49.16 -11.95
CA TYR A 10 -18.54 50.32 -11.23
C TYR A 10 -17.92 51.57 -11.84
N HIS A 11 -18.74 52.35 -12.55
CA HIS A 11 -18.28 53.55 -13.27
C HIS A 11 -17.14 53.20 -14.22
N VAL A 12 -17.17 51.98 -14.75
CA VAL A 12 -16.35 51.58 -15.89
C VAL A 12 -17.32 51.18 -16.99
N PRO A 13 -17.68 52.09 -17.90
CA PRO A 13 -18.74 51.77 -18.86
C PRO A 13 -18.45 50.52 -19.66
N ARG A 14 -19.44 49.63 -19.70
CA ARG A 14 -19.38 48.41 -20.50
C ARG A 14 -20.73 48.19 -21.16
N THR A 15 -20.72 47.75 -22.41
CA THR A 15 -21.96 47.36 -23.06
C THR A 15 -22.43 46.02 -22.53
N ARG A 16 -23.70 45.72 -22.79
CA ARG A 16 -24.25 44.42 -22.40
C ARG A 16 -23.47 43.28 -23.05
N ARG A 17 -23.08 43.46 -24.32
CA ARG A 17 -22.26 42.45 -24.99
C ARG A 17 -20.96 42.22 -24.23
N GLU A 18 -20.26 43.31 -23.89
CA GLU A 18 -18.98 43.18 -23.20
C GLU A 18 -19.16 42.47 -21.85
N ILE A 19 -20.25 42.77 -21.14
CA ILE A 19 -20.49 42.11 -19.86
C ILE A 19 -20.73 40.62 -20.07
N LEU A 20 -21.60 40.27 -21.02
CA LEU A 20 -21.91 38.86 -21.26
C LEU A 20 -20.70 38.10 -21.74
N GLU A 21 -19.90 38.71 -22.64
CA GLU A 21 -18.67 38.06 -23.08
C GLU A 21 -17.73 37.83 -21.91
N THR A 22 -17.70 38.76 -20.95
CA THR A 22 -16.86 38.59 -19.78
C THR A 22 -17.34 37.42 -18.92
N LEU A 23 -18.65 37.31 -18.73
CA LEU A 23 -19.19 36.21 -17.93
C LEU A 23 -18.88 34.87 -18.58
N ILE A 24 -19.16 34.74 -19.88
CA ILE A 24 -18.88 33.49 -20.58
C ILE A 24 -17.41 33.13 -20.46
N LYS A 25 -16.53 34.11 -20.70
CA LYS A 25 -15.10 33.84 -20.63
C LYS A 25 -14.70 33.36 -19.24
N GLY A 26 -15.34 33.90 -18.19
CA GLY A 26 -15.05 33.44 -16.85
C GLY A 26 -15.37 31.97 -16.65
N LEU A 27 -16.54 31.54 -17.15
CA LEU A 27 -16.93 30.14 -17.01
C LEU A 27 -16.02 29.22 -17.81
N GLN A 28 -15.47 29.71 -18.93
CA GLN A 28 -14.58 28.89 -19.73
C GLN A 28 -13.33 28.50 -18.94
N ARG A 29 -12.90 29.37 -18.02
CA ARG A 29 -11.76 29.04 -17.15
C ARG A 29 -12.13 28.04 -16.07
N LEU A 30 -13.42 27.77 -15.88
CA LEU A 30 -13.90 26.89 -14.82
C LEU A 30 -14.44 25.57 -15.35
N GLU A 31 -14.41 25.35 -16.67
CA GLU A 31 -14.96 24.11 -17.22
C GLU A 31 -14.12 22.90 -16.84
N TYR A 32 -12.81 23.08 -16.65
CA TYR A 32 -11.93 21.94 -16.41
C TYR A 32 -12.32 21.17 -15.15
N ARG A 33 -13.10 21.78 -14.26
CA ARG A 33 -13.57 21.08 -13.07
C ARG A 33 -14.70 20.11 -13.35
N GLY A 34 -15.31 20.18 -14.53
CA GLY A 34 -16.46 19.35 -14.83
C GLY A 34 -17.76 20.00 -14.41
N TYR A 35 -18.80 19.76 -15.19
CA TYR A 35 -20.11 20.36 -14.95
C TYR A 35 -21.11 19.75 -15.92
N ASP A 36 -22.38 20.08 -15.71
CA ASP A 36 -23.47 19.60 -16.56
C ASP A 36 -24.40 20.71 -17.04
N SER A 37 -24.26 21.93 -16.54
CA SER A 37 -25.15 23.02 -16.91
C SER A 37 -24.54 24.33 -16.42
N ALA A 38 -24.93 25.42 -17.06
CA ALA A 38 -24.43 26.74 -16.71
C ALA A 38 -25.51 27.78 -16.97
N GLY A 39 -25.33 28.95 -16.37
CA GLY A 39 -26.26 30.04 -16.54
C GLY A 39 -25.65 31.36 -16.12
N VAL A 40 -26.34 32.44 -16.49
CA VAL A 40 -25.89 33.80 -16.18
C VAL A 40 -27.09 34.61 -15.71
N GLY A 41 -26.79 35.64 -14.91
CA GLY A 41 -27.79 36.58 -14.45
C GLY A 41 -27.33 38.01 -14.64
N PHE A 42 -28.17 38.84 -15.25
CA PHE A 42 -27.79 40.20 -15.60
C PHE A 42 -29.04 41.06 -15.68
N ASP A 43 -28.81 42.38 -15.73
CA ASP A 43 -29.92 43.32 -15.83
C ASP A 43 -30.52 43.31 -17.22
N GLY A 44 -31.83 43.13 -17.30
CA GLY A 44 -32.56 43.17 -18.55
C GLY A 44 -32.98 44.57 -18.92
N GLY A 45 -34.05 44.66 -19.70
CA GLY A 45 -34.54 45.96 -20.14
C GLY A 45 -33.64 46.58 -21.19
N ASN A 46 -34.24 47.34 -22.12
CA ASN A 46 -33.50 47.94 -23.22
C ASN A 46 -33.64 49.47 -23.22
N ASP A 47 -33.86 50.06 -22.05
CA ASP A 47 -33.87 51.51 -21.94
C ASP A 47 -32.45 52.03 -22.08
N LYS A 48 -32.27 53.00 -23.00
CA LYS A 48 -30.93 53.49 -23.29
C LYS A 48 -30.21 54.00 -22.04
N ASP A 49 -30.97 54.46 -21.04
CA ASP A 49 -30.39 54.89 -19.78
C ASP A 49 -30.25 53.68 -18.86
N TRP A 50 -29.00 53.32 -18.55
CA TRP A 50 -28.74 52.13 -17.76
C TRP A 50 -29.39 52.19 -16.38
N GLU A 51 -29.72 53.39 -15.90
CA GLU A 51 -30.21 53.53 -14.53
C GLU A 51 -31.62 52.99 -14.38
N ALA A 52 -32.44 53.05 -15.43
CA ALA A 52 -33.82 52.58 -15.36
C ALA A 52 -33.95 51.08 -15.58
N ASN A 53 -32.89 50.41 -16.00
CA ASN A 53 -32.93 48.97 -16.24
C ASN A 53 -32.48 48.14 -15.04
N ALA A 54 -32.15 48.79 -13.92
CA ALA A 54 -31.65 48.08 -12.75
C ALA A 54 -32.74 47.39 -11.96
N CYS A 55 -33.98 47.39 -12.44
CA CYS A 55 -35.09 46.74 -11.77
C CYS A 55 -35.61 45.53 -12.53
N LYS A 56 -34.85 45.02 -13.49
CA LYS A 56 -35.29 43.92 -14.35
C LYS A 56 -34.12 42.96 -14.50
N ILE A 57 -34.13 41.89 -13.72
CA ILE A 57 -33.06 40.88 -13.76
C ILE A 57 -33.45 39.82 -14.77
N GLN A 58 -32.59 39.63 -15.78
CA GLN A 58 -32.78 38.61 -16.79
C GLN A 58 -31.88 37.41 -16.50
N LEU A 59 -32.40 36.22 -16.73
CA LEU A 59 -31.65 34.98 -16.52
C LEU A 59 -31.59 34.19 -17.82
N ILE A 60 -30.43 33.58 -18.06
CA ILE A 60 -30.29 32.64 -19.17
C ILE A 60 -29.54 31.42 -18.66
N LYS A 61 -30.28 30.34 -18.39
CA LYS A 61 -29.73 29.10 -17.88
C LYS A 61 -30.05 27.98 -18.85
N LYS A 62 -29.16 27.00 -18.92
CA LYS A 62 -29.28 25.95 -19.91
C LYS A 62 -28.48 24.73 -19.47
N LYS A 63 -29.00 23.56 -19.80
CA LYS A 63 -28.27 22.31 -19.56
C LYS A 63 -27.32 22.06 -20.72
N GLY A 64 -26.07 21.75 -20.39
CA GLY A 64 -25.07 21.48 -21.41
C GLY A 64 -23.77 22.19 -21.14
N LYS A 65 -23.00 22.45 -22.19
CA LYS A 65 -21.70 23.07 -22.07
C LYS A 65 -21.82 24.59 -22.23
N VAL A 66 -20.79 25.29 -21.77
CA VAL A 66 -20.79 26.76 -21.79
C VAL A 66 -20.95 27.26 -23.22
N LYS A 67 -20.35 26.56 -24.19
CA LYS A 67 -20.48 26.97 -25.59
C LYS A 67 -21.94 27.10 -25.98
N ALA A 68 -22.77 26.12 -25.60
CA ALA A 68 -24.19 26.20 -25.90
C ALA A 68 -24.84 27.39 -25.23
N LEU A 69 -24.40 27.72 -24.01
CA LEU A 69 -24.92 28.90 -23.32
C LEU A 69 -24.60 30.16 -24.11
N ASP A 70 -23.35 30.29 -24.56
CA ASP A 70 -22.97 31.48 -25.33
C ASP A 70 -23.82 31.63 -26.58
N GLU A 71 -24.14 30.51 -27.24
CA GLU A 71 -25.01 30.59 -28.41
C GLU A 71 -26.41 31.06 -28.03
N GLU A 72 -26.93 30.61 -26.89
CA GLU A 72 -28.23 31.06 -26.43
C GLU A 72 -28.21 32.54 -26.07
N VAL A 73 -27.08 33.04 -25.57
CA VAL A 73 -26.98 34.45 -25.19
C VAL A 73 -27.20 35.34 -26.40
N HIS A 74 -26.37 35.19 -27.43
CA HIS A 74 -26.50 36.00 -28.64
C HIS A 74 -27.73 35.63 -29.46
N LYS A 75 -28.46 34.58 -29.08
CA LYS A 75 -29.67 34.18 -29.78
C LYS A 75 -30.92 34.67 -29.03
N GLN A 76 -31.01 35.98 -28.90
CA GLN A 76 -32.11 36.63 -28.19
C GLN A 76 -32.60 37.81 -29.04
N GLN A 77 -33.77 37.64 -29.64
CA GLN A 77 -34.31 38.68 -30.51
C GLN A 77 -34.74 39.91 -29.73
N ASP A 78 -35.20 39.72 -28.49
CA ASP A 78 -35.75 40.80 -27.68
C ASP A 78 -34.72 41.40 -26.73
N MET A 79 -33.43 41.29 -27.06
CA MET A 79 -32.36 41.78 -26.20
C MET A 79 -31.39 42.61 -27.02
N ASP A 80 -31.15 43.84 -26.58
CA ASP A 80 -30.22 44.76 -27.23
C ASP A 80 -28.90 44.73 -26.48
N LEU A 81 -27.85 44.28 -27.16
CA LEU A 81 -26.54 44.11 -26.54
C LEU A 81 -25.73 45.40 -26.52
N ASP A 82 -26.25 46.50 -27.08
CA ASP A 82 -25.48 47.72 -27.22
C ASP A 82 -25.69 48.71 -26.08
N ILE A 83 -26.65 48.46 -25.18
CA ILE A 83 -26.86 49.37 -24.06
C ILE A 83 -25.59 49.44 -23.23
N GLU A 84 -25.17 50.66 -22.88
CA GLU A 84 -23.99 50.89 -22.08
C GLU A 84 -24.38 51.04 -20.62
N PHE A 85 -23.76 50.25 -19.75
CA PHE A 85 -24.00 50.30 -18.32
C PHE A 85 -22.79 50.94 -17.64
N ASP A 86 -22.99 52.09 -17.01
CA ASP A 86 -21.93 52.67 -16.19
C ASP A 86 -21.70 51.83 -14.94
N VAL A 87 -22.77 51.28 -14.36
CA VAL A 87 -22.69 50.37 -13.22
C VAL A 87 -23.51 49.14 -13.54
N HIS A 88 -22.96 47.96 -13.22
CA HIS A 88 -23.68 46.73 -13.50
C HIS A 88 -23.01 45.57 -12.77
N LEU A 89 -23.82 44.60 -12.36
CA LEU A 89 -23.34 43.36 -11.77
C LEU A 89 -23.91 42.20 -12.56
N GLY A 90 -23.02 41.33 -13.03
CA GLY A 90 -23.42 40.10 -13.70
C GLY A 90 -22.81 38.91 -13.01
N ILE A 91 -23.58 37.82 -12.89
CA ILE A 91 -23.13 36.63 -12.20
C ILE A 91 -23.30 35.43 -13.12
N ALA A 92 -22.39 34.46 -12.98
CA ALA A 92 -22.35 33.29 -13.84
C ALA A 92 -22.03 32.06 -13.00
N HIS A 93 -22.41 30.89 -13.51
CA HIS A 93 -22.28 29.68 -12.73
C HIS A 93 -22.21 28.46 -13.65
N THR A 94 -21.36 27.51 -13.30
CA THR A 94 -21.34 26.18 -13.86
C THR A 94 -21.70 25.19 -12.75
N ARG A 95 -22.65 24.31 -13.04
CA ARG A 95 -23.24 23.44 -12.03
C ARG A 95 -22.75 22.01 -12.17
N TRP A 96 -22.46 21.38 -11.05
CA TRP A 96 -22.27 19.94 -10.96
C TRP A 96 -23.41 19.41 -10.10
N ALA A 97 -24.42 18.84 -10.75
CA ALA A 97 -25.68 18.52 -10.08
C ALA A 97 -25.46 17.61 -8.89
N THR A 98 -26.19 17.89 -7.80
CA THR A 98 -26.21 17.04 -6.62
C THR A 98 -27.65 16.82 -6.18
N HIS A 99 -28.44 17.88 -6.15
CA HIS A 99 -29.86 17.82 -5.82
C HIS A 99 -30.67 18.32 -7.00
N GLY A 100 -31.47 17.44 -7.60
CA GLY A 100 -32.19 17.76 -8.81
C GLY A 100 -31.38 17.43 -10.05
N GLU A 101 -32.03 16.79 -11.02
CA GLU A 101 -31.32 16.37 -12.22
C GLU A 101 -30.89 17.60 -13.04
N PRO A 102 -29.88 17.46 -13.90
CA PRO A 102 -29.51 18.57 -14.77
C PRO A 102 -30.68 18.99 -15.65
N SER A 103 -30.95 20.29 -15.67
CA SER A 103 -32.05 20.84 -16.45
C SER A 103 -31.97 22.37 -16.36
N PRO A 104 -32.66 23.08 -17.25
CA PRO A 104 -32.66 24.54 -17.17
C PRO A 104 -33.19 25.07 -15.84
N VAL A 105 -34.24 24.44 -15.29
CA VAL A 105 -34.83 24.93 -14.05
C VAL A 105 -33.88 24.70 -12.88
N ASN A 106 -33.24 23.54 -12.83
CA ASN A 106 -32.31 23.22 -11.76
C ASN A 106 -30.95 23.89 -11.93
N SER A 107 -30.76 24.67 -12.99
CA SER A 107 -29.51 25.38 -13.19
C SER A 107 -29.51 26.69 -12.42
N HIS A 108 -28.31 27.23 -12.21
CA HIS A 108 -28.14 28.50 -11.52
C HIS A 108 -28.03 29.63 -12.53
N PRO A 109 -28.34 30.87 -12.14
CA PRO A 109 -28.75 31.32 -10.79
C PRO A 109 -30.17 30.89 -10.40
N GLN A 110 -30.36 30.53 -9.14
CA GLN A 110 -31.69 30.30 -8.61
C GLN A 110 -32.32 31.62 -8.21
N ARG A 111 -33.63 31.74 -8.41
CA ARG A 111 -34.35 32.98 -8.18
C ARG A 111 -35.28 32.84 -6.97
N SER A 112 -35.64 33.98 -6.40
CA SER A 112 -36.52 34.03 -5.25
C SER A 112 -38.00 34.08 -5.62
N ASP A 113 -38.32 34.45 -6.85
CA ASP A 113 -39.72 34.56 -7.28
C ASP A 113 -39.74 34.77 -8.79
N LYS A 114 -40.95 34.80 -9.35
CA LYS A 114 -41.11 34.94 -10.80
C LYS A 114 -40.63 36.28 -11.33
N ASN A 115 -40.43 37.26 -10.46
CA ASN A 115 -39.94 38.57 -10.87
C ASN A 115 -38.44 38.74 -10.65
N ASN A 116 -37.76 37.72 -10.11
CA ASN A 116 -36.31 37.74 -9.94
C ASN A 116 -35.88 38.91 -9.05
N GLU A 117 -36.55 39.05 -7.91
CA GLU A 117 -36.14 40.06 -6.94
C GLU A 117 -34.79 39.73 -6.33
N PHE A 118 -34.50 38.44 -6.16
CA PHE A 118 -33.20 37.99 -5.66
C PHE A 118 -32.77 36.78 -6.47
N ILE A 119 -31.48 36.73 -6.81
CA ILE A 119 -30.89 35.56 -7.46
C ILE A 119 -29.57 35.25 -6.77
N VAL A 120 -29.16 33.99 -6.85
CA VAL A 120 -27.96 33.52 -6.17
C VAL A 120 -27.35 32.37 -6.96
N ILE A 121 -26.02 32.31 -6.96
CA ILE A 121 -25.27 31.17 -7.49
C ILE A 121 -24.54 30.52 -6.34
N HIS A 122 -24.45 29.19 -6.37
CA HIS A 122 -24.05 28.41 -5.20
C HIS A 122 -23.13 27.27 -5.60
N ASN A 123 -22.02 27.13 -4.87
CA ASN A 123 -21.15 25.97 -4.95
C ASN A 123 -21.25 25.21 -3.63
N GLY A 124 -21.66 23.95 -3.70
CA GLY A 124 -21.74 23.13 -2.51
C GLY A 124 -23.11 22.53 -2.26
N ILE A 125 -23.40 22.21 -1.00
CA ILE A 125 -24.64 21.54 -0.63
C ILE A 125 -25.12 22.12 0.70
N ILE A 126 -26.42 22.42 0.78
CA ILE A 126 -27.06 22.86 2.02
C ILE A 126 -27.68 21.63 2.66
N THR A 127 -27.14 21.21 3.80
CA THR A 127 -27.56 19.96 4.42
C THR A 127 -29.02 20.02 4.87
N ASN A 128 -29.40 21.10 5.56
CA ASN A 128 -30.75 21.23 6.10
C ASN A 128 -31.73 21.83 5.10
N TYR A 129 -31.51 21.63 3.80
CA TYR A 129 -32.40 22.19 2.81
C TYR A 129 -33.81 21.62 2.90
N LYS A 130 -33.96 20.43 3.48
CA LYS A 130 -35.30 19.86 3.68
C LYS A 130 -36.09 20.70 4.68
N ASP A 131 -35.55 20.90 5.87
CA ASP A 131 -36.25 21.68 6.89
C ASP A 131 -36.54 23.09 6.39
N LEU A 132 -35.58 23.71 5.71
CA LEU A 132 -35.76 25.08 5.24
C LEU A 132 -36.87 25.17 4.21
N LYS A 133 -36.98 24.19 3.32
CA LYS A 133 -38.03 24.22 2.31
C LYS A 133 -39.41 24.14 2.95
N LYS A 134 -39.57 23.26 3.95
CA LYS A 134 -40.85 23.16 4.64
C LYS A 134 -41.23 24.48 5.28
N PHE A 135 -40.27 25.15 5.92
CA PHE A 135 -40.57 26.40 6.61
C PHE A 135 -41.03 27.47 5.63
N LEU A 136 -40.29 27.66 4.54
CA LEU A 136 -40.63 28.70 3.57
C LEU A 136 -41.95 28.39 2.88
N GLU A 137 -42.29 27.12 2.71
CA GLU A 137 -43.57 26.76 2.11
C GLU A 137 -44.73 27.09 3.06
N SER A 138 -44.54 26.87 4.36
CA SER A 138 -45.58 27.21 5.32
C SER A 138 -45.79 28.72 5.41
N LYS A 139 -44.75 29.50 5.12
CA LYS A 139 -44.87 30.96 5.09
C LYS A 139 -45.39 31.50 3.77
N GLY A 140 -45.64 30.62 2.79
CA GLY A 140 -46.24 31.05 1.53
C GLY A 140 -45.24 31.31 0.43
N TYR A 141 -44.23 30.45 0.31
CA TYR A 141 -43.25 30.53 -0.76
C TYR A 141 -43.27 29.22 -1.54
N ASP A 142 -43.53 29.31 -2.84
CA ASP A 142 -43.63 28.14 -3.69
C ASP A 142 -42.31 27.89 -4.40
N PHE A 143 -41.85 26.65 -4.36
CA PHE A 143 -40.58 26.25 -4.96
C PHE A 143 -40.83 25.63 -6.33
N GLU A 144 -39.91 25.88 -7.26
CA GLU A 144 -40.04 25.41 -8.63
C GLU A 144 -38.93 24.48 -9.05
N SER A 145 -37.96 24.19 -8.18
CA SER A 145 -36.84 23.33 -8.52
C SER A 145 -36.63 22.30 -7.42
N GLU A 146 -35.87 21.25 -7.75
CA GLU A 146 -35.48 20.23 -6.80
C GLU A 146 -34.10 20.49 -6.21
N THR A 147 -33.55 21.68 -6.41
CA THR A 147 -32.21 22.00 -5.92
C THR A 147 -32.28 22.53 -4.50
N ASP A 148 -31.30 22.14 -3.68
CA ASP A 148 -31.15 22.74 -2.37
C ASP A 148 -30.88 24.23 -2.46
N THR A 149 -30.35 24.70 -3.59
CA THR A 149 -29.97 26.10 -3.73
C THR A 149 -31.17 27.02 -3.67
N GLU A 150 -32.31 26.58 -4.19
CA GLU A 150 -33.48 27.47 -4.26
C GLU A 150 -33.91 27.95 -2.89
N THR A 151 -33.69 27.14 -1.85
CA THR A 151 -34.01 27.57 -0.49
C THR A 151 -33.25 28.82 -0.10
N ILE A 152 -32.04 29.00 -0.65
CA ILE A 152 -31.26 30.19 -0.36
C ILE A 152 -31.92 31.41 -0.97
N ALA A 153 -32.34 31.31 -2.23
CA ALA A 153 -32.99 32.43 -2.89
C ALA A 153 -34.31 32.77 -2.23
N LYS A 154 -35.07 31.76 -1.82
CA LYS A 154 -36.35 32.01 -1.17
C LYS A 154 -36.16 32.54 0.25
N LEU A 155 -35.10 32.13 0.94
CA LEU A 155 -34.91 32.54 2.32
C LEU A 155 -34.45 33.99 2.41
N VAL A 156 -33.63 34.44 1.47
CA VAL A 156 -33.16 35.83 1.52
C VAL A 156 -34.32 36.78 1.27
N LYS A 157 -35.30 36.38 0.46
CA LYS A 157 -36.49 37.20 0.27
C LYS A 157 -37.37 37.17 1.51
N TYR A 158 -37.35 36.07 2.26
CA TYR A 158 -38.08 36.02 3.52
C TYR A 158 -37.54 37.03 4.51
N MET A 159 -36.21 37.12 4.63
CA MET A 159 -35.61 38.12 5.50
C MET A 159 -35.90 39.53 5.01
N TYR A 160 -35.83 39.74 3.69
CA TYR A 160 -36.18 41.04 3.13
C TYR A 160 -37.65 41.38 3.39
N ASP A 161 -38.54 40.41 3.15
CA ASP A 161 -39.96 40.65 3.38
C ASP A 161 -40.26 40.93 4.84
N ASN A 162 -39.44 40.42 5.76
CA ASN A 162 -39.63 40.61 7.19
C ASN A 162 -38.57 41.51 7.81
N ARG A 163 -38.03 42.43 7.02
CA ARG A 163 -37.04 43.38 7.54
C ARG A 163 -37.72 44.42 8.42
N GLU A 164 -36.99 44.88 9.44
CA GLU A 164 -37.56 45.79 10.42
C GLU A 164 -37.62 47.22 9.91
N SER A 165 -36.59 47.66 9.18
CA SER A 165 -36.54 49.00 8.62
C SER A 165 -36.46 48.91 7.10
N GLN A 166 -36.89 49.99 6.44
CA GLN A 166 -36.91 50.02 4.99
C GLN A 166 -35.50 50.02 4.39
N ASP A 167 -34.48 50.31 5.19
CA ASP A 167 -33.12 50.47 4.70
C ASP A 167 -32.16 49.49 5.37
N THR A 168 -32.63 48.27 5.64
CA THR A 168 -31.74 47.23 6.13
C THR A 168 -30.78 46.83 5.02
N SER A 169 -29.51 46.64 5.38
CA SER A 169 -28.46 46.44 4.39
C SER A 169 -28.57 45.05 3.76
N PHE A 170 -28.12 44.95 2.51
CA PHE A 170 -28.02 43.67 1.85
C PHE A 170 -27.20 42.70 2.69
N THR A 171 -26.14 43.19 3.33
CA THR A 171 -25.31 42.35 4.19
C THR A 171 -26.14 41.73 5.31
N THR A 172 -26.91 42.56 6.02
CA THR A 172 -27.70 42.06 7.13
C THR A 172 -28.61 40.92 6.68
N LEU A 173 -29.25 41.07 5.52
CA LEU A 173 -30.11 40.02 5.00
C LEU A 173 -29.33 38.72 4.81
N VAL A 174 -28.18 38.80 4.17
CA VAL A 174 -27.38 37.60 3.91
C VAL A 174 -26.86 37.01 5.21
N GLU A 175 -26.48 37.86 6.16
CA GLU A 175 -26.06 37.35 7.47
C GLU A 175 -27.14 36.48 8.09
N ARG A 176 -28.38 36.93 8.04
CA ARG A 176 -29.49 36.17 8.60
C ARG A 176 -29.78 34.90 7.79
N VAL A 177 -29.41 34.87 6.52
CA VAL A 177 -29.60 33.68 5.71
C VAL A 177 -28.59 32.61 6.09
N ILE A 178 -27.31 32.96 6.11
CA ILE A 178 -26.28 31.97 6.39
C ILE A 178 -26.39 31.45 7.82
N GLN A 179 -26.86 32.29 8.75
CA GLN A 179 -27.08 31.83 10.12
C GLN A 179 -28.15 30.75 10.20
N GLN A 180 -28.94 30.55 9.15
CA GLN A 180 -29.94 29.49 9.11
C GLN A 180 -29.53 28.33 8.19
N LEU A 181 -28.42 28.46 7.46
CA LEU A 181 -27.97 27.42 6.57
C LEU A 181 -27.03 26.45 7.29
N GLU A 182 -26.99 25.22 6.80
CA GLU A 182 -26.09 24.20 7.33
C GLU A 182 -25.44 23.46 6.17
N GLY A 183 -24.13 23.25 6.27
CA GLY A 183 -23.38 22.54 5.24
C GLY A 183 -22.24 23.38 4.72
N ALA A 184 -21.96 23.21 3.42
CA ALA A 184 -20.89 23.92 2.75
C ALA A 184 -21.46 24.75 1.62
N PHE A 185 -20.93 25.96 1.44
CA PHE A 185 -21.46 26.84 0.41
C PHE A 185 -20.48 27.96 0.11
N ALA A 186 -20.48 28.40 -1.15
CA ALA A 186 -19.93 29.68 -1.55
C ALA A 186 -21.00 30.36 -2.40
N LEU A 187 -21.33 31.60 -2.08
CA LEU A 187 -22.51 32.25 -2.63
C LEU A 187 -22.17 33.65 -3.14
N VAL A 188 -22.91 34.04 -4.19
CA VAL A 188 -22.90 35.42 -4.69
C VAL A 188 -24.35 35.82 -4.91
N PHE A 189 -24.77 36.92 -4.31
CA PHE A 189 -26.15 37.38 -4.36
C PHE A 189 -26.28 38.60 -5.25
N LYS A 190 -27.46 38.76 -5.84
CA LYS A 190 -27.81 39.95 -6.60
C LYS A 190 -29.30 40.19 -6.44
N SER A 191 -29.70 41.46 -6.39
CA SER A 191 -31.10 41.80 -6.14
C SER A 191 -31.44 43.13 -6.82
N VAL A 192 -32.71 43.26 -7.19
CA VAL A 192 -33.20 44.52 -7.74
C VAL A 192 -33.30 45.58 -6.66
N HIS A 193 -33.51 45.17 -5.41
CA HIS A 193 -33.62 46.11 -4.30
C HIS A 193 -32.28 46.67 -3.87
N PHE A 194 -31.17 46.17 -4.43
CA PHE A 194 -29.83 46.67 -4.13
C PHE A 194 -29.06 46.79 -5.43
N PRO A 195 -29.49 47.66 -6.33
CA PRO A 195 -28.90 47.69 -7.69
C PRO A 195 -27.42 48.03 -7.65
N GLY A 196 -26.64 47.27 -8.41
CA GLY A 196 -25.20 47.46 -8.49
C GLY A 196 -24.42 46.86 -7.34
N GLN A 197 -25.09 46.37 -6.31
CA GLN A 197 -24.40 45.81 -5.16
C GLN A 197 -24.24 44.30 -5.30
N ALA A 198 -23.19 43.77 -4.67
CA ALA A 198 -22.92 42.35 -4.66
C ALA A 198 -22.59 41.93 -3.23
N VAL A 199 -23.01 40.72 -2.86
CA VAL A 199 -22.66 40.13 -1.57
C VAL A 199 -22.12 38.74 -1.83
N GLY A 200 -20.94 38.46 -1.29
CA GLY A 200 -20.34 37.14 -1.37
C GLY A 200 -20.05 36.61 0.02
N THR A 201 -20.24 35.29 0.19
CA THR A 201 -19.99 34.65 1.47
C THR A 201 -19.69 33.19 1.23
N ARG A 202 -18.92 32.59 2.13
CA ARG A 202 -18.52 31.20 1.99
C ARG A 202 -18.49 30.52 3.35
N ARG A 203 -18.62 29.19 3.31
CA ARG A 203 -18.39 28.35 4.48
C ARG A 203 -17.99 26.98 3.94
N GLY A 204 -16.69 26.67 4.03
CA GLY A 204 -16.20 25.40 3.52
C GLY A 204 -16.16 25.30 2.02
N SER A 205 -16.04 26.43 1.31
CA SER A 205 -15.95 26.41 -0.13
C SER A 205 -15.22 27.69 -0.58
N PRO A 206 -14.24 27.59 -1.47
CA PRO A 206 -13.42 28.77 -1.80
C PRO A 206 -14.23 29.87 -2.47
N LEU A 207 -13.94 31.11 -2.09
CA LEU A 207 -14.49 32.28 -2.75
C LEU A 207 -13.49 33.42 -2.60
N LEU A 208 -13.08 34.01 -3.72
CA LEU A 208 -12.12 35.10 -3.73
C LEU A 208 -12.69 36.25 -4.55
N ILE A 209 -12.06 37.42 -4.40
CA ILE A 209 -12.48 38.63 -5.10
C ILE A 209 -11.25 39.26 -5.72
N GLY A 210 -11.27 39.41 -7.04
CA GLY A 210 -10.26 40.19 -7.73
C GLY A 210 -10.71 41.64 -7.87
N VAL A 211 -9.73 42.54 -7.93
CA VAL A 211 -10.00 43.97 -7.99
C VAL A 211 -9.07 44.61 -9.01
N ARG A 212 -9.60 45.57 -9.77
CA ARG A 212 -8.80 46.31 -10.74
C ARG A 212 -9.32 47.75 -10.81
N SER A 213 -8.38 48.69 -10.91
CA SER A 213 -8.73 50.09 -11.06
C SER A 213 -7.49 50.84 -11.51
N GLU A 214 -7.68 51.77 -12.43
CA GLU A 214 -6.56 52.62 -12.83
C GLU A 214 -6.17 53.63 -11.76
N HIS A 215 -6.91 53.69 -10.66
CA HIS A 215 -6.67 54.65 -9.59
C HIS A 215 -6.11 53.94 -8.36
N LYS A 216 -5.49 54.73 -7.49
CA LYS A 216 -4.96 54.19 -6.25
C LYS A 216 -6.08 53.63 -5.39
N LEU A 217 -5.82 52.50 -4.74
CA LEU A 217 -6.79 51.89 -3.84
C LEU A 217 -6.53 52.34 -2.41
N SER A 218 -7.59 52.39 -1.62
CA SER A 218 -7.52 52.96 -0.28
C SER A 218 -6.65 52.13 0.64
N THR A 219 -6.49 50.84 0.38
CA THR A 219 -5.76 49.97 1.29
C THR A 219 -5.46 48.65 0.59
N ASP A 220 -4.49 47.92 1.16
CA ASP A 220 -4.22 46.54 0.78
C ASP A 220 -4.55 45.56 1.90
N HIS A 221 -5.26 46.03 2.93
CA HIS A 221 -5.64 45.19 4.08
C HIS A 221 -7.03 45.64 4.51
N ILE A 222 -8.05 44.87 4.15
CA ILE A 222 -9.44 45.21 4.46
C ILE A 222 -9.73 44.81 5.90
N PRO A 223 -10.09 45.74 6.78
CA PRO A 223 -10.44 45.36 8.15
C PRO A 223 -11.83 44.75 8.23
N ILE A 224 -11.97 43.81 9.16
CA ILE A 224 -13.26 43.16 9.39
C ILE A 224 -14.15 44.12 10.18
N LEU A 225 -15.44 44.10 9.86
CA LEU A 225 -16.44 44.90 10.55
C LEU A 225 -17.39 43.96 11.30
N TYR A 226 -17.57 44.22 12.59
CA TYR A 226 -18.39 43.37 13.45
C TYR A 226 -19.70 44.06 13.78
N ARG A 227 -20.73 43.26 14.02
CA ARG A 227 -22.05 43.78 14.34
C ARG A 227 -22.23 43.92 15.85
N VAL A 241 -17.91 50.65 7.00
CA VAL A 241 -18.86 51.70 7.34
C VAL A 241 -18.47 53.00 6.65
N ASP A 242 -17.28 53.51 6.97
CA ASP A 242 -16.81 54.75 6.38
C ASP A 242 -15.52 54.54 5.58
N SEP A 243 -14.93 55.62 5.11
CA SEP A 243 -13.80 55.58 4.19
CB SEP A 243 -13.44 57.00 3.74
OG SEP A 243 -14.53 57.61 3.08
C SEP A 243 -12.56 54.89 4.76
O SEP A 243 -11.68 54.49 4.01
P SEP A 243 -14.81 59.08 3.69
O1P SEP A 243 -16.07 59.74 2.95
O2P SEP A 243 -15.13 58.96 5.27
O3P SEP A 243 -13.50 60.01 3.48
H SEP A 243 -15.18 56.43 5.32
HA SEP A 243 -14.07 55.07 3.38
HB2 SEP A 243 -12.69 56.96 3.14
HB3 SEP A 243 -13.20 57.52 4.52
N THR A 244 -12.49 54.78 6.08
CA THR A 244 -11.31 54.21 6.72
C THR A 244 -11.46 52.71 7.00
N THR A 245 -12.49 52.09 6.41
CA THR A 245 -12.84 50.73 6.77
C THR A 245 -13.14 49.83 5.57
N CYS A 246 -12.92 50.28 4.35
CA CYS A 246 -13.25 49.47 3.18
C CYS A 246 -12.29 49.79 2.04
N LEU A 247 -12.40 49.01 0.98
CA LEU A 247 -11.55 49.11 -0.20
C LEU A 247 -12.29 49.86 -1.29
N PHE A 248 -11.61 50.81 -1.94
CA PHE A 248 -12.23 51.63 -2.97
C PHE A 248 -11.14 52.46 -3.64
N PRO A 249 -11.38 52.89 -4.88
CA PRO A 249 -10.45 53.85 -5.51
C PRO A 249 -10.55 55.21 -4.83
N VAL A 250 -9.39 55.82 -4.58
CA VAL A 250 -9.30 57.01 -3.74
C VAL A 250 -9.92 58.22 -4.44
N GLU A 251 -9.28 58.67 -5.53
CA GLU A 251 -9.62 59.94 -6.13
C GLU A 251 -10.78 59.87 -7.11
N GLU A 252 -11.13 58.68 -7.60
CA GLU A 252 -12.23 58.53 -8.55
C GLU A 252 -13.02 57.28 -8.21
N LYS A 253 -14.14 57.10 -8.91
CA LYS A 253 -15.06 56.00 -8.62
C LYS A 253 -14.74 54.72 -9.37
N ALA A 254 -14.11 54.83 -10.55
CA ALA A 254 -13.96 53.68 -11.44
C ALA A 254 -13.24 52.54 -10.75
N VAL A 255 -13.83 51.34 -10.85
CA VAL A 255 -13.23 50.14 -10.29
C VAL A 255 -13.97 48.94 -10.85
N GLU A 256 -13.31 47.78 -10.88
CA GLU A 256 -13.91 46.54 -11.33
C GLU A 256 -13.64 45.46 -10.28
N TYR A 257 -14.68 44.66 -9.99
CA TYR A 257 -14.58 43.56 -9.04
C TYR A 257 -14.87 42.25 -9.75
N TYR A 258 -14.17 41.20 -9.33
CA TYR A 258 -14.33 39.86 -9.90
C TYR A 258 -14.47 38.86 -8.76
N PHE A 259 -15.70 38.43 -8.49
CA PHE A 259 -15.92 37.29 -7.60
C PHE A 259 -15.68 36.00 -8.36
N ALA A 260 -15.04 35.04 -7.70
CA ALA A 260 -14.78 33.76 -8.35
C ALA A 260 -14.44 32.71 -7.30
N SER A 261 -14.79 31.47 -7.62
CA SER A 261 -14.43 30.31 -6.81
C SER A 261 -13.06 29.75 -7.17
N ASP A 262 -12.41 30.30 -8.19
CA ASP A 262 -11.12 29.82 -8.66
C ASP A 262 -10.38 30.99 -9.29
N ALA A 263 -9.12 31.19 -8.88
CA ALA A 263 -8.35 32.31 -9.41
C ALA A 263 -8.15 32.20 -10.93
N SER A 264 -8.37 31.02 -11.51
CA SER A 264 -8.15 30.87 -12.95
C SER A 264 -9.08 31.76 -13.76
N ALA A 265 -10.24 32.12 -13.21
CA ALA A 265 -11.19 32.98 -13.91
C ALA A 265 -10.91 34.46 -13.70
N VAL A 266 -9.93 34.81 -12.85
CA VAL A 266 -9.65 36.19 -12.52
C VAL A 266 -8.31 36.67 -13.07
N ILE A 267 -7.33 35.76 -13.22
CA ILE A 267 -5.95 36.19 -13.40
C ILE A 267 -5.75 36.99 -14.68
N GLU A 268 -6.59 36.76 -15.69
CA GLU A 268 -6.41 37.48 -16.95
C GLU A 268 -6.81 38.94 -16.83
N HIS A 269 -7.69 39.27 -15.88
CA HIS A 269 -8.11 40.65 -15.66
C HIS A 269 -7.25 41.35 -14.62
N THR A 270 -6.90 40.65 -13.55
CA THR A 270 -6.11 41.23 -12.47
C THR A 270 -5.44 40.12 -11.69
N ASN A 271 -4.36 40.48 -10.99
CA ASN A 271 -3.66 39.57 -10.10
C ASN A 271 -3.76 39.99 -8.64
N ARG A 272 -4.59 40.98 -8.33
CA ARG A 272 -4.83 41.43 -6.96
C ARG A 272 -6.15 40.82 -6.48
N VAL A 273 -6.07 39.93 -5.49
CA VAL A 273 -7.22 39.17 -5.05
C VAL A 273 -7.33 39.20 -3.54
N ILE A 274 -8.55 39.04 -3.04
CA ILE A 274 -8.83 38.88 -1.62
C ILE A 274 -9.44 37.49 -1.43
N PHE A 275 -8.82 36.67 -0.59
CA PHE A 275 -9.35 35.36 -0.26
C PHE A 275 -10.24 35.46 0.96
N LEU A 276 -11.53 35.19 0.80
CA LEU A 276 -12.45 35.21 1.92
C LEU A 276 -12.30 33.95 2.75
N GLU A 277 -12.71 34.05 4.01
CA GLU A 277 -12.65 32.94 4.96
C GLU A 277 -14.05 32.60 5.45
N ASP A 278 -14.16 31.48 6.15
CA ASP A 278 -15.46 30.97 6.58
C ASP A 278 -16.26 32.06 7.30
N ASP A 279 -17.50 32.24 6.86
CA ASP A 279 -18.47 33.14 7.47
C ASP A 279 -18.17 34.61 7.22
N ASP A 280 -17.20 34.92 6.36
CA ASP A 280 -17.05 36.29 5.88
C ASP A 280 -18.23 36.64 4.99
N VAL A 281 -18.70 37.88 5.12
CA VAL A 281 -19.74 38.41 4.25
C VAL A 281 -19.15 39.65 3.58
N ALA A 282 -18.72 39.50 2.33
CA ALA A 282 -18.14 40.60 1.57
C ALA A 282 -19.24 41.28 0.76
N ALA A 283 -19.29 42.61 0.85
CA ALA A 283 -20.33 43.38 0.19
C ALA A 283 -19.69 44.53 -0.59
N VAL A 284 -20.22 44.80 -1.77
CA VAL A 284 -19.86 45.96 -2.56
C VAL A 284 -21.06 46.89 -2.57
N VAL A 285 -20.92 48.04 -1.91
CA VAL A 285 -21.97 49.04 -1.83
C VAL A 285 -21.39 50.36 -2.31
N ASP A 286 -22.00 50.94 -3.34
CA ASP A 286 -21.52 52.19 -3.95
C ASP A 286 -20.08 52.02 -4.43
N GLY A 287 -19.77 50.85 -4.97
CA GLY A 287 -18.44 50.60 -5.51
C GLY A 287 -17.34 50.39 -4.49
N ARG A 288 -17.69 50.19 -3.22
CA ARG A 288 -16.72 50.02 -2.15
C ARG A 288 -16.90 48.64 -1.52
N LEU A 289 -15.79 47.93 -1.35
CA LEU A 289 -15.79 46.56 -0.86
C LEU A 289 -15.50 46.55 0.64
N SER A 290 -16.43 46.02 1.42
CA SER A 290 -16.25 45.83 2.85
C SER A 290 -16.50 44.37 3.20
N ILE A 291 -15.95 43.96 4.34
CA ILE A 291 -16.03 42.57 4.79
C ILE A 291 -16.56 42.57 6.22
N HIS A 292 -17.65 41.84 6.43
CA HIS A 292 -18.37 41.84 7.70
C HIS A 292 -18.24 40.48 8.39
N ARG A 293 -18.60 40.47 9.67
CA ARG A 293 -18.47 39.28 10.49
C ARG A 293 -19.35 39.46 11.72
N ILE A 294 -19.97 38.36 12.17
CA ILE A 294 -20.87 38.44 13.31
C ILE A 294 -20.14 38.22 14.64
N LYS A 295 -19.04 37.46 14.63
CA LYS A 295 -18.30 37.16 15.85
C LYS A 295 -17.95 38.43 16.62
N ASP A 306 -2.99 44.86 16.12
CA ASP A 306 -3.93 43.85 16.60
C ASP A 306 -5.36 44.21 16.23
N HIS A 307 -5.75 43.82 15.02
CA HIS A 307 -7.10 44.06 14.50
C HIS A 307 -7.27 43.25 13.23
N PRO A 308 -8.13 42.22 13.22
CA PRO A 308 -8.14 41.28 12.09
C PRO A 308 -8.61 41.94 10.81
N GLY A 309 -8.11 41.42 9.69
CA GLY A 309 -8.47 41.93 8.38
C GLY A 309 -8.09 40.93 7.31
N ARG A 310 -8.45 41.28 6.07
CA ARG A 310 -8.19 40.44 4.90
C ARG A 310 -7.25 41.19 3.96
N ALA A 311 -6.19 40.54 3.54
CA ALA A 311 -5.15 41.18 2.74
C ALA A 311 -5.48 41.13 1.26
N VAL A 312 -5.19 42.22 0.57
CA VAL A 312 -5.18 42.26 -0.88
C VAL A 312 -3.79 41.82 -1.31
N GLN A 313 -3.69 40.63 -1.90
CA GLN A 313 -2.40 40.05 -2.24
C GLN A 313 -2.28 39.83 -3.74
N THR A 314 -1.03 39.67 -4.17
CA THR A 314 -0.68 39.53 -5.58
C THR A 314 -0.41 38.07 -5.90
N LEU A 315 -1.08 37.56 -6.93
CA LEU A 315 -0.84 36.20 -7.40
C LEU A 315 0.20 36.21 -8.52
N GLN A 316 1.12 35.26 -8.45
CA GLN A 316 2.12 35.08 -9.50
C GLN A 316 1.61 34.21 -10.64
N MET A 317 0.30 33.99 -10.71
CA MET A 317 -0.30 33.15 -11.73
C MET A 317 -0.47 33.92 -13.03
N GLU A 318 -0.40 33.21 -14.15
CA GLU A 318 -0.56 33.79 -15.47
C GLU A 318 -1.57 32.99 -16.27
N LEU A 319 -2.27 33.68 -17.18
CA LEU A 319 -3.25 33.01 -18.03
C LEU A 319 -2.61 31.88 -18.83
N GLN A 320 -1.38 32.09 -19.30
CA GLN A 320 -0.70 31.07 -20.09
C GLN A 320 -0.56 29.76 -19.33
N GLN A 321 -0.55 29.82 -18.00
CA GLN A 321 -0.36 28.61 -17.20
C GLN A 321 -1.59 27.70 -17.18
N ILE A 322 -2.74 28.19 -17.63
CA ILE A 322 -3.97 27.40 -17.60
C ILE A 322 -4.50 27.21 -19.02
N MET A 323 -3.61 27.23 -19.99
CA MET A 323 -3.96 27.05 -21.40
C MET A 323 -3.15 25.90 -21.98
N LYS A 324 -3.79 25.12 -22.85
CA LYS A 324 -3.12 23.98 -23.46
C LYS A 324 -1.90 24.40 -24.27
N GLY A 325 -1.96 25.58 -24.89
CA GLY A 325 -0.88 25.99 -25.76
C GLY A 325 -0.94 25.22 -27.06
N ASN A 326 0.19 24.64 -27.45
CA ASN A 326 0.24 23.81 -28.65
C ASN A 326 -0.06 22.35 -28.36
N PHE A 327 -0.10 21.94 -27.10
CA PHE A 327 -0.43 20.57 -26.76
C PHE A 327 -1.91 20.31 -27.02
N SER A 328 -2.22 19.04 -27.31
CA SER A 328 -3.59 18.65 -27.59
C SER A 328 -4.40 18.36 -26.34
N SER A 329 -3.75 18.22 -25.18
CA SER A 329 -4.45 17.98 -23.93
C SER A 329 -3.65 18.59 -22.79
N PHE A 330 -4.34 18.84 -21.67
CA PHE A 330 -3.66 19.32 -20.48
C PHE A 330 -2.77 18.24 -19.87
N MET A 331 -3.19 16.98 -19.94
CA MET A 331 -2.33 15.90 -19.46
C MET A 331 -1.00 15.90 -20.19
N GLN A 332 -1.05 15.99 -21.52
CA GLN A 332 0.18 16.00 -22.32
C GLN A 332 1.04 17.20 -21.97
N LYS A 333 0.44 18.39 -21.88
CA LYS A 333 1.19 19.59 -21.52
C LYS A 333 1.89 19.42 -20.18
N GLU A 334 1.13 19.04 -19.15
CA GLU A 334 1.68 19.01 -17.80
C GLU A 334 2.71 17.90 -17.61
N ILE A 335 2.65 16.84 -18.41
CA ILE A 335 3.70 15.84 -18.38
C ILE A 335 4.97 16.40 -19.03
N PHE A 336 4.85 16.98 -20.21
CA PHE A 336 6.01 17.39 -20.98
C PHE A 336 6.63 18.69 -20.49
N GLU A 337 5.92 19.47 -19.68
CA GLU A 337 6.47 20.68 -19.10
C GLU A 337 7.14 20.42 -17.76
N GLN A 338 7.25 19.16 -17.33
CA GLN A 338 7.85 18.87 -16.04
C GLN A 338 9.31 19.32 -15.93
N PRO A 339 10.10 19.41 -17.01
CA PRO A 339 11.41 20.06 -16.87
C PRO A 339 11.28 21.49 -16.37
N GLU A 340 10.28 22.23 -16.84
CA GLU A 340 10.09 23.61 -16.42
C GLU A 340 9.48 23.68 -15.02
N SER A 341 8.53 22.80 -14.70
CA SER A 341 7.88 22.87 -13.40
C SER A 341 8.82 22.46 -12.28
N VAL A 342 9.70 21.48 -12.54
CA VAL A 342 10.72 21.12 -11.55
C VAL A 342 11.63 22.32 -11.30
N VAL A 343 11.98 23.06 -12.35
CA VAL A 343 12.83 24.24 -12.19
C VAL A 343 12.10 25.31 -11.38
N ASN A 344 10.80 25.51 -11.65
CA ASN A 344 10.05 26.51 -10.90
C ASN A 344 9.93 26.12 -9.43
N THR A 345 9.81 24.82 -9.15
CA THR A 345 9.75 24.38 -7.76
C THR A 345 11.01 24.73 -7.00
N MET A 346 12.17 24.73 -7.67
CA MET A 346 13.44 25.00 -7.02
C MET A 346 13.85 26.47 -7.05
N ARG A 347 13.21 27.28 -7.88
CA ARG A 347 13.64 28.66 -8.05
C ARG A 347 13.63 29.41 -6.72
N GLY A 348 14.72 30.12 -6.45
CA GLY A 348 14.86 30.89 -5.23
C GLY A 348 15.07 30.06 -3.98
N ARG A 349 15.15 28.74 -4.10
CA ARG A 349 15.25 27.86 -2.95
C ARG A 349 16.52 27.03 -2.92
N VAL A 350 17.10 26.72 -4.08
CA VAL A 350 18.34 25.96 -4.17
C VAL A 350 19.38 26.87 -4.80
N ASN A 351 20.56 26.92 -4.19
CA ASN A 351 21.69 27.69 -4.70
C ASN A 351 22.79 26.69 -5.01
N PHE A 352 22.93 26.33 -6.29
CA PHE A 352 23.99 25.42 -6.70
C PHE A 352 25.35 26.09 -6.65
N ASP A 353 25.38 27.43 -6.64
CA ASP A 353 26.64 28.16 -6.57
C ASP A 353 27.40 27.88 -5.28
N ASP A 354 26.69 27.50 -4.20
CA ASP A 354 27.37 27.21 -2.95
C ASP A 354 26.70 26.09 -2.14
N TYR A 355 25.86 25.26 -2.76
CA TYR A 355 25.29 24.07 -2.13
C TYR A 355 24.52 24.43 -0.86
N THR A 356 23.51 25.28 -1.03
CA THR A 356 22.63 25.66 0.07
C THR A 356 21.18 25.56 -0.37
N VAL A 357 20.32 25.24 0.59
CA VAL A 357 18.88 25.13 0.36
C VAL A 357 18.17 26.00 1.38
N ASN A 358 17.21 26.79 0.91
CA ASN A 358 16.47 27.70 1.78
C ASN A 358 15.02 27.73 1.31
N LEU A 359 14.14 27.07 2.07
CA LEU A 359 12.70 27.16 1.84
C LEU A 359 12.18 28.28 2.72
N GLY A 360 11.91 29.44 2.11
CA GLY A 360 11.53 30.61 2.88
C GLY A 360 10.31 30.40 3.75
N GLY A 361 9.38 29.56 3.30
CA GLY A 361 8.18 29.30 4.07
C GLY A 361 8.41 28.64 5.41
N LEU A 362 9.61 28.12 5.66
CA LEU A 362 9.92 27.41 6.89
C LEU A 362 10.93 28.15 7.76
N LYS A 363 11.22 29.42 7.45
CA LYS A 363 12.28 30.14 8.16
C LYS A 363 11.97 30.24 9.65
N ASP A 364 10.74 30.60 10.00
CA ASP A 364 10.37 30.86 11.38
C ASP A 364 10.05 29.58 12.15
N HIS A 365 10.21 28.41 11.54
CA HIS A 365 9.87 27.16 12.19
C HIS A 365 10.92 26.07 12.01
N ILE A 366 11.90 26.23 11.13
CA ILE A 366 12.90 25.18 10.92
C ILE A 366 13.59 24.85 12.23
N LYS A 367 13.72 25.81 13.13
CA LYS A 367 14.38 25.57 14.40
C LYS A 367 13.57 24.59 15.25
N GLU A 368 12.27 24.88 15.45
CA GLU A 368 11.42 23.96 16.20
C GLU A 368 11.35 22.60 15.52
N ILE A 369 11.21 22.57 14.20
CA ILE A 369 11.07 21.31 13.48
C ILE A 369 12.25 20.39 13.77
N GLN A 370 13.45 20.97 13.85
CA GLN A 370 14.64 20.16 14.08
C GLN A 370 14.73 19.64 15.51
N ARG A 371 13.99 20.24 16.45
CA ARG A 371 13.91 19.73 17.82
C ARG A 371 12.83 18.67 18.00
N CYS A 372 12.00 18.43 17.00
CA CYS A 372 10.93 17.44 17.11
C CYS A 372 11.49 16.03 16.93
N ARG A 373 10.65 15.04 17.24
CA ARG A 373 11.09 13.65 17.34
C ARG A 373 10.47 12.72 16.30
N ARG A 374 9.53 13.20 15.47
CA ARG A 374 8.93 12.32 14.49
C ARG A 374 8.30 13.15 13.37
N LEU A 375 8.41 12.63 12.14
CA LEU A 375 7.74 13.19 10.98
C LEU A 375 6.58 12.30 10.59
N ILE A 376 5.42 12.92 10.35
CA ILE A 376 4.24 12.20 9.87
C ILE A 376 3.78 12.89 8.60
N LEU A 377 3.69 12.14 7.51
CA LEU A 377 3.20 12.64 6.24
C LEU A 377 1.80 12.09 6.02
N ILE A 378 0.85 12.99 5.79
CA ILE A 378 -0.57 12.64 5.69
C ILE A 378 -1.12 13.20 4.38
N ALA A 379 -1.73 12.35 3.57
CA ALA A 379 -2.18 12.75 2.24
C ALA A 379 -3.05 11.63 1.66
N CYS A 380 -3.64 11.91 0.49
CA CYS A 380 -4.45 10.96 -0.24
C CYS A 380 -3.88 10.73 -1.63
N GLY A 381 -4.15 9.55 -2.18
CA GLY A 381 -3.87 9.29 -3.58
C GLY A 381 -2.41 9.54 -3.95
N THR A 382 -2.21 10.21 -5.08
CA THR A 382 -0.87 10.46 -5.58
C THR A 382 -0.05 11.28 -4.59
N SER A 383 -0.68 12.20 -3.87
CA SER A 383 0.06 12.98 -2.87
C SER A 383 0.60 12.07 -1.77
N TYR A 384 -0.13 11.01 -1.42
CA TYR A 384 0.41 10.02 -0.50
C TYR A 384 1.62 9.31 -1.12
N HIS A 385 1.56 9.02 -2.41
CA HIS A 385 2.69 8.38 -3.08
C HIS A 385 3.93 9.26 -3.02
N ALA A 386 3.75 10.57 -3.00
CA ALA A 386 4.89 11.47 -2.86
C ALA A 386 5.61 11.24 -1.55
N GLY A 387 4.86 10.94 -0.48
CA GLY A 387 5.49 10.62 0.79
C GLY A 387 6.23 9.30 0.77
N VAL A 388 5.60 8.27 0.20
CA VAL A 388 6.27 6.98 0.05
C VAL A 388 7.55 7.13 -0.76
N ALA A 389 7.55 8.05 -1.73
CA ALA A 389 8.69 8.22 -2.63
C ALA A 389 9.86 8.94 -1.98
N THR A 390 9.62 9.67 -0.88
CA THR A 390 10.66 10.42 -0.21
C THR A 390 10.86 9.99 1.24
N ARG A 391 10.15 8.95 1.69
CA ARG A 391 10.29 8.49 3.07
C ARG A 391 11.74 8.15 3.39
N GLN A 392 12.40 7.42 2.49
CA GLN A 392 13.73 6.91 2.78
C GLN A 392 14.75 8.05 2.91
N VAL A 393 14.72 9.01 2.00
CA VAL A 393 15.70 10.09 2.08
C VAL A 393 15.38 10.99 3.28
N LEU A 394 14.11 11.09 3.66
CA LEU A 394 13.76 11.84 4.87
C LEU A 394 14.31 11.13 6.10
N GLU A 395 14.13 9.80 6.17
CA GLU A 395 14.73 9.03 7.25
C GLU A 395 16.25 9.21 7.29
N GLU A 396 16.89 9.13 6.12
CA GLU A 396 18.34 9.21 6.05
C GLU A 396 18.85 10.55 6.54
N LEU A 397 18.28 11.64 6.02
CA LEU A 397 18.82 12.97 6.28
C LEU A 397 18.32 13.60 7.57
N THR A 398 17.12 13.27 8.02
CA THR A 398 16.64 13.76 9.31
C THR A 398 16.99 12.82 10.47
N GLU A 399 17.18 11.54 10.19
CA GLU A 399 17.40 10.52 11.21
C GLU A 399 16.23 10.40 12.18
N LEU A 400 15.10 10.99 11.86
CA LEU A 400 13.90 10.87 12.66
C LEU A 400 13.01 9.77 12.11
N PRO A 401 12.18 9.15 12.95
CA PRO A 401 11.14 8.26 12.41
C PRO A 401 10.27 9.03 11.42
N VAL A 402 9.92 8.36 10.33
CA VAL A 402 9.06 8.95 9.30
C VAL A 402 7.90 7.99 9.07
N MET A 403 6.70 8.43 9.39
CA MET A 403 5.49 7.63 9.22
C MET A 403 4.64 8.25 8.13
N VAL A 404 4.26 7.45 7.13
CA VAL A 404 3.47 7.90 5.99
C VAL A 404 2.09 7.29 6.12
N GLU A 405 1.06 8.14 6.12
CA GLU A 405 -0.30 7.74 6.42
C GLU A 405 -1.25 8.15 5.31
N LEU A 406 -2.16 7.26 4.95
CA LEU A 406 -3.30 7.61 4.11
C LEU A 406 -4.34 8.33 4.95
N ALA A 407 -4.76 9.51 4.50
CA ALA A 407 -5.54 10.41 5.34
C ALA A 407 -6.84 9.76 5.82
N SER A 408 -7.52 9.03 4.93
CA SER A 408 -8.78 8.41 5.31
C SER A 408 -8.57 7.39 6.43
N ASP A 409 -7.55 6.55 6.31
CA ASP A 409 -7.27 5.56 7.34
C ASP A 409 -6.75 6.23 8.60
N PHE A 410 -5.93 7.27 8.44
CA PHE A 410 -5.43 8.03 9.59
C PHE A 410 -6.57 8.52 10.46
N ARG A 411 -7.68 8.95 9.83
CA ARG A 411 -8.83 9.42 10.60
C ARG A 411 -9.54 8.25 11.29
N ASP A 412 -9.75 7.15 10.56
CA ASP A 412 -10.50 6.02 11.12
C ASP A 412 -9.87 5.47 12.39
N ARG A 413 -8.55 5.55 12.52
CA ARG A 413 -7.85 4.86 13.60
C ARG A 413 -7.60 5.71 14.83
N ASN A 414 -7.87 7.02 14.77
CA ASN A 414 -7.52 7.92 15.87
C ASN A 414 -6.05 7.76 16.25
N THR A 415 -5.20 7.96 15.25
CA THR A 415 -3.78 7.68 15.39
C THR A 415 -3.19 8.55 16.50
N PRO A 416 -2.31 8.00 17.35
CA PRO A 416 -1.68 8.83 18.38
C PRO A 416 -0.77 9.89 17.77
N VAL A 417 -0.98 11.14 18.20
CA VAL A 417 -0.16 12.27 17.79
C VAL A 417 0.22 13.06 19.05
N PHE A 418 1.42 13.62 19.03
CA PHE A 418 1.99 14.27 20.20
C PHE A 418 2.48 15.67 19.85
N ARG A 419 2.79 16.44 20.90
CA ARG A 419 3.20 17.82 20.71
C ARG A 419 4.54 17.94 20.00
N ASP A 420 5.39 16.92 20.10
CA ASP A 420 6.70 16.94 19.46
C ASP A 420 6.70 16.22 18.12
N ASP A 421 5.52 15.99 17.54
CA ASP A 421 5.42 15.47 16.18
C ASP A 421 5.39 16.63 15.19
N VAL A 422 6.05 16.43 14.04
CA VAL A 422 5.93 17.33 12.90
C VAL A 422 5.08 16.61 11.86
N CYS A 423 3.94 17.21 11.52
CA CYS A 423 2.97 16.59 10.62
C CYS A 423 2.93 17.37 9.32
N PHE A 424 3.21 16.69 8.21
CA PHE A 424 3.15 17.26 6.88
C PHE A 424 1.85 16.85 6.21
N PHE A 425 1.27 17.78 5.44
CA PHE A 425 0.01 17.55 4.76
C PHE A 425 0.20 17.91 3.29
N LEU A 426 0.31 16.87 2.47
CA LEU A 426 0.61 17.01 1.04
C LEU A 426 -0.71 17.07 0.27
N SER A 427 -0.89 18.12 -0.52
CA SER A 427 -2.17 18.32 -1.19
C SER A 427 -1.99 19.37 -2.29
N GLN A 428 -2.09 18.93 -3.55
CA GLN A 428 -2.06 19.86 -4.67
C GLN A 428 -3.14 20.93 -4.51
N SER A 429 -4.36 20.52 -4.21
CA SER A 429 -5.48 21.45 -4.14
C SER A 429 -5.51 22.20 -2.81
N GLY A 430 -5.01 21.59 -1.74
CA GLY A 430 -5.11 22.19 -0.43
C GLY A 430 -6.51 22.19 0.16
N GLU A 431 -7.41 21.36 -0.38
CA GLU A 431 -8.79 21.30 0.08
C GLU A 431 -9.32 19.89 0.33
N THR A 432 -8.56 18.85 0.02
CA THR A 432 -9.05 17.49 0.16
C THR A 432 -9.54 17.24 1.58
N ALA A 433 -10.77 16.75 1.70
CA ALA A 433 -11.45 16.69 2.99
C ALA A 433 -10.64 15.89 4.01
N ASP A 434 -10.32 14.63 3.69
CA ASP A 434 -9.65 13.78 4.68
C ASP A 434 -8.30 14.35 5.08
N THR A 435 -7.56 14.90 4.11
CA THR A 435 -6.29 15.54 4.45
C THR A 435 -6.50 16.75 5.35
N LEU A 436 -7.49 17.59 5.01
CA LEU A 436 -7.77 18.78 5.82
C LEU A 436 -8.23 18.40 7.22
N MET A 437 -9.09 17.38 7.34
CA MET A 437 -9.54 16.98 8.67
C MET A 437 -8.41 16.35 9.46
N GLY A 438 -7.53 15.61 8.80
CA GLY A 438 -6.33 15.12 9.47
C GLY A 438 -5.50 16.26 10.04
N LEU A 439 -5.40 17.37 9.30
CA LEU A 439 -4.70 18.54 9.79
C LEU A 439 -5.30 19.03 11.10
N ARG A 440 -6.63 19.22 11.13
CA ARG A 440 -7.27 19.74 12.33
C ARG A 440 -7.16 18.76 13.49
N TYR A 441 -7.14 17.45 13.20
CA TYR A 441 -6.90 16.46 14.24
C TYR A 441 -5.54 16.67 14.89
N CYS A 442 -4.50 16.83 14.07
CA CYS A 442 -3.15 16.99 14.60
C CYS A 442 -2.99 18.32 15.31
N LYS A 443 -3.66 19.37 14.82
CA LYS A 443 -3.58 20.67 15.50
C LYS A 443 -4.16 20.58 16.91
N GLU A 444 -5.25 19.84 17.07
CA GLU A 444 -5.86 19.72 18.39
C GLU A 444 -4.91 19.06 19.39
N ARG A 445 -4.04 18.18 18.92
CA ARG A 445 -3.11 17.47 19.78
C ARG A 445 -1.77 18.19 19.91
N GLY A 446 -1.66 19.41 19.42
CA GLY A 446 -0.49 20.23 19.65
C GLY A 446 0.67 19.96 18.70
N ALA A 447 0.46 19.21 17.64
CA ALA A 447 1.55 18.93 16.71
C ALA A 447 1.90 20.17 15.89
N LEU A 448 3.16 20.22 15.45
CA LEU A 448 3.60 21.25 14.53
C LEU A 448 3.22 20.81 13.12
N THR A 449 2.41 21.62 12.44
CA THR A 449 1.82 21.24 11.16
C THR A 449 2.46 22.03 10.02
N VAL A 450 2.70 21.33 8.91
CA VAL A 450 3.38 21.88 7.74
C VAL A 450 2.58 21.52 6.50
N GLY A 451 2.27 22.53 5.68
CA GLY A 451 1.51 22.32 4.46
C GLY A 451 2.40 22.33 3.24
N ILE A 452 2.28 21.27 2.44
CA ILE A 452 2.95 21.17 1.14
C ILE A 452 1.86 21.23 0.09
N THR A 453 1.60 22.43 -0.44
CA THR A 453 0.44 22.68 -1.28
C THR A 453 0.87 23.31 -2.60
N ASN A 454 -0.11 23.42 -3.50
CA ASN A 454 0.10 24.01 -4.81
C ASN A 454 -1.00 25.01 -5.16
N THR A 455 -1.75 25.48 -4.16
CA THR A 455 -2.88 26.38 -4.39
C THR A 455 -2.83 27.47 -3.31
N VAL A 456 -2.57 28.71 -3.73
CA VAL A 456 -2.55 29.82 -2.79
C VAL A 456 -3.95 30.05 -2.24
N GLY A 457 -4.04 30.38 -0.96
CA GLY A 457 -5.31 30.61 -0.31
C GLY A 457 -6.04 29.36 0.13
N SER A 458 -5.54 28.17 -0.20
CA SER A 458 -6.24 26.95 0.13
C SER A 458 -6.26 26.73 1.64
N SER A 459 -7.23 25.92 2.09
CA SER A 459 -7.44 25.71 3.51
C SER A 459 -6.19 25.14 4.19
N ILE A 460 -5.53 24.19 3.53
CA ILE A 460 -4.38 23.53 4.15
C ILE A 460 -3.19 24.49 4.27
N SER A 461 -3.03 25.39 3.29
CA SER A 461 -1.95 26.36 3.39
C SER A 461 -2.22 27.40 4.47
N ARG A 462 -3.49 27.65 4.78
CA ARG A 462 -3.85 28.63 5.80
C ARG A 462 -3.71 28.06 7.19
N GLU A 463 -4.27 26.88 7.42
CA GLU A 463 -4.43 26.34 8.76
C GLU A 463 -3.17 25.66 9.30
N THR A 464 -2.15 25.45 8.47
CA THR A 464 -0.90 24.91 8.96
C THR A 464 -0.04 26.03 9.57
N ASP A 465 0.78 25.64 10.55
CA ASP A 465 1.67 26.62 11.18
C ASP A 465 2.61 27.24 10.15
N CYS A 466 3.01 26.48 9.14
CA CYS A 466 3.89 26.95 8.08
C CYS A 466 3.68 26.04 6.89
N GLY A 467 4.33 26.36 5.78
CA GLY A 467 4.15 25.54 4.59
C GLY A 467 5.12 25.90 3.49
N VAL A 468 5.05 25.12 2.42
CA VAL A 468 5.84 25.32 1.22
C VAL A 468 4.89 25.21 0.03
N HIS A 469 4.86 26.24 -0.80
CA HIS A 469 4.13 26.19 -2.06
C HIS A 469 5.04 25.58 -3.11
N ILE A 470 4.64 24.43 -3.67
CA ILE A 470 5.53 23.70 -4.56
C ILE A 470 5.72 24.45 -5.87
N ASN A 471 4.87 25.41 -6.18
CA ASN A 471 5.04 26.30 -7.32
C ASN A 471 5.27 25.52 -8.62
N ALA A 472 4.39 24.56 -8.86
CA ALA A 472 4.40 23.80 -10.11
C ALA A 472 3.51 24.43 -11.18
N GLY A 473 2.83 25.54 -10.86
CA GLY A 473 1.82 26.07 -11.72
C GLY A 473 0.52 25.31 -11.54
N PRO A 474 -0.61 25.90 -11.94
CA PRO A 474 -1.89 25.22 -11.75
C PRO A 474 -1.91 23.89 -12.50
N GLU A 475 -2.55 22.90 -11.88
CA GLU A 475 -2.73 21.58 -12.49
C GLU A 475 -4.17 21.50 -12.99
N ILE A 476 -4.33 21.54 -14.31
CA ILE A 476 -5.63 21.57 -14.95
C ILE A 476 -6.02 20.15 -15.37
N GLY A 477 -5.03 19.32 -15.69
CA GLY A 477 -5.30 17.94 -16.02
C GLY A 477 -5.98 17.19 -14.89
N VAL A 478 -6.67 16.11 -15.27
CA VAL A 478 -7.44 15.35 -14.29
C VAL A 478 -6.52 14.60 -13.33
N ALA A 479 -5.38 14.12 -13.83
CA ALA A 479 -4.45 13.33 -13.03
C ALA A 479 -3.27 14.17 -12.60
N SER A 480 -2.71 13.84 -11.43
CA SER A 480 -1.55 14.53 -10.92
C SER A 480 -0.30 14.06 -11.65
N THR A 481 0.36 14.97 -12.37
CA THR A 481 1.60 14.66 -13.06
C THR A 481 2.72 15.54 -12.55
N LYS A 482 2.74 16.84 -12.89
CA LYS A 482 3.77 17.72 -12.39
C LYS A 482 3.66 17.95 -10.89
N ALA A 483 2.43 17.88 -10.35
CA ALA A 483 2.26 18.05 -8.90
C ALA A 483 3.02 16.96 -8.13
N TYR A 484 2.97 15.72 -8.62
CA TYR A 484 3.67 14.63 -7.96
C TYR A 484 5.18 14.89 -7.93
N THR A 485 5.75 15.25 -9.08
CA THR A 485 7.19 15.45 -9.14
C THR A 485 7.63 16.73 -8.42
N SER A 486 6.76 17.73 -8.35
CA SER A 486 7.08 18.94 -7.60
C SER A 486 6.98 18.72 -6.10
N GLN A 487 6.00 17.92 -5.65
CA GLN A 487 5.98 17.48 -4.26
C GLN A 487 7.24 16.71 -3.92
N PHE A 488 7.59 15.75 -4.78
CA PHE A 488 8.83 14.98 -4.64
C PHE A 488 10.01 15.90 -4.39
N VAL A 489 10.23 16.86 -5.29
CA VAL A 489 11.38 17.76 -5.16
C VAL A 489 11.27 18.58 -3.89
N SER A 490 10.07 19.06 -3.56
CA SER A 490 9.90 19.91 -2.38
C SER A 490 10.30 19.17 -1.11
N LEU A 491 9.93 17.89 -0.99
CA LEU A 491 10.27 17.13 0.20
C LEU A 491 11.76 16.80 0.25
N VAL A 492 12.39 16.62 -0.91
CA VAL A 492 13.84 16.44 -0.93
C VAL A 492 14.54 17.70 -0.45
N MET A 493 14.07 18.87 -0.91
CA MET A 493 14.67 20.12 -0.46
C MET A 493 14.52 20.29 1.05
N PHE A 494 13.36 19.95 1.59
CA PHE A 494 13.20 20.01 3.05
C PHE A 494 14.18 19.07 3.73
N ALA A 495 14.33 17.86 3.21
CA ALA A 495 15.31 16.92 3.77
C ALA A 495 16.71 17.52 3.75
N LEU A 496 17.05 18.24 2.68
CA LEU A 496 18.36 18.89 2.59
C LEU A 496 18.53 19.98 3.64
N MET A 497 17.44 20.67 4.00
CA MET A 497 17.52 21.67 5.06
C MET A 497 17.79 21.03 6.41
N MET A 498 17.17 19.88 6.68
CA MET A 498 17.21 19.26 8.00
C MET A 498 18.59 18.72 8.35
N CYS A 499 19.51 18.64 7.39
CA CYS A 499 20.85 18.11 7.65
C CYS A 499 21.94 19.08 7.24
N ASP A 500 21.61 20.37 7.09
CA ASP A 500 22.59 21.34 6.62
C ASP A 500 23.65 21.68 7.67
N ASP A 501 23.55 21.17 8.90
CA ASP A 501 24.53 21.41 9.93
C ASP A 501 25.36 20.17 10.26
N ARG A 502 25.24 19.11 9.46
CA ARG A 502 25.89 17.83 9.72
C ARG A 502 27.12 17.72 8.82
N ILE A 503 28.32 17.71 9.43
CA ILE A 503 29.55 17.55 8.67
C ILE A 503 29.54 16.24 7.91
N SER A 504 29.09 15.17 8.55
CA SER A 504 29.15 13.84 7.95
C SER A 504 28.28 13.72 6.71
N MET A 505 27.31 14.62 6.52
CA MET A 505 26.37 14.54 5.40
C MET A 505 26.64 15.57 4.32
N GLN A 506 27.70 16.36 4.44
CA GLN A 506 27.99 17.38 3.42
C GLN A 506 28.11 16.77 2.03
N GLU A 507 28.89 15.69 1.91
CA GLU A 507 29.05 15.05 0.60
C GLU A 507 27.71 14.59 0.05
N ARG A 508 26.93 13.87 0.86
CA ARG A 508 25.63 13.40 0.42
C ARG A 508 24.76 14.55 -0.06
N ARG A 509 24.74 15.65 0.69
CA ARG A 509 23.95 16.82 0.26
C ARG A 509 24.43 17.34 -1.09
N LYS A 510 25.75 17.41 -1.28
CA LYS A 510 26.29 17.86 -2.56
C LYS A 510 25.87 16.93 -3.69
N GLU A 511 26.00 15.61 -3.48
CA GLU A 511 25.58 14.66 -4.49
C GLU A 511 24.12 14.86 -4.88
N ILE A 512 23.25 15.03 -3.89
CA ILE A 512 21.83 15.19 -4.17
C ILE A 512 21.58 16.47 -4.95
N MET A 513 22.28 17.56 -4.59
CA MET A 513 22.00 18.85 -5.20
C MET A 513 22.55 18.91 -6.63
N LEU A 514 23.70 18.29 -6.89
CA LEU A 514 24.16 18.19 -8.27
C LEU A 514 23.20 17.35 -9.10
N GLY A 515 22.46 16.43 -8.46
CA GLY A 515 21.42 15.71 -9.17
C GLY A 515 20.24 16.60 -9.50
N LEU A 516 19.82 17.44 -8.54
CA LEU A 516 18.75 18.39 -8.80
C LEU A 516 19.16 19.38 -9.88
N LYS A 517 20.44 19.75 -9.91
CA LYS A 517 20.95 20.63 -10.96
C LYS A 517 20.77 20.00 -12.34
N ARG A 518 21.07 18.70 -12.44
CA ARG A 518 21.00 17.97 -13.69
C ARG A 518 19.61 17.41 -13.97
N LEU A 519 18.71 17.44 -13.00
CA LEU A 519 17.41 16.78 -13.14
C LEU A 519 16.59 17.33 -14.29
N PRO A 520 16.45 18.64 -14.48
CA PRO A 520 15.64 19.14 -15.60
C PRO A 520 16.04 18.56 -16.95
N ASP A 521 17.35 18.52 -17.25
CA ASP A 521 17.79 17.98 -18.52
C ASP A 521 17.60 16.47 -18.60
N LEU A 522 17.68 15.77 -17.46
CA LEU A 522 17.42 14.34 -17.47
C LEU A 522 15.95 14.03 -17.75
N ILE A 523 15.05 14.88 -17.26
CA ILE A 523 13.63 14.73 -17.58
C ILE A 523 13.43 14.88 -19.09
N LYS A 524 14.04 15.91 -19.68
CA LYS A 524 13.98 16.07 -21.13
C LYS A 524 14.49 14.81 -21.84
N GLU A 525 15.54 14.19 -21.31
CA GLU A 525 16.07 12.98 -21.91
C GLU A 525 15.05 11.85 -21.87
N VAL A 526 14.32 11.73 -20.76
CA VAL A 526 13.28 10.71 -20.67
C VAL A 526 12.13 11.04 -21.61
N LEU A 527 11.73 12.31 -21.68
CA LEU A 527 10.66 12.71 -22.57
C LEU A 527 11.01 12.46 -24.04
N SER A 528 12.30 12.43 -24.38
CA SER A 528 12.71 12.16 -25.75
C SER A 528 12.52 10.70 -26.14
N MET A 529 12.24 9.82 -25.19
CA MET A 529 11.94 8.43 -25.47
C MET A 529 10.45 8.16 -25.62
N ASP A 530 9.65 9.22 -25.86
CA ASP A 530 8.22 9.06 -25.98
C ASP A 530 7.86 8.00 -27.02
N ASP A 531 8.60 7.98 -28.14
CA ASP A 531 8.34 6.99 -29.18
C ASP A 531 8.45 5.57 -28.62
N GLU A 532 9.48 5.31 -27.82
CA GLU A 532 9.63 3.98 -27.22
C GLU A 532 8.44 3.65 -26.33
N ILE A 533 7.87 4.64 -25.66
CA ILE A 533 6.72 4.40 -24.79
C ILE A 533 5.49 4.08 -25.63
N GLN A 534 5.31 4.76 -26.76
CA GLN A 534 4.19 4.46 -27.64
C GLN A 534 4.25 3.02 -28.13
N LYS A 535 5.44 2.54 -28.50
CA LYS A 535 5.59 1.14 -28.87
C LYS A 535 5.11 0.24 -27.74
N LEU A 536 5.45 0.57 -26.50
CA LEU A 536 4.96 -0.22 -25.37
C LEU A 536 3.44 -0.11 -25.24
N ALA A 537 2.89 1.08 -25.51
CA ALA A 537 1.45 1.26 -25.40
C ALA A 537 0.71 0.37 -26.38
N THR A 538 1.20 0.26 -27.62
CA THR A 538 0.54 -0.61 -28.59
C THR A 538 0.65 -2.08 -28.18
N GLU A 539 1.76 -2.46 -27.53
CA GLU A 539 1.89 -3.83 -27.06
C GLU A 539 0.88 -4.16 -25.97
N LEU A 540 0.55 -3.18 -25.12
CA LEU A 540 -0.43 -3.36 -24.05
C LEU A 540 -1.82 -2.89 -24.44
N TYR A 541 -2.02 -2.46 -25.69
CA TYR A 541 -3.29 -1.89 -26.12
C TYR A 541 -4.47 -2.80 -25.78
N HIS A 542 -4.32 -4.10 -26.02
CA HIS A 542 -5.39 -5.07 -25.84
C HIS A 542 -5.38 -5.72 -24.47
N GLN A 543 -4.41 -5.40 -23.62
CA GLN A 543 -4.25 -6.09 -22.35
C GLN A 543 -5.20 -5.53 -21.29
N LYS A 544 -5.62 -6.41 -20.38
CA LYS A 544 -6.55 -6.05 -19.32
C LYS A 544 -5.88 -5.86 -17.97
N SER A 545 -4.70 -6.44 -17.77
CA SER A 545 -3.96 -6.30 -16.52
C SER A 545 -2.50 -6.05 -16.84
N VAL A 546 -1.81 -5.43 -15.87
CA VAL A 546 -0.37 -5.28 -15.92
C VAL A 546 0.16 -5.12 -14.50
N LEU A 547 1.19 -5.87 -14.15
CA LEU A 547 1.81 -5.80 -12.84
C LEU A 547 3.08 -4.96 -12.93
N ILE A 548 3.19 -3.98 -12.05
CA ILE A 548 4.34 -3.07 -12.01
C ILE A 548 5.09 -3.37 -10.72
N MET A 549 6.32 -3.87 -10.85
CA MET A 549 7.09 -4.40 -9.72
C MET A 549 8.33 -3.57 -9.49
N GLY A 550 8.57 -3.22 -8.23
CA GLY A 550 9.76 -2.49 -7.85
C GLY A 550 9.92 -2.55 -6.34
N ARG A 551 11.00 -1.94 -5.86
CA ARG A 551 11.24 -1.88 -4.43
C ARG A 551 12.12 -0.68 -4.11
N GLY A 552 12.22 -0.39 -2.82
CA GLY A 552 13.09 0.70 -2.38
C GLY A 552 12.58 2.04 -2.86
N TYR A 553 13.48 2.84 -3.42
CA TYR A 553 13.12 4.16 -3.94
C TYR A 553 12.04 4.10 -5.02
N HIS A 554 11.75 2.92 -5.57
CA HIS A 554 10.81 2.78 -6.67
C HIS A 554 9.56 2.00 -6.30
N TYR A 555 9.38 1.69 -5.01
CA TYR A 555 8.08 1.25 -4.54
C TYR A 555 7.01 2.25 -4.93
N ALA A 556 7.24 3.52 -4.61
CA ALA A 556 6.27 4.57 -4.94
C ALA A 556 6.03 4.65 -6.44
N THR A 557 7.08 4.48 -7.24
CA THR A 557 6.91 4.50 -8.69
C THR A 557 5.92 3.44 -9.14
N CYS A 558 5.96 2.26 -8.52
CA CYS A 558 5.03 1.19 -8.89
C CYS A 558 3.61 1.55 -8.49
N LEU A 559 3.42 2.06 -7.28
CA LEU A 559 2.08 2.43 -6.82
C LEU A 559 1.52 3.57 -7.66
N GLU A 560 2.35 4.57 -7.97
CA GLU A 560 1.88 5.74 -8.69
C GLU A 560 1.59 5.40 -10.15
N GLY A 561 2.51 4.68 -10.80
CA GLY A 561 2.25 4.25 -12.16
C GLY A 561 1.02 3.37 -12.26
N ALA A 562 0.82 2.48 -11.29
CA ALA A 562 -0.37 1.65 -11.28
C ALA A 562 -1.63 2.50 -11.13
N LEU A 563 -1.56 3.55 -10.31
CA LEU A 563 -2.72 4.41 -10.14
C LEU A 563 -3.02 5.20 -11.40
N LYS A 564 -1.99 5.74 -12.04
CA LYS A 564 -2.20 6.49 -13.28
C LYS A 564 -2.90 5.64 -14.33
N ILE A 565 -2.40 4.41 -14.53
CA ILE A 565 -2.96 3.57 -15.57
C ILE A 565 -4.38 3.13 -15.21
N LYS A 566 -4.66 2.95 -13.91
CA LYS A 566 -6.04 2.72 -13.49
C LYS A 566 -6.91 3.93 -13.80
N GLU A 567 -6.44 5.12 -13.42
CA GLU A 567 -7.26 6.32 -13.48
C GLU A 567 -7.49 6.78 -14.91
N ILE A 568 -6.46 6.72 -15.75
CA ILE A 568 -6.51 7.30 -17.09
C ILE A 568 -6.85 6.24 -18.14
N THR A 569 -6.33 5.03 -18.00
CA THR A 569 -6.52 3.99 -18.99
C THR A 569 -7.67 3.04 -18.69
N TYR A 570 -8.08 2.94 -17.42
CA TYR A 570 -9.19 2.10 -17.00
C TYR A 570 -8.88 0.61 -17.11
N MET A 571 -7.60 0.22 -17.09
CA MET A 571 -7.22 -1.18 -17.02
C MET A 571 -6.67 -1.48 -15.64
N HIS A 572 -6.59 -2.78 -15.33
CA HIS A 572 -6.23 -3.22 -13.99
C HIS A 572 -4.71 -3.32 -13.87
N SER A 573 -4.10 -2.17 -13.63
CA SER A 573 -2.69 -2.11 -13.28
C SER A 573 -2.54 -2.12 -11.77
N GLU A 574 -1.54 -2.82 -11.28
CA GLU A 574 -1.32 -2.97 -9.84
C GLU A 574 0.17 -2.88 -9.55
N GLY A 575 0.51 -2.14 -8.49
CA GLY A 575 1.88 -2.06 -8.02
C GLY A 575 2.14 -3.13 -6.99
N ILE A 576 3.23 -3.87 -7.17
CA ILE A 576 3.59 -4.99 -6.30
C ILE A 576 5.00 -4.76 -5.80
N LEU A 577 5.16 -4.77 -4.49
CA LEU A 577 6.49 -4.69 -3.89
C LEU A 577 7.29 -5.93 -4.26
N ALA A 578 8.43 -5.74 -4.94
CA ALA A 578 9.19 -6.87 -5.44
C ALA A 578 9.55 -7.85 -4.34
N GLY A 579 9.93 -7.34 -3.17
CA GLY A 579 10.30 -8.22 -2.07
C GLY A 579 9.18 -9.13 -1.62
N GLU A 580 7.94 -8.83 -2.00
CA GLU A 580 6.79 -9.61 -1.56
C GLU A 580 6.41 -10.72 -2.54
N LEU A 581 7.06 -10.80 -3.70
CA LEU A 581 6.67 -11.76 -4.72
C LEU A 581 6.58 -13.18 -4.16
N LYS A 582 7.68 -13.67 -3.58
CA LYS A 582 7.71 -15.05 -3.10
C LYS A 582 6.73 -15.30 -1.96
N HIS A 583 6.06 -14.28 -1.46
CA HIS A 583 5.09 -14.44 -0.37
C HIS A 583 3.66 -14.57 -0.87
N GLY A 584 3.45 -14.77 -2.17
CA GLY A 584 2.12 -15.02 -2.69
C GLY A 584 1.89 -14.47 -4.10
N PRO A 585 2.07 -13.16 -4.28
CA PRO A 585 1.69 -12.54 -5.57
C PRO A 585 2.42 -13.13 -6.77
N LEU A 586 3.55 -13.80 -6.58
CA LEU A 586 4.28 -14.37 -7.70
C LEU A 586 3.45 -15.41 -8.46
N ALA A 587 2.36 -15.90 -7.86
CA ALA A 587 1.52 -16.89 -8.52
C ALA A 587 0.81 -16.34 -9.74
N LEU A 588 0.72 -15.01 -9.88
CA LEU A 588 0.08 -14.41 -11.04
C LEU A 588 0.95 -14.44 -12.29
N VAL A 589 2.25 -14.67 -12.14
CA VAL A 589 3.17 -14.61 -13.26
C VAL A 589 3.00 -15.84 -14.14
N ASP A 590 2.87 -15.62 -15.45
CA ASP A 590 2.95 -16.68 -16.45
C ASP A 590 3.23 -15.99 -17.79
N LYS A 591 3.17 -16.77 -18.87
CA LYS A 591 3.51 -16.23 -20.18
C LYS A 591 2.52 -15.19 -20.69
N LEU A 592 1.35 -15.06 -20.05
CA LEU A 592 0.31 -14.15 -20.53
C LEU A 592 0.24 -12.84 -19.75
N MET A 593 0.54 -12.86 -18.45
CA MET A 593 0.37 -11.66 -17.63
C MET A 593 1.43 -10.61 -17.99
N PRO A 594 1.04 -9.43 -18.44
CA PRO A 594 2.04 -8.38 -18.68
C PRO A 594 2.65 -7.90 -17.37
N VAL A 595 3.96 -7.69 -17.39
CA VAL A 595 4.70 -7.26 -16.21
C VAL A 595 5.66 -6.15 -16.60
N ILE A 596 5.71 -5.10 -15.78
CA ILE A 596 6.71 -4.04 -15.90
C ILE A 596 7.54 -4.05 -14.62
N MET A 597 8.85 -4.16 -14.77
CA MET A 597 9.75 -4.17 -13.63
C MET A 597 10.68 -2.95 -13.69
N ILE A 598 11.04 -2.46 -12.51
CA ILE A 598 11.93 -1.31 -12.38
C ILE A 598 13.21 -1.79 -11.73
N ILE A 599 14.33 -1.61 -12.42
CA ILE A 599 15.64 -2.06 -11.96
C ILE A 599 16.61 -0.91 -12.20
N MET A 600 16.91 -0.15 -11.17
CA MET A 600 17.84 0.98 -11.26
C MET A 600 19.15 0.65 -10.56
N ARG A 601 20.13 1.51 -10.79
CA ARG A 601 21.46 1.35 -10.21
C ARG A 601 21.51 2.04 -8.84
N ASP A 602 20.94 1.35 -7.85
CA ASP A 602 21.09 1.76 -6.46
C ASP A 602 21.41 0.53 -5.63
N HIS A 603 21.36 0.64 -4.31
CA HIS A 603 21.82 -0.44 -3.44
C HIS A 603 20.95 -1.69 -3.55
N THR A 604 19.72 -1.57 -4.05
CA THR A 604 18.83 -2.72 -4.21
C THR A 604 18.95 -3.37 -5.57
N TYR A 605 19.97 -3.03 -6.35
CA TYR A 605 20.09 -3.55 -7.72
C TYR A 605 20.15 -5.07 -7.74
N ALA A 606 20.94 -5.67 -6.84
CA ALA A 606 21.06 -7.13 -6.83
C ALA A 606 19.74 -7.78 -6.45
N LYS A 607 19.01 -7.21 -5.49
CA LYS A 607 17.72 -7.77 -5.11
C LYS A 607 16.69 -7.62 -6.22
N CYS A 608 16.78 -6.55 -7.01
CA CYS A 608 15.89 -6.39 -8.16
C CYS A 608 16.20 -7.41 -9.24
N GLN A 609 17.49 -7.68 -9.47
CA GLN A 609 17.86 -8.73 -10.41
C GLN A 609 17.30 -10.08 -9.97
N ASN A 610 17.32 -10.34 -8.66
CA ASN A 610 16.74 -11.57 -8.13
C ASN A 610 15.26 -11.66 -8.48
N ALA A 611 14.51 -10.58 -8.23
CA ALA A 611 13.09 -10.57 -8.58
C ALA A 611 12.88 -10.85 -10.06
N LEU A 612 13.72 -10.28 -10.92
CA LEU A 612 13.59 -10.51 -12.35
C LEU A 612 13.80 -11.98 -12.70
N GLN A 613 14.77 -12.62 -12.06
CA GLN A 613 15.01 -14.05 -12.30
C GLN A 613 13.86 -14.90 -11.78
N GLN A 614 13.19 -14.47 -10.70
CA GLN A 614 12.03 -15.19 -10.20
C GLN A 614 10.87 -15.10 -11.18
N VAL A 615 10.68 -13.94 -11.81
CA VAL A 615 9.60 -13.78 -12.77
C VAL A 615 9.87 -14.60 -14.03
N VAL A 616 11.07 -14.47 -14.59
CA VAL A 616 11.41 -15.19 -15.81
C VAL A 616 11.30 -16.70 -15.59
N ALA A 617 11.76 -17.18 -14.44
CA ALA A 617 11.72 -18.61 -14.16
C ALA A 617 10.29 -19.16 -14.23
N ARG A 618 9.28 -18.31 -14.10
CA ARG A 618 7.89 -18.72 -14.16
C ARG A 618 7.22 -18.28 -15.46
N GLN A 619 7.99 -18.25 -16.55
CA GLN A 619 7.51 -17.93 -17.89
C GLN A 619 7.10 -16.47 -18.05
N GLY A 620 7.41 -15.60 -17.10
CA GLY A 620 7.14 -14.18 -17.26
C GLY A 620 8.14 -13.53 -18.22
N ARG A 621 7.63 -12.60 -19.03
CA ARG A 621 8.43 -11.88 -20.02
C ARG A 621 8.23 -10.39 -19.80
N PRO A 622 8.84 -9.83 -18.77
CA PRO A 622 8.53 -8.46 -18.37
C PRO A 622 9.27 -7.41 -19.17
N VAL A 623 8.66 -6.22 -19.20
CA VAL A 623 9.33 -5.01 -19.68
C VAL A 623 10.05 -4.38 -18.50
N VAL A 624 11.29 -3.96 -18.72
CA VAL A 624 12.14 -3.47 -17.64
C VAL A 624 12.48 -2.01 -17.90
N ILE A 625 12.20 -1.16 -16.92
CA ILE A 625 12.68 0.21 -16.88
C ILE A 625 14.01 0.20 -16.13
N CYS A 626 15.10 0.53 -16.82
CA CYS A 626 16.43 0.39 -16.25
C CYS A 626 17.30 1.58 -16.67
N ASP A 627 18.52 1.61 -16.14
CA ASP A 627 19.48 2.64 -16.50
C ASP A 627 19.99 2.43 -17.93
N LYS A 628 20.32 3.54 -18.59
CA LYS A 628 20.82 3.48 -19.96
C LYS A 628 21.99 2.52 -20.09
N GLU A 629 22.85 2.46 -19.07
CA GLU A 629 24.12 1.76 -19.15
C GLU A 629 24.08 0.39 -18.49
N ASP A 630 22.90 -0.07 -18.07
CA ASP A 630 22.75 -1.41 -17.51
C ASP A 630 22.76 -2.42 -18.66
N THR A 631 23.97 -2.68 -19.18
CA THR A 631 24.10 -3.48 -20.39
C THR A 631 23.61 -4.91 -20.19
N GLU A 632 23.77 -5.46 -18.98
CA GLU A 632 23.40 -6.85 -18.74
C GLU A 632 21.91 -7.06 -18.96
N THR A 633 21.08 -6.22 -18.31
CA THR A 633 19.64 -6.42 -18.38
C THR A 633 19.09 -6.08 -19.76
N ILE A 634 19.71 -5.14 -20.47
CA ILE A 634 19.23 -4.76 -21.79
C ILE A 634 19.39 -5.91 -22.77
N LYS A 635 20.48 -6.68 -22.65
CA LYS A 635 20.69 -7.79 -23.56
C LYS A 635 19.78 -8.97 -23.23
N ASN A 636 19.58 -9.24 -21.93
CA ASN A 636 18.79 -10.39 -21.51
C ASN A 636 17.29 -10.09 -21.46
N THR A 637 16.89 -8.84 -21.65
CA THR A 637 15.48 -8.46 -21.67
C THR A 637 15.14 -7.89 -23.04
N LYS A 638 14.04 -8.36 -23.62
CA LYS A 638 13.64 -7.94 -24.96
C LYS A 638 13.39 -6.43 -25.00
N ARG A 639 12.34 -5.97 -24.33
CA ARG A 639 11.97 -4.56 -24.35
C ARG A 639 12.38 -3.91 -23.04
N THR A 640 13.22 -2.88 -23.13
CA THR A 640 13.66 -2.14 -21.96
C THR A 640 13.48 -0.66 -22.23
N ILE A 641 12.93 0.06 -21.24
CA ILE A 641 12.88 1.51 -21.26
C ILE A 641 14.11 2.02 -20.52
N LYS A 642 15.00 2.70 -21.23
CA LYS A 642 16.35 3.00 -20.75
C LYS A 642 16.41 4.47 -20.34
N VAL A 643 16.32 4.74 -19.04
CA VAL A 643 16.33 6.11 -18.55
C VAL A 643 17.73 6.45 -18.06
N PRO A 644 18.09 7.73 -17.97
CA PRO A 644 19.43 8.09 -17.52
C PRO A 644 19.57 7.99 -16.00
N HIS A 645 20.83 7.85 -15.59
CA HIS A 645 21.15 7.68 -14.17
C HIS A 645 21.15 9.02 -13.45
N SER A 646 20.55 9.03 -12.27
CA SER A 646 20.60 10.19 -11.39
C SER A 646 20.93 9.72 -9.98
N VAL A 647 20.84 10.61 -8.99
CA VAL A 647 21.06 10.18 -7.61
C VAL A 647 19.98 9.19 -7.24
N ASP A 648 20.33 8.26 -6.35
CA ASP A 648 19.40 7.17 -6.01
C ASP A 648 18.09 7.72 -5.46
N CYS A 649 18.15 8.77 -4.65
CA CYS A 649 16.95 9.34 -4.05
C CYS A 649 16.21 10.29 -4.99
N LEU A 650 16.65 10.42 -6.24
CA LEU A 650 15.95 11.20 -7.24
C LEU A 650 15.46 10.39 -8.43
N GLN A 651 15.94 9.14 -8.59
CA GLN A 651 15.55 8.34 -9.74
C GLN A 651 14.04 8.16 -9.84
N GLY A 652 13.36 8.13 -8.69
CA GLY A 652 11.92 7.96 -8.72
C GLY A 652 11.20 8.94 -9.63
N ILE A 653 11.78 10.13 -9.81
CA ILE A 653 11.19 11.12 -10.70
C ILE A 653 11.33 10.68 -12.15
N LEU A 654 12.49 10.14 -12.51
CA LEU A 654 12.72 9.74 -13.89
C LEU A 654 11.98 8.46 -14.23
N SER A 655 11.90 7.52 -13.30
CA SER A 655 11.29 6.24 -13.57
C SER A 655 9.77 6.28 -13.59
N VAL A 656 9.15 7.31 -13.01
CA VAL A 656 7.70 7.42 -13.03
C VAL A 656 7.20 8.07 -14.32
N ILE A 657 8.02 8.90 -14.95
CA ILE A 657 7.57 9.61 -16.15
C ILE A 657 7.23 8.66 -17.28
N PRO A 658 8.01 7.61 -17.55
CA PRO A 658 7.59 6.66 -18.60
C PRO A 658 6.23 6.04 -18.31
N LEU A 659 5.85 5.91 -17.04
CA LEU A 659 4.55 5.36 -16.69
C LEU A 659 3.45 6.40 -16.84
N GLN A 660 3.75 7.67 -16.55
CA GLN A 660 2.81 8.74 -16.88
C GLN A 660 2.48 8.71 -18.37
N LEU A 661 3.51 8.69 -19.22
CA LEU A 661 3.30 8.67 -20.67
C LEU A 661 2.57 7.40 -21.10
N LEU A 662 2.93 6.26 -20.53
CA LEU A 662 2.29 5.01 -20.91
C LEU A 662 0.78 5.08 -20.71
N ALA A 663 0.35 5.52 -19.52
CA ALA A 663 -1.07 5.70 -19.27
C ALA A 663 -1.68 6.67 -20.26
N PHE A 664 -0.95 7.74 -20.60
CA PHE A 664 -1.46 8.72 -21.55
C PHE A 664 -1.66 8.08 -22.92
N HIS A 665 -0.66 7.37 -23.43
CA HIS A 665 -0.75 6.84 -24.79
C HIS A 665 -1.76 5.71 -24.88
N LEU A 666 -1.84 4.85 -23.86
CA LEU A 666 -2.86 3.81 -23.86
C LEU A 666 -4.25 4.41 -23.96
N ALA A 667 -4.51 5.47 -23.19
CA ALA A 667 -5.82 6.11 -23.23
C ALA A 667 -6.12 6.66 -24.61
N VAL A 668 -5.15 7.33 -25.23
CA VAL A 668 -5.36 7.88 -26.56
C VAL A 668 -5.66 6.77 -27.55
N LEU A 669 -4.90 5.68 -27.50
CA LEU A 669 -5.11 4.57 -28.43
C LEU A 669 -6.52 4.01 -28.30
N ARG A 670 -7.06 3.98 -27.09
CA ARG A 670 -8.38 3.42 -26.83
C ARG A 670 -9.51 4.43 -27.01
N GLY A 671 -9.22 5.61 -27.55
CA GLY A 671 -10.25 6.58 -27.86
C GLY A 671 -10.77 7.36 -26.67
N TYR A 672 -10.05 7.36 -25.55
CA TYR A 672 -10.49 8.07 -24.36
C TYR A 672 -10.05 9.53 -24.41
N ASP A 673 -10.80 10.39 -23.71
CA ASP A 673 -10.43 11.79 -23.54
C ASP A 673 -9.68 11.92 -22.22
N VAL A 674 -8.36 12.14 -22.29
CA VAL A 674 -7.54 12.16 -21.08
C VAL A 674 -7.89 13.33 -20.18
N ASP A 675 -8.51 14.37 -20.72
CA ASP A 675 -8.94 15.53 -19.93
C ASP A 675 -10.37 15.41 -19.44
N PHE A 676 -11.00 14.24 -19.59
CA PHE A 676 -12.37 14.03 -19.14
C PHE A 676 -12.35 13.31 -17.79
N PRO A 677 -12.98 13.87 -16.75
CA PRO A 677 -12.93 13.26 -15.40
C PRO A 677 -13.27 11.77 -15.28
N ARG A 678 -14.45 11.36 -15.73
CA ARG A 678 -15.05 10.06 -15.41
C ARG A 678 -15.45 9.99 -13.94
N ASN A 679 -14.49 10.01 -13.03
CA ASN A 679 -14.77 9.92 -11.60
C ASN A 679 -15.84 10.92 -11.18
N LEU A 680 -17.11 10.54 -11.35
CA LEU A 680 -18.22 11.44 -11.01
C LEU A 680 -18.79 11.09 -9.64
N CYS B 2 12.64 -25.68 0.25
CA CYS B 2 13.48 -26.85 0.07
C CYS B 2 13.42 -27.76 1.29
N GLY B 3 13.55 -29.06 1.07
CA GLY B 3 13.46 -30.02 2.15
C GLY B 3 14.57 -31.05 2.07
N ILE B 4 14.90 -31.61 3.23
CA ILE B 4 15.95 -32.61 3.35
C ILE B 4 15.40 -33.81 4.12
N PHE B 5 15.75 -35.01 3.67
CA PHE B 5 15.34 -36.24 4.35
C PHE B 5 16.28 -37.35 3.94
N ALA B 6 16.78 -38.09 4.93
CA ALA B 6 17.65 -39.23 4.68
C ALA B 6 17.31 -40.34 5.67
N TYR B 7 17.52 -41.58 5.23
CA TYR B 7 17.20 -42.76 6.02
C TYR B 7 18.45 -43.62 6.15
N LEU B 8 18.90 -43.82 7.38
CA LEU B 8 20.09 -44.62 7.67
C LEU B 8 19.65 -45.76 8.60
N ASN B 9 19.53 -46.96 8.05
CA ASN B 9 19.19 -48.16 8.80
C ASN B 9 20.46 -48.96 9.03
N TYR B 10 20.94 -48.98 10.27
CA TYR B 10 22.17 -49.67 10.63
C TYR B 10 21.81 -51.01 11.26
N HIS B 11 22.12 -52.10 10.55
CA HIS B 11 21.80 -53.45 11.00
C HIS B 11 20.30 -53.62 11.26
N VAL B 12 19.48 -52.94 10.47
CA VAL B 12 18.03 -53.14 10.46
C VAL B 12 17.66 -53.53 9.03
N PRO B 13 17.63 -54.83 8.70
CA PRO B 13 17.42 -55.23 7.29
C PRO B 13 16.22 -54.56 6.62
N ARG B 14 16.50 -53.75 5.61
CA ARG B 14 15.47 -53.14 4.78
C ARG B 14 15.77 -53.45 3.32
N THR B 15 14.76 -53.92 2.61
CA THR B 15 14.92 -54.16 1.18
C THR B 15 14.98 -52.81 0.44
N ARG B 16 15.48 -52.86 -0.79
CA ARG B 16 15.66 -51.64 -1.58
C ARG B 16 14.34 -50.92 -1.81
N ARG B 17 13.20 -51.61 -1.68
CA ARG B 17 11.91 -50.96 -1.81
C ARG B 17 11.51 -50.28 -0.51
N GLU B 18 11.77 -50.92 0.63
CA GLU B 18 11.45 -50.31 1.92
C GLU B 18 12.18 -49.00 2.12
N ILE B 19 13.39 -48.87 1.57
CA ILE B 19 14.17 -47.65 1.74
C ILE B 19 13.64 -46.54 0.84
N LEU B 20 13.39 -46.86 -0.44
CA LEU B 20 12.90 -45.84 -1.37
C LEU B 20 11.54 -45.33 -0.95
N GLU B 21 10.63 -46.22 -0.54
CA GLU B 21 9.34 -45.79 -0.06
C GLU B 21 9.44 -45.00 1.24
N THR B 22 10.57 -45.10 1.95
CA THR B 22 10.80 -44.28 3.13
C THR B 22 11.34 -42.91 2.74
N LEU B 23 12.18 -42.85 1.72
CA LEU B 23 12.69 -41.55 1.25
C LEU B 23 11.59 -40.74 0.59
N ILE B 24 10.76 -41.39 -0.25
CA ILE B 24 9.64 -40.69 -0.88
C ILE B 24 8.66 -40.21 0.20
N LYS B 25 8.33 -41.10 1.15
CA LYS B 25 7.40 -40.74 2.21
C LYS B 25 7.92 -39.58 3.04
N GLY B 26 9.25 -39.44 3.16
CA GLY B 26 9.81 -38.32 3.90
C GLY B 26 9.68 -37.02 3.14
N LEU B 27 9.84 -37.06 1.82
CA LEU B 27 9.70 -35.85 1.02
C LEU B 27 8.25 -35.38 0.99
N GLN B 28 7.30 -36.32 0.96
CA GLN B 28 5.88 -35.93 1.02
C GLN B 28 5.60 -35.10 2.27
N ARG B 29 6.23 -35.46 3.39
CA ARG B 29 6.08 -34.68 4.61
C ARG B 29 6.71 -33.30 4.50
N LEU B 30 7.68 -33.13 3.60
CA LEU B 30 8.36 -31.86 3.40
C LEU B 30 7.97 -31.18 2.09
N GLU B 31 7.08 -31.79 1.30
CA GLU B 31 6.79 -31.27 -0.03
C GLU B 31 6.30 -29.82 0.01
N TYR B 32 5.58 -29.44 1.07
CA TYR B 32 5.03 -28.10 1.15
C TYR B 32 6.12 -27.03 1.22
N ARG B 33 7.36 -27.40 1.52
CA ARG B 33 8.47 -26.46 1.57
C ARG B 33 9.11 -26.24 0.20
N GLY B 34 8.69 -26.98 -0.82
CA GLY B 34 9.27 -26.86 -2.15
C GLY B 34 8.91 -28.07 -2.99
N TYR B 35 8.18 -27.85 -4.08
CA TYR B 35 7.66 -28.93 -4.90
C TYR B 35 7.90 -28.68 -6.39
N ASP B 36 9.00 -27.99 -6.73
CA ASP B 36 9.34 -27.80 -8.14
C ASP B 36 10.09 -28.99 -8.70
N SER B 37 10.85 -29.70 -7.87
CA SER B 37 11.59 -30.87 -8.30
C SER B 37 11.95 -31.69 -7.06
N ALA B 38 12.52 -32.87 -7.31
CA ALA B 38 12.86 -33.78 -6.22
C ALA B 38 13.94 -34.74 -6.71
N GLY B 39 14.50 -35.49 -5.77
CA GLY B 39 15.53 -36.46 -6.10
C GLY B 39 15.92 -37.28 -4.88
N VAL B 40 16.53 -38.43 -5.16
CA VAL B 40 16.99 -39.34 -4.12
C VAL B 40 18.38 -39.85 -4.49
N GLY B 41 19.09 -40.35 -3.48
CA GLY B 41 20.40 -40.93 -3.67
C GLY B 41 20.63 -42.15 -2.80
N PHE B 42 20.80 -43.31 -3.43
CA PHE B 42 20.93 -44.57 -2.71
C PHE B 42 22.04 -45.39 -3.38
N ASP B 43 22.25 -46.60 -2.86
CA ASP B 43 23.29 -47.48 -3.35
C ASP B 43 22.76 -48.33 -4.50
N GLY B 44 23.58 -48.48 -5.53
CA GLY B 44 23.23 -49.25 -6.71
C GLY B 44 23.78 -50.67 -6.66
N GLY B 45 23.99 -51.24 -7.84
CA GLY B 45 24.50 -52.60 -7.93
C GLY B 45 23.45 -53.62 -7.54
N ASN B 46 23.64 -54.87 -7.97
CA ASN B 46 22.70 -55.96 -7.68
C ASN B 46 23.51 -57.18 -7.23
N ASP B 47 24.00 -57.12 -5.99
CA ASP B 47 24.75 -58.21 -5.38
C ASP B 47 24.03 -58.65 -4.11
N LYS B 48 23.77 -59.95 -3.98
CA LYS B 48 23.08 -60.46 -2.81
C LYS B 48 23.74 -59.98 -1.53
N ASP B 49 25.06 -60.13 -1.43
CA ASP B 49 25.82 -59.60 -0.30
C ASP B 49 25.80 -58.08 -0.37
N TRP B 50 25.05 -57.45 0.56
CA TRP B 50 24.93 -56.00 0.56
C TRP B 50 26.27 -55.28 0.73
N GLU B 51 27.34 -56.01 1.12
CA GLU B 51 28.62 -55.36 1.32
C GLU B 51 29.27 -54.94 0.01
N ALA B 52 29.07 -55.74 -1.05
CA ALA B 52 29.67 -55.47 -2.36
C ALA B 52 28.83 -54.51 -3.19
N ASN B 53 28.01 -53.66 -2.57
CA ASN B 53 27.18 -52.70 -3.29
C ASN B 53 27.33 -51.27 -2.82
N ALA B 54 28.00 -51.03 -1.68
CA ALA B 54 28.16 -49.66 -1.17
C ALA B 54 29.11 -48.82 -2.00
N CYS B 55 29.77 -49.39 -3.01
CA CYS B 55 30.69 -48.66 -3.86
C CYS B 55 30.02 -48.12 -5.12
N LYS B 56 28.69 -48.16 -5.18
CA LYS B 56 27.95 -47.73 -6.37
C LYS B 56 26.77 -46.87 -5.91
N ILE B 57 26.82 -45.58 -6.23
CA ILE B 57 25.78 -44.64 -5.83
C ILE B 57 24.85 -44.42 -7.02
N GLN B 58 23.54 -44.48 -6.76
CA GLN B 58 22.52 -44.25 -7.77
C GLN B 58 21.78 -42.95 -7.46
N LEU B 59 21.57 -42.13 -8.48
CA LEU B 59 20.83 -40.87 -8.33
C LEU B 59 19.62 -40.90 -9.25
N ILE B 60 18.44 -40.73 -8.66
CA ILE B 60 17.19 -40.63 -9.40
C ILE B 60 16.57 -39.29 -9.07
N LYS B 61 16.63 -38.36 -10.03
CA LYS B 61 16.09 -37.02 -9.86
C LYS B 61 15.15 -36.71 -11.01
N LYS B 62 14.07 -36.00 -10.73
CA LYS B 62 13.08 -35.69 -11.75
C LYS B 62 12.38 -34.38 -11.43
N LYS B 63 12.01 -33.67 -12.50
CA LYS B 63 11.26 -32.43 -12.38
C LYS B 63 9.81 -32.72 -11.99
N GLY B 64 9.22 -31.80 -11.26
CA GLY B 64 7.85 -31.92 -10.80
C GLY B 64 7.78 -32.15 -9.30
N LYS B 65 6.57 -32.44 -8.83
CA LYS B 65 6.35 -32.72 -7.42
C LYS B 65 7.01 -34.06 -7.06
N VAL B 66 6.79 -34.51 -5.82
CA VAL B 66 7.36 -35.78 -5.39
C VAL B 66 6.69 -36.93 -6.10
N LYS B 67 5.40 -36.80 -6.43
CA LYS B 67 4.71 -37.88 -7.12
C LYS B 67 5.31 -38.16 -8.48
N ALA B 68 5.95 -37.16 -9.10
CA ALA B 68 6.67 -37.39 -10.35
C ALA B 68 7.93 -38.22 -10.11
N LEU B 69 8.57 -38.02 -8.97
CA LEU B 69 9.77 -38.81 -8.64
C LEU B 69 9.39 -40.21 -8.16
N ASP B 70 8.32 -40.32 -7.37
CA ASP B 70 7.90 -41.62 -6.88
C ASP B 70 7.66 -42.61 -8.01
N GLU B 71 7.17 -42.12 -9.16
CA GLU B 71 6.95 -42.99 -10.31
C GLU B 71 8.21 -43.21 -11.11
N GLU B 72 9.12 -42.23 -11.14
CA GLU B 72 10.39 -42.41 -11.82
C GLU B 72 11.24 -43.46 -11.12
N VAL B 73 11.22 -43.48 -9.78
CA VAL B 73 11.96 -44.49 -9.04
C VAL B 73 11.47 -45.88 -9.41
N HIS B 74 10.16 -46.11 -9.30
CA HIS B 74 9.59 -47.39 -9.67
C HIS B 74 9.66 -47.58 -11.19
N LYS B 75 9.19 -48.75 -11.64
CA LYS B 75 9.19 -49.12 -13.05
C LYS B 75 10.50 -48.74 -13.73
N GLN B 76 11.61 -49.21 -13.14
CA GLN B 76 12.93 -49.10 -13.75
C GLN B 76 13.46 -50.49 -14.08
N GLN B 77 14.23 -50.57 -15.16
CA GLN B 77 14.66 -51.85 -15.70
C GLN B 77 16.02 -52.31 -15.16
N ASP B 78 16.69 -51.49 -14.36
CA ASP B 78 18.02 -51.83 -13.83
C ASP B 78 18.04 -52.04 -12.32
N MET B 79 17.20 -51.33 -11.57
CA MET B 79 17.21 -51.42 -10.11
C MET B 79 16.33 -52.58 -9.67
N ASP B 80 16.95 -53.57 -9.01
CA ASP B 80 16.22 -54.67 -8.40
C ASP B 80 15.84 -54.25 -6.98
N LEU B 81 14.54 -54.05 -6.74
CA LEU B 81 14.06 -53.55 -5.46
C LEU B 81 13.99 -54.63 -4.38
N ASP B 82 14.65 -55.77 -4.57
CA ASP B 82 14.56 -56.88 -3.63
C ASP B 82 15.80 -57.07 -2.78
N ILE B 83 16.88 -56.33 -3.04
CA ILE B 83 18.13 -56.56 -2.32
C ILE B 83 17.95 -56.17 -0.85
N GLU B 84 18.28 -57.09 0.05
CA GLU B 84 18.22 -56.82 1.48
C GLU B 84 19.51 -56.13 1.92
N PHE B 85 19.36 -54.97 2.56
CA PHE B 85 20.48 -54.20 3.08
C PHE B 85 20.45 -54.21 4.60
N ASP B 86 21.48 -54.79 5.21
CA ASP B 86 21.61 -54.71 6.66
C ASP B 86 22.09 -53.32 7.10
N VAL B 87 22.95 -52.69 6.30
CA VAL B 87 23.39 -51.32 6.53
C VAL B 87 23.24 -50.56 5.23
N HIS B 88 22.68 -49.35 5.29
CA HIS B 88 22.45 -48.56 4.09
C HIS B 88 22.11 -47.14 4.49
N LEU B 89 22.50 -46.19 3.64
CA LEU B 89 22.20 -44.79 3.81
C LEU B 89 21.59 -44.25 2.53
N GLY B 90 20.48 -43.52 2.66
CA GLY B 90 19.84 -42.90 1.52
C GLY B 90 19.45 -41.47 1.81
N ILE B 91 19.75 -40.56 0.89
CA ILE B 91 19.48 -39.14 1.06
C ILE B 91 18.48 -38.69 0.02
N ALA B 92 17.59 -37.76 0.39
CA ALA B 92 16.55 -37.27 -0.49
C ALA B 92 16.47 -35.75 -0.37
N HIS B 93 15.70 -35.13 -1.26
CA HIS B 93 15.59 -33.68 -1.27
C HIS B 93 14.53 -33.19 -2.26
N THR B 94 13.65 -32.31 -1.79
CA THR B 94 12.73 -31.56 -2.65
C THR B 94 13.19 -30.12 -2.74
N ARG B 95 13.07 -29.53 -3.93
CA ARG B 95 13.71 -28.27 -4.24
C ARG B 95 12.67 -27.22 -4.60
N TRP B 96 12.89 -26.00 -4.11
CA TRP B 96 12.13 -24.81 -4.53
C TRP B 96 13.02 -24.05 -5.49
N ALA B 97 12.80 -24.23 -6.79
CA ALA B 97 13.64 -23.61 -7.83
C ALA B 97 13.18 -22.17 -8.02
N THR B 98 13.78 -21.27 -7.24
CA THR B 98 13.50 -19.85 -7.40
C THR B 98 14.12 -19.30 -8.67
N HIS B 99 15.22 -19.89 -9.13
CA HIS B 99 15.91 -19.45 -10.32
C HIS B 99 15.89 -20.55 -11.38
N GLY B 100 16.10 -20.15 -12.63
CA GLY B 100 16.23 -21.07 -13.73
C GLY B 100 15.15 -22.13 -13.80
N GLU B 101 15.40 -23.16 -14.61
CA GLU B 101 14.44 -24.24 -14.77
C GLU B 101 14.63 -25.28 -13.66
N PRO B 102 13.54 -25.93 -13.22
CA PRO B 102 13.64 -27.02 -12.23
C PRO B 102 14.04 -28.35 -12.86
N SER B 103 15.13 -28.35 -13.61
CA SER B 103 15.56 -29.52 -14.35
C SER B 103 16.16 -30.56 -13.39
N PRO B 104 16.19 -31.83 -13.80
CA PRO B 104 16.84 -32.84 -12.95
C PRO B 104 18.30 -32.54 -12.67
N VAL B 105 19.00 -31.88 -13.59
CA VAL B 105 20.41 -31.58 -13.39
C VAL B 105 20.58 -30.56 -12.26
N ASN B 106 19.60 -29.68 -12.07
CA ASN B 106 19.68 -28.67 -11.01
C ASN B 106 19.11 -29.16 -9.68
N SER B 107 18.36 -30.26 -9.68
CA SER B 107 17.84 -30.80 -8.44
C SER B 107 18.95 -31.48 -7.65
N HIS B 108 18.64 -31.83 -6.40
CA HIS B 108 19.57 -32.50 -5.51
C HIS B 108 19.16 -33.96 -5.33
N PRO B 109 20.07 -34.83 -4.87
CA PRO B 109 21.46 -34.58 -4.48
C PRO B 109 22.39 -34.24 -5.64
N GLN B 110 23.29 -33.28 -5.41
CA GLN B 110 24.35 -33.00 -6.37
C GLN B 110 25.45 -34.06 -6.25
N ARG B 111 26.38 -34.04 -7.20
CA ARG B 111 27.49 -34.98 -7.22
C ARG B 111 28.79 -34.23 -7.45
N SER B 112 29.90 -34.94 -7.24
CA SER B 112 31.23 -34.37 -7.39
C SER B 112 31.99 -34.91 -8.59
N ASP B 113 31.42 -35.86 -9.32
CA ASP B 113 32.08 -36.47 -10.48
C ASP B 113 31.10 -37.42 -11.15
N LYS B 114 31.52 -37.95 -12.30
CA LYS B 114 30.68 -38.85 -13.08
C LYS B 114 30.57 -40.24 -12.48
N ASN B 115 31.20 -40.49 -11.33
CA ASN B 115 31.10 -41.78 -10.66
C ASN B 115 30.43 -41.69 -9.29
N ASN B 116 30.00 -40.49 -8.88
CA ASN B 116 29.27 -40.30 -7.62
C ASN B 116 30.08 -40.82 -6.43
N GLU B 117 31.18 -40.11 -6.17
CA GLU B 117 31.98 -40.38 -4.98
C GLU B 117 31.49 -39.60 -3.77
N PHE B 118 30.92 -38.41 -3.98
CA PHE B 118 30.34 -37.61 -2.92
C PHE B 118 29.05 -36.99 -3.44
N ILE B 119 27.95 -37.23 -2.75
CA ILE B 119 26.66 -36.63 -3.08
C ILE B 119 26.14 -35.89 -1.86
N VAL B 120 25.63 -34.67 -2.08
CA VAL B 120 25.21 -33.79 -1.00
C VAL B 120 23.84 -33.22 -1.33
N ILE B 121 23.04 -32.99 -0.29
CA ILE B 121 21.76 -32.32 -0.39
C ILE B 121 21.84 -31.04 0.44
N HIS B 122 21.44 -29.92 -0.14
CA HIS B 122 21.68 -28.60 0.42
C HIS B 122 20.38 -27.81 0.52
N ASN B 123 20.19 -27.14 1.66
CA ASN B 123 19.09 -26.20 1.86
C ASN B 123 19.70 -24.85 2.22
N GLY B 124 19.58 -23.88 1.31
CA GLY B 124 20.11 -22.55 1.56
C GLY B 124 20.81 -21.95 0.35
N ILE B 125 21.74 -21.04 0.59
CA ILE B 125 22.49 -20.39 -0.47
C ILE B 125 23.93 -20.20 -0.01
N ILE B 126 24.86 -20.38 -0.94
CA ILE B 126 26.27 -20.10 -0.71
C ILE B 126 26.60 -18.77 -1.38
N THR B 127 27.04 -17.80 -0.60
CA THR B 127 27.24 -16.43 -1.08
C THR B 127 28.59 -16.21 -1.75
N ASN B 128 29.36 -17.29 -1.99
CA ASN B 128 30.63 -17.17 -2.68
C ASN B 128 30.89 -18.37 -3.58
N TYR B 129 29.82 -19.02 -4.07
CA TYR B 129 29.98 -20.19 -4.92
C TYR B 129 30.65 -19.83 -6.24
N LYS B 130 30.50 -18.59 -6.69
CA LYS B 130 31.16 -18.16 -7.92
C LYS B 130 32.67 -18.20 -7.77
N ASP B 131 33.19 -17.76 -6.61
CA ASP B 131 34.61 -17.88 -6.34
C ASP B 131 35.04 -19.34 -6.25
N LEU B 132 34.25 -20.15 -5.53
CA LEU B 132 34.57 -21.57 -5.40
C LEU B 132 34.50 -22.27 -6.74
N LYS B 133 33.66 -21.79 -7.66
CA LYS B 133 33.53 -22.44 -8.95
C LYS B 133 34.78 -22.25 -9.81
N LYS B 134 35.37 -21.06 -9.77
CA LYS B 134 36.58 -20.80 -10.56
C LYS B 134 37.79 -21.51 -9.98
N PHE B 135 37.87 -21.60 -8.64
CA PHE B 135 38.99 -22.30 -8.02
C PHE B 135 38.97 -23.79 -8.37
N LEU B 136 37.78 -24.40 -8.32
CA LEU B 136 37.68 -25.84 -8.60
C LEU B 136 37.87 -26.13 -10.08
N GLU B 137 37.49 -25.21 -10.96
CA GLU B 137 37.66 -25.43 -12.40
C GLU B 137 39.13 -25.42 -12.79
N SER B 138 39.96 -24.64 -12.09
CA SER B 138 41.38 -24.58 -12.43
C SER B 138 42.12 -25.83 -11.99
N LYS B 139 41.66 -26.48 -10.92
CA LYS B 139 42.32 -27.66 -10.42
C LYS B 139 41.97 -28.92 -11.19
N GLY B 140 40.91 -28.88 -12.01
CA GLY B 140 40.57 -30.01 -12.85
C GLY B 140 39.19 -30.58 -12.59
N TYR B 141 38.26 -29.74 -12.15
CA TYR B 141 36.89 -30.15 -11.87
C TYR B 141 35.94 -29.52 -12.89
N ASP B 142 35.06 -30.32 -13.47
CA ASP B 142 34.13 -29.87 -14.48
C ASP B 142 32.73 -29.74 -13.88
N PHE B 143 32.13 -28.56 -14.04
CA PHE B 143 30.81 -28.29 -13.51
C PHE B 143 29.74 -28.57 -14.54
N GLU B 144 28.59 -29.08 -14.08
CA GLU B 144 27.48 -29.46 -14.94
C GLU B 144 26.23 -28.62 -14.71
N SER B 145 25.93 -28.26 -13.46
CA SER B 145 24.71 -27.56 -13.13
C SER B 145 24.99 -26.09 -12.82
N GLU B 146 23.93 -25.30 -12.86
CA GLU B 146 24.00 -23.87 -12.57
C GLU B 146 23.74 -23.56 -11.09
N THR B 147 23.61 -24.59 -10.26
CA THR B 147 23.26 -24.38 -8.87
C THR B 147 24.50 -24.08 -8.03
N ASP B 148 24.26 -23.53 -6.84
CA ASP B 148 25.31 -23.29 -5.87
C ASP B 148 25.65 -24.53 -5.04
N THR B 149 24.80 -25.55 -5.09
CA THR B 149 25.06 -26.77 -4.32
C THR B 149 26.19 -27.59 -4.92
N GLU B 150 26.39 -27.49 -6.23
CA GLU B 150 27.42 -28.30 -6.87
C GLU B 150 28.82 -27.91 -6.40
N THR B 151 29.03 -26.63 -6.09
CA THR B 151 30.31 -26.19 -5.55
C THR B 151 30.60 -26.79 -4.18
N ILE B 152 29.59 -27.35 -3.50
CA ILE B 152 29.82 -28.03 -2.24
C ILE B 152 30.25 -29.47 -2.49
N ALA B 153 29.76 -30.09 -3.56
CA ALA B 153 30.15 -31.46 -3.88
C ALA B 153 31.53 -31.52 -4.50
N LYS B 154 31.80 -30.64 -5.47
CA LYS B 154 33.11 -30.61 -6.10
C LYS B 154 34.21 -30.21 -5.13
N LEU B 155 33.86 -29.63 -3.98
CA LEU B 155 34.84 -29.17 -3.00
C LEU B 155 35.12 -30.21 -1.92
N VAL B 156 34.09 -30.93 -1.44
CA VAL B 156 34.34 -32.00 -0.47
C VAL B 156 35.23 -33.07 -1.09
N LYS B 157 35.18 -33.22 -2.42
CA LYS B 157 36.10 -34.12 -3.11
C LYS B 157 37.49 -33.51 -3.24
N TYR B 158 37.59 -32.19 -3.36
CA TYR B 158 38.88 -31.53 -3.42
C TYR B 158 39.63 -31.69 -2.10
N MET B 159 38.94 -31.51 -0.97
CA MET B 159 39.53 -31.78 0.33
C MET B 159 39.88 -33.24 0.51
N TYR B 160 39.21 -34.13 -0.24
CA TYR B 160 39.53 -35.56 -0.19
C TYR B 160 40.71 -35.91 -1.07
N ASP B 161 40.91 -35.17 -2.17
CA ASP B 161 42.04 -35.43 -3.07
C ASP B 161 43.33 -34.77 -2.61
N ASN B 162 43.34 -34.14 -1.43
CA ASN B 162 44.54 -33.47 -0.93
C ASN B 162 44.67 -33.63 0.58
N ARG B 163 44.18 -34.74 1.12
CA ARG B 163 44.29 -34.98 2.55
C ARG B 163 45.73 -35.34 2.91
N GLU B 164 45.99 -35.46 4.22
CA GLU B 164 47.33 -35.74 4.73
C GLU B 164 47.53 -37.21 5.09
N SER B 165 46.51 -37.86 5.63
CA SER B 165 46.58 -39.27 6.01
C SER B 165 45.62 -40.08 5.17
N GLN B 166 45.90 -41.37 5.06
CA GLN B 166 45.10 -42.25 4.22
C GLN B 166 43.69 -42.45 4.77
N ASP B 167 43.45 -42.12 6.05
CA ASP B 167 42.15 -42.32 6.69
C ASP B 167 41.80 -41.08 7.52
N THR B 168 41.48 -39.99 6.82
CA THR B 168 40.95 -38.79 7.47
C THR B 168 39.43 -38.92 7.59
N SER B 169 38.91 -38.73 8.79
CA SER B 169 37.49 -38.93 9.04
C SER B 169 36.65 -38.08 8.09
N PHE B 170 35.45 -38.59 7.78
CA PHE B 170 34.52 -37.84 6.94
C PHE B 170 34.23 -36.46 7.55
N THR B 171 34.24 -36.36 8.87
CA THR B 171 34.05 -35.06 9.51
C THR B 171 35.12 -34.07 9.10
N THR B 172 36.38 -34.52 9.09
CA THR B 172 37.47 -33.61 8.71
C THR B 172 37.26 -33.04 7.33
N LEU B 173 36.85 -33.89 6.37
CA LEU B 173 36.59 -33.40 5.02
C LEU B 173 35.49 -32.34 5.03
N VAL B 174 34.35 -32.66 5.65
CA VAL B 174 33.24 -31.71 5.70
C VAL B 174 33.66 -30.44 6.43
N GLU B 175 34.47 -30.58 7.49
CA GLU B 175 34.91 -29.40 8.24
C GLU B 175 35.72 -28.45 7.36
N ARG B 176 36.56 -29.01 6.48
CA ARG B 176 37.34 -28.16 5.58
C ARG B 176 36.46 -27.49 4.53
N VAL B 177 35.32 -28.11 4.21
CA VAL B 177 34.41 -27.53 3.22
C VAL B 177 33.69 -26.32 3.80
N ILE B 178 33.01 -26.51 4.93
CA ILE B 178 32.22 -25.43 5.52
C ILE B 178 33.08 -24.22 5.83
N GLN B 179 34.39 -24.40 6.03
CA GLN B 179 35.29 -23.27 6.23
C GLN B 179 35.50 -22.46 4.97
N GLN B 180 35.23 -23.03 3.80
CA GLN B 180 35.31 -22.31 2.54
C GLN B 180 33.95 -21.86 2.02
N LEU B 181 32.87 -22.24 2.71
CA LEU B 181 31.52 -21.87 2.32
C LEU B 181 31.07 -20.65 3.11
N GLU B 182 30.48 -19.68 2.41
CA GLU B 182 29.90 -18.51 3.03
C GLU B 182 28.38 -18.57 2.91
N GLY B 183 27.70 -17.86 3.80
CA GLY B 183 26.25 -17.84 3.82
C GLY B 183 25.67 -18.91 4.72
N ALA B 184 24.42 -19.26 4.43
CA ALA B 184 23.69 -20.26 5.19
C ALA B 184 23.60 -21.56 4.40
N PHE B 185 23.47 -22.67 5.13
CA PHE B 185 23.40 -23.98 4.50
C PHE B 185 23.06 -25.04 5.54
N ALA B 186 22.38 -26.09 5.08
CA ALA B 186 22.13 -27.29 5.88
C ALA B 186 22.42 -28.49 4.99
N LEU B 187 23.49 -29.22 5.29
CA LEU B 187 24.02 -30.23 4.39
C LEU B 187 23.91 -31.62 5.01
N VAL B 188 23.81 -32.62 4.14
CA VAL B 188 23.85 -34.02 4.52
C VAL B 188 24.63 -34.77 3.45
N PHE B 189 25.77 -35.34 3.83
CA PHE B 189 26.70 -35.93 2.88
C PHE B 189 26.55 -37.45 2.83
N LYS B 190 26.93 -38.02 1.70
CA LYS B 190 27.05 -39.46 1.54
C LYS B 190 28.15 -39.73 0.51
N SER B 191 28.99 -40.72 0.78
CA SER B 191 30.13 -41.03 -0.07
C SER B 191 30.32 -42.53 -0.15
N VAL B 192 30.87 -43.00 -1.27
CA VAL B 192 31.20 -44.40 -1.41
C VAL B 192 32.40 -44.76 -0.54
N HIS B 193 33.32 -43.80 -0.34
CA HIS B 193 34.50 -44.06 0.48
C HIS B 193 34.11 -44.32 1.92
N PHE B 194 33.08 -43.63 2.42
CA PHE B 194 32.59 -43.81 3.78
C PHE B 194 31.24 -44.52 3.74
N PRO B 195 31.21 -45.82 3.52
CA PRO B 195 29.92 -46.52 3.37
C PRO B 195 29.10 -46.44 4.65
N GLY B 196 27.83 -46.06 4.49
CA GLY B 196 26.91 -45.97 5.61
C GLY B 196 27.09 -44.75 6.48
N GLN B 197 28.16 -43.98 6.31
CA GLN B 197 28.43 -42.82 7.13
C GLN B 197 27.73 -41.59 6.56
N ALA B 198 27.07 -40.83 7.42
CA ALA B 198 26.43 -39.58 7.07
C ALA B 198 26.99 -38.45 7.93
N VAL B 199 27.10 -37.27 7.34
CA VAL B 199 27.60 -36.08 8.03
C VAL B 199 26.59 -34.97 7.83
N GLY B 200 26.03 -34.47 8.94
CA GLY B 200 25.04 -33.41 8.89
C GLY B 200 25.46 -32.16 9.63
N THR B 201 25.88 -31.14 8.88
CA THR B 201 26.26 -29.85 9.45
C THR B 201 25.30 -28.78 8.99
N ARG B 202 25.10 -27.77 9.84
CA ARG B 202 24.18 -26.69 9.54
C ARG B 202 24.81 -25.35 9.92
N ARG B 203 24.21 -24.28 9.41
CA ARG B 203 24.61 -22.92 9.74
C ARG B 203 23.57 -21.95 9.20
N GLY B 204 22.63 -21.53 10.04
CA GLY B 204 21.56 -20.66 9.60
C GLY B 204 20.45 -21.36 8.84
N SER B 205 20.33 -22.68 8.99
CA SER B 205 19.28 -23.43 8.35
C SER B 205 18.97 -24.64 9.22
N PRO B 206 17.71 -25.03 9.38
CA PRO B 206 17.39 -26.15 10.28
C PRO B 206 17.98 -27.47 9.79
N LEU B 207 18.32 -28.33 10.75
CA LEU B 207 18.79 -29.68 10.46
C LEU B 207 18.85 -30.50 11.75
N LEU B 208 17.91 -31.42 11.92
CA LEU B 208 17.85 -32.28 13.10
C LEU B 208 18.12 -33.73 12.69
N ILE B 209 18.23 -34.59 13.69
CA ILE B 209 18.54 -36.00 13.49
C ILE B 209 17.60 -36.82 14.39
N GLY B 210 16.71 -37.60 13.77
CA GLY B 210 15.87 -38.51 14.51
C GLY B 210 16.53 -39.85 14.74
N VAL B 211 16.09 -40.55 15.78
CA VAL B 211 16.66 -41.84 16.16
C VAL B 211 15.55 -42.74 16.66
N ARG B 212 15.60 -44.01 16.26
CA ARG B 212 14.69 -45.03 16.74
C ARG B 212 15.45 -46.31 17.01
N SER B 213 15.07 -47.02 18.07
CA SER B 213 15.71 -48.27 18.43
C SER B 213 14.97 -48.93 19.59
N GLU B 214 14.68 -50.22 19.47
CA GLU B 214 14.01 -50.93 20.56
C GLU B 214 14.90 -51.10 21.79
N HIS B 215 16.20 -50.85 21.66
CA HIS B 215 17.12 -50.96 22.78
C HIS B 215 17.25 -49.60 23.50
N LYS B 216 17.96 -49.61 24.61
CA LYS B 216 18.19 -48.39 25.38
C LYS B 216 19.32 -47.58 24.76
N LEU B 217 19.18 -46.25 24.83
CA LEU B 217 20.19 -45.35 24.30
C LEU B 217 21.24 -45.07 25.36
N SER B 218 22.48 -44.83 24.90
CA SER B 218 23.61 -44.68 25.82
C SER B 218 23.58 -43.36 26.56
N THR B 219 22.86 -42.35 26.07
CA THR B 219 22.82 -41.05 26.74
C THR B 219 21.68 -40.25 26.16
N ASP B 220 21.42 -39.10 26.78
CA ASP B 220 20.42 -38.14 26.31
C ASP B 220 21.00 -36.73 26.20
N HIS B 221 22.33 -36.61 26.18
CA HIS B 221 22.99 -35.32 26.04
C HIS B 221 24.36 -35.57 25.39
N ILE B 222 24.37 -35.56 24.06
CA ILE B 222 25.59 -35.82 23.29
C ILE B 222 26.55 -34.66 23.54
N PRO B 223 27.77 -34.90 24.01
CA PRO B 223 28.70 -33.79 24.28
C PRO B 223 29.37 -33.30 23.00
N ILE B 224 29.17 -32.03 22.68
CA ILE B 224 29.82 -31.45 21.51
C ILE B 224 31.33 -31.51 21.70
N LEU B 225 32.05 -31.85 20.63
CA LEU B 225 33.48 -32.08 20.68
C LEU B 225 34.22 -30.97 19.94
N TYR B 226 35.55 -31.02 20.03
CA TYR B 226 36.42 -30.07 19.35
C TYR B 226 37.66 -30.81 18.85
N ARG B 227 38.02 -30.58 17.60
CA ARG B 227 39.19 -31.23 17.00
C ARG B 227 40.47 -30.84 17.74
N ASP B 242 34.41 -41.74 22.20
CA ASP B 242 34.47 -43.07 22.80
C ASP B 242 33.05 -43.56 23.13
N SER B 243 32.98 -44.67 23.87
CA SER B 243 31.68 -45.22 24.25
C SER B 243 30.88 -44.26 25.13
N THR B 244 31.54 -43.30 25.77
CA THR B 244 30.88 -42.30 26.59
C THR B 244 30.76 -40.95 25.88
N THR B 245 30.63 -40.97 24.55
CA THR B 245 30.52 -39.75 23.75
C THR B 245 29.48 -39.82 22.66
N CYS B 246 29.12 -41.00 22.16
CA CYS B 246 28.23 -41.14 21.01
C CYS B 246 26.88 -41.69 21.46
N LEU B 247 25.84 -41.37 20.69
CA LEU B 247 24.50 -41.89 20.92
C LEU B 247 24.32 -43.16 20.10
N PHE B 248 24.00 -44.26 20.77
CA PHE B 248 23.91 -45.56 20.12
C PHE B 248 23.23 -46.53 21.08
N PRO B 249 22.67 -47.62 20.54
CA PRO B 249 22.11 -48.65 21.43
C PRO B 249 23.20 -49.37 22.21
N VAL B 250 22.89 -49.72 23.45
CA VAL B 250 23.88 -50.26 24.37
C VAL B 250 24.32 -51.65 23.92
N GLU B 251 23.45 -52.64 24.13
CA GLU B 251 23.86 -54.03 23.96
C GLU B 251 23.98 -54.43 22.49
N GLU B 252 23.05 -53.98 21.65
CA GLU B 252 22.99 -54.40 20.26
C GLU B 252 23.27 -53.22 19.33
N LYS B 253 23.11 -53.45 18.03
CA LYS B 253 23.42 -52.45 17.02
C LYS B 253 22.20 -51.92 16.28
N ALA B 254 21.01 -52.45 16.56
CA ALA B 254 19.82 -52.02 15.85
C ALA B 254 19.52 -50.55 16.14
N VAL B 255 19.53 -49.73 15.08
CA VAL B 255 19.26 -48.31 15.21
C VAL B 255 18.87 -47.78 13.85
N GLU B 256 17.97 -46.79 13.83
CA GLU B 256 17.52 -46.15 12.60
C GLU B 256 17.58 -44.64 12.79
N TYR B 257 18.40 -43.97 11.99
CA TYR B 257 18.53 -42.52 12.03
C TYR B 257 17.65 -41.87 10.97
N TYR B 258 17.29 -40.62 11.21
CA TYR B 258 16.42 -39.85 10.31
C TYR B 258 16.91 -38.41 10.27
N PHE B 259 17.84 -38.14 9.34
CA PHE B 259 18.23 -36.76 9.08
C PHE B 259 17.10 -36.04 8.34
N ALA B 260 16.84 -34.81 8.74
CA ALA B 260 15.74 -34.04 8.14
C ALA B 260 15.91 -32.57 8.48
N SER B 261 15.29 -31.72 7.65
CA SER B 261 15.26 -30.29 7.88
C SER B 261 14.01 -29.84 8.62
N ASP B 262 13.08 -30.75 8.89
CA ASP B 262 11.88 -30.43 9.65
C ASP B 262 11.46 -31.66 10.44
N ALA B 263 10.59 -31.44 11.42
CA ALA B 263 10.17 -32.51 12.32
C ALA B 263 8.97 -33.30 11.79
N SER B 264 8.26 -32.77 10.77
CA SER B 264 7.09 -33.48 10.25
C SER B 264 7.49 -34.75 9.51
N ALA B 265 8.68 -34.78 8.92
CA ALA B 265 9.15 -35.96 8.21
C ALA B 265 9.68 -37.05 9.13
N VAL B 266 9.82 -36.77 10.42
CA VAL B 266 10.37 -37.73 11.37
C VAL B 266 9.36 -38.20 12.40
N ILE B 267 8.31 -37.42 12.67
CA ILE B 267 7.36 -37.79 13.73
C ILE B 267 6.70 -39.13 13.42
N GLU B 268 6.50 -39.45 12.14
CA GLU B 268 5.84 -40.70 11.78
C GLU B 268 6.67 -41.92 12.17
N HIS B 269 7.99 -41.78 12.20
CA HIS B 269 8.87 -42.89 12.54
C HIS B 269 9.34 -42.87 13.99
N THR B 270 9.51 -41.70 14.58
CA THR B 270 9.94 -41.60 15.97
C THR B 270 9.82 -40.16 16.42
N ASN B 271 9.70 -39.97 17.74
CA ASN B 271 9.64 -38.64 18.35
C ASN B 271 10.88 -38.34 19.19
N ARG B 272 12.02 -38.92 18.82
CA ARG B 272 13.29 -38.71 19.52
C ARG B 272 14.27 -38.12 18.51
N VAL B 273 14.53 -36.82 18.62
CA VAL B 273 15.40 -36.10 17.70
C VAL B 273 16.46 -35.36 18.49
N ILE B 274 17.46 -34.85 17.77
CA ILE B 274 18.56 -34.09 18.35
C ILE B 274 18.73 -32.84 17.48
N PHE B 275 18.06 -31.75 17.85
CA PHE B 275 18.19 -30.51 17.11
C PHE B 275 19.62 -29.99 17.17
N LEU B 276 20.30 -29.97 16.02
CA LEU B 276 21.66 -29.47 15.96
C LEU B 276 21.67 -27.95 16.10
N GLU B 277 22.88 -27.38 16.10
CA GLU B 277 23.08 -25.95 16.22
C GLU B 277 24.05 -25.49 15.15
N ASP B 278 24.20 -24.17 15.02
CA ASP B 278 25.09 -23.62 14.01
C ASP B 278 26.50 -24.17 14.18
N ASP B 279 27.05 -24.71 13.10
CA ASP B 279 28.41 -25.22 13.03
C ASP B 279 28.59 -26.55 13.76
N ASP B 280 27.49 -27.18 14.19
CA ASP B 280 27.57 -28.53 14.76
C ASP B 280 27.67 -29.53 13.61
N VAL B 281 28.78 -30.27 13.57
CA VAL B 281 29.05 -31.22 12.49
C VAL B 281 28.77 -32.61 13.06
N ALA B 282 27.52 -33.05 12.91
CA ALA B 282 27.16 -34.40 13.33
C ALA B 282 27.72 -35.43 12.36
N ALA B 283 27.91 -36.65 12.86
CA ALA B 283 28.48 -37.72 12.06
C ALA B 283 28.03 -39.05 12.62
N VAL B 284 27.41 -39.88 11.77
CA VAL B 284 26.99 -41.23 12.15
C VAL B 284 28.03 -42.19 11.59
N VAL B 285 28.83 -42.79 12.46
CA VAL B 285 29.87 -43.74 12.07
C VAL B 285 29.66 -45.02 12.87
N ASP B 286 29.70 -46.16 12.19
CA ASP B 286 29.44 -47.46 12.82
C ASP B 286 28.09 -47.45 13.55
N GLY B 287 27.15 -46.63 13.06
CA GLY B 287 25.86 -46.52 13.69
C GLY B 287 25.85 -45.73 14.97
N ARG B 288 26.88 -44.91 15.21
CA ARG B 288 26.99 -44.10 16.42
C ARG B 288 26.97 -42.63 16.03
N LEU B 289 26.05 -41.87 16.62
CA LEU B 289 25.92 -40.44 16.34
C LEU B 289 26.85 -39.65 17.26
N SER B 290 27.70 -38.82 16.66
CA SER B 290 28.60 -37.96 17.40
C SER B 290 28.62 -36.58 16.77
N ILE B 291 28.72 -35.56 17.61
CA ILE B 291 28.74 -34.17 17.17
C ILE B 291 30.15 -33.62 17.33
N HIS B 292 30.56 -32.77 16.39
CA HIS B 292 31.89 -32.18 16.39
C HIS B 292 31.76 -30.67 16.23
N ARG B 293 32.86 -29.97 16.52
CA ARG B 293 32.87 -28.52 16.44
C ARG B 293 34.28 -27.97 16.58
N ARG B 310 23.82 -30.26 22.39
CA ARG B 310 22.89 -31.30 21.95
C ARG B 310 22.08 -31.83 23.13
N ALA B 311 20.97 -32.51 22.81
CA ALA B 311 20.09 -33.07 23.83
C ALA B 311 18.98 -33.90 23.19
N VAL B 312 19.06 -35.22 23.34
CA VAL B 312 18.02 -36.11 22.83
C VAL B 312 16.74 -35.81 23.58
N GLN B 313 15.73 -35.29 22.88
CA GLN B 313 14.51 -34.81 23.49
C GLN B 313 13.30 -35.40 22.76
N THR B 314 12.14 -35.25 23.40
CA THR B 314 10.88 -35.77 22.87
C THR B 314 10.11 -34.64 22.20
N LEU B 315 9.61 -34.90 20.99
CA LEU B 315 8.82 -33.93 20.27
C LEU B 315 7.40 -33.87 20.81
N GLN B 316 6.89 -32.66 20.97
CA GLN B 316 5.54 -32.45 21.49
C GLN B 316 4.53 -32.31 20.35
N MET B 317 4.59 -33.23 19.40
CA MET B 317 3.73 -33.20 18.22
C MET B 317 3.12 -34.56 17.99
N GLU B 318 1.83 -34.56 17.65
CA GLU B 318 1.11 -35.79 17.31
C GLU B 318 0.93 -35.86 15.80
N LEU B 319 1.00 -37.08 15.26
CA LEU B 319 0.90 -37.25 13.81
C LEU B 319 -0.40 -36.67 13.28
N GLN B 320 -1.49 -36.80 14.03
CA GLN B 320 -2.78 -36.27 13.59
C GLN B 320 -2.67 -34.80 13.21
N GLN B 321 -1.74 -34.08 13.82
CA GLN B 321 -1.60 -32.64 13.55
C GLN B 321 -1.13 -32.35 12.13
N ILE B 322 -0.45 -33.30 11.49
CA ILE B 322 0.04 -33.10 10.13
C ILE B 322 -0.69 -34.02 9.15
N MET B 323 -1.90 -34.45 9.49
CA MET B 323 -2.74 -35.25 8.62
C MET B 323 -3.95 -34.44 8.17
N LYS B 324 -4.39 -34.68 6.95
CA LYS B 324 -5.56 -33.97 6.41
C LYS B 324 -6.85 -34.39 7.10
N GLY B 325 -6.85 -35.51 7.82
CA GLY B 325 -8.07 -36.00 8.42
C GLY B 325 -9.02 -36.47 7.34
N ASN B 326 -10.25 -35.98 7.39
CA ASN B 326 -11.27 -36.33 6.41
C ASN B 326 -11.46 -35.24 5.35
N PHE B 327 -10.61 -34.21 5.36
CA PHE B 327 -10.68 -33.15 4.37
C PHE B 327 -9.86 -33.53 3.14
N SER B 328 -10.26 -32.97 1.99
CA SER B 328 -9.57 -33.24 0.73
C SER B 328 -8.30 -32.41 0.56
N SER B 329 -8.05 -31.45 1.45
CA SER B 329 -6.87 -30.61 1.34
C SER B 329 -6.49 -30.10 2.72
N PHE B 330 -5.19 -29.84 2.90
CA PHE B 330 -4.72 -29.25 4.15
C PHE B 330 -5.32 -27.88 4.37
N MET B 331 -5.40 -27.06 3.32
CA MET B 331 -5.93 -25.71 3.48
C MET B 331 -7.36 -25.73 3.97
N GLN B 332 -8.19 -26.62 3.41
CA GLN B 332 -9.58 -26.69 3.84
C GLN B 332 -9.68 -27.10 5.31
N LYS B 333 -8.97 -28.16 5.69
CA LYS B 333 -8.88 -28.53 7.10
C LYS B 333 -8.51 -27.32 7.95
N GLU B 334 -7.42 -26.65 7.61
CA GLU B 334 -6.89 -25.57 8.43
C GLU B 334 -7.84 -24.37 8.50
N ILE B 335 -8.72 -24.20 7.51
CA ILE B 335 -9.74 -23.16 7.59
C ILE B 335 -10.85 -23.58 8.54
N PHE B 336 -11.40 -24.79 8.36
CA PHE B 336 -12.48 -25.27 9.20
C PHE B 336 -12.05 -25.60 10.61
N GLU B 337 -10.75 -25.73 10.87
CA GLU B 337 -10.25 -25.96 12.23
C GLU B 337 -9.99 -24.68 12.98
N GLN B 338 -10.24 -23.51 12.38
CA GLN B 338 -9.98 -22.25 13.07
C GLN B 338 -10.77 -22.10 14.36
N PRO B 339 -12.00 -22.62 14.50
CA PRO B 339 -12.62 -22.61 15.84
C PRO B 339 -11.75 -23.25 16.90
N GLU B 340 -11.05 -24.33 16.56
CA GLU B 340 -10.19 -25.02 17.51
C GLU B 340 -8.87 -24.28 17.70
N SER B 341 -8.22 -23.90 16.60
CA SER B 341 -6.94 -23.21 16.70
C SER B 341 -7.07 -21.89 17.44
N VAL B 342 -8.20 -21.20 17.26
CA VAL B 342 -8.45 -19.99 18.05
C VAL B 342 -8.50 -20.33 19.54
N VAL B 343 -9.18 -21.42 19.88
CA VAL B 343 -9.23 -21.85 21.28
C VAL B 343 -7.84 -22.20 21.79
N ASN B 344 -7.05 -22.90 20.97
CA ASN B 344 -5.70 -23.27 21.39
C ASN B 344 -4.82 -22.05 21.59
N THR B 345 -5.03 -20.99 20.79
CA THR B 345 -4.24 -19.78 20.96
C THR B 345 -4.51 -19.13 22.31
N MET B 346 -5.75 -19.19 22.77
CA MET B 346 -6.14 -18.59 24.05
C MET B 346 -5.99 -19.53 25.23
N ARG B 347 -5.72 -20.81 24.99
CA ARG B 347 -5.69 -21.80 26.06
C ARG B 347 -4.65 -21.42 27.11
N GLY B 348 -5.05 -21.48 28.38
CA GLY B 348 -4.17 -21.21 29.49
C GLY B 348 -3.68 -19.79 29.54
N ARG B 349 -4.32 -18.90 28.79
CA ARG B 349 -3.90 -17.51 28.71
C ARG B 349 -5.05 -16.55 28.99
N VAL B 350 -6.27 -16.96 28.67
CA VAL B 350 -7.46 -16.13 28.82
C VAL B 350 -8.38 -16.81 29.82
N ASN B 351 -8.76 -16.08 30.87
CA ASN B 351 -9.72 -16.55 31.85
C ASN B 351 -10.94 -15.64 31.78
N PHE B 352 -12.08 -16.23 31.41
CA PHE B 352 -13.30 -15.46 31.18
C PHE B 352 -14.13 -15.25 32.43
N ASP B 353 -13.87 -16.00 33.50
CA ASP B 353 -14.60 -15.79 34.75
C ASP B 353 -14.20 -14.48 35.41
N ASP B 354 -12.90 -14.16 35.41
CA ASP B 354 -12.39 -12.94 36.02
C ASP B 354 -11.85 -11.95 35.00
N TYR B 355 -11.92 -12.25 33.71
CA TYR B 355 -11.52 -11.32 32.65
C TYR B 355 -10.04 -10.94 32.80
N THR B 356 -9.18 -11.95 32.90
CA THR B 356 -7.74 -11.75 32.99
C THR B 356 -7.05 -12.38 31.79
N VAL B 357 -5.97 -11.74 31.36
CA VAL B 357 -5.14 -12.22 30.25
C VAL B 357 -3.70 -12.31 30.74
N ASN B 358 -3.08 -13.46 30.51
CA ASN B 358 -1.69 -13.68 30.91
C ASN B 358 -0.99 -14.48 29.83
N LEU B 359 0.03 -13.89 29.23
CA LEU B 359 0.86 -14.56 28.24
C LEU B 359 2.20 -14.87 28.91
N GLY B 360 2.38 -16.13 29.32
CA GLY B 360 3.56 -16.51 30.05
C GLY B 360 4.85 -16.08 29.38
N GLY B 361 4.89 -16.10 28.06
CA GLY B 361 6.09 -15.71 27.33
C GLY B 361 6.49 -14.27 27.50
N LEU B 362 5.62 -13.43 28.06
CA LEU B 362 5.89 -12.00 28.21
C LEU B 362 5.90 -11.54 29.65
N LYS B 363 5.80 -12.47 30.61
CA LYS B 363 5.66 -12.05 32.01
C LYS B 363 6.88 -11.28 32.49
N ASP B 364 8.08 -11.70 32.09
CA ASP B 364 9.31 -11.08 32.57
C ASP B 364 9.68 -9.81 31.80
N HIS B 365 8.86 -9.38 30.83
CA HIS B 365 9.18 -8.20 30.03
C HIS B 365 8.03 -7.22 29.91
N ILE B 366 6.81 -7.59 30.30
CA ILE B 366 5.66 -6.72 30.06
C ILE B 366 5.86 -5.38 30.74
N LYS B 367 6.48 -5.37 31.93
CA LYS B 367 6.70 -4.12 32.64
C LYS B 367 7.61 -3.19 31.85
N GLU B 368 8.71 -3.73 31.32
CA GLU B 368 9.63 -2.91 30.55
C GLU B 368 9.04 -2.50 29.21
N ILE B 369 8.14 -3.32 28.64
CA ILE B 369 7.50 -2.95 27.38
C ILE B 369 6.64 -1.71 27.57
N GLN B 370 5.96 -1.60 28.71
CA GLN B 370 5.06 -0.47 28.93
C GLN B 370 5.82 0.84 29.11
N ARG B 371 7.06 0.78 29.60
CA ARG B 371 7.89 1.97 29.69
C ARG B 371 8.48 2.39 28.36
N CYS B 372 8.25 1.65 27.29
CA CYS B 372 8.75 2.01 25.98
C CYS B 372 7.79 2.99 25.30
N ARG B 373 8.22 3.53 24.17
CA ARG B 373 7.54 4.65 23.54
C ARG B 373 6.98 4.36 22.15
N ARG B 374 7.25 3.20 21.57
CA ARG B 374 6.72 2.92 20.25
C ARG B 374 6.72 1.42 19.99
N LEU B 375 5.68 0.96 19.28
CA LEU B 375 5.58 -0.41 18.80
C LEU B 375 5.83 -0.44 17.30
N ILE B 376 6.67 -1.37 16.86
CA ILE B 376 6.92 -1.60 15.44
C ILE B 376 6.63 -3.06 15.14
N LEU B 377 5.73 -3.31 14.19
CA LEU B 377 5.40 -4.65 13.74
C LEU B 377 6.05 -4.88 12.38
N ILE B 378 6.83 -5.96 12.28
CA ILE B 378 7.64 -6.24 11.10
C ILE B 378 7.34 -7.67 10.66
N ALA B 379 6.96 -7.84 9.40
CA ALA B 379 6.55 -9.15 8.89
C ALA B 379 6.41 -9.08 7.39
N CYS B 380 6.11 -10.24 6.78
CA CYS B 380 5.90 -10.36 5.34
C CYS B 380 4.52 -10.92 5.07
N GLY B 381 3.96 -10.56 3.92
CA GLY B 381 2.76 -11.20 3.42
C GLY B 381 1.63 -11.24 4.43
N THR B 382 1.04 -12.42 4.59
CA THR B 382 -0.12 -12.56 5.47
C THR B 382 0.21 -12.18 6.91
N SER B 383 1.43 -12.44 7.37
CA SER B 383 1.82 -12.02 8.71
C SER B 383 1.84 -10.50 8.82
N TYR B 384 2.22 -9.81 7.74
CA TYR B 384 2.13 -8.36 7.75
C TYR B 384 0.68 -7.90 7.85
N HIS B 385 -0.23 -8.59 7.15
CA HIS B 385 -1.64 -8.23 7.24
C HIS B 385 -2.16 -8.36 8.65
N ALA B 386 -1.71 -9.39 9.39
CA ALA B 386 -2.11 -9.53 10.79
C ALA B 386 -1.78 -8.29 11.60
N GLY B 387 -0.66 -7.62 11.28
CA GLY B 387 -0.34 -6.38 11.95
C GLY B 387 -1.29 -5.26 11.55
N VAL B 388 -1.60 -5.16 10.26
CA VAL B 388 -2.58 -4.18 9.79
C VAL B 388 -3.95 -4.44 10.43
N ALA B 389 -4.28 -5.72 10.67
CA ALA B 389 -5.59 -6.06 11.22
C ALA B 389 -5.73 -5.67 12.69
N THR B 390 -4.61 -5.52 13.40
CA THR B 390 -4.63 -5.22 14.82
C THR B 390 -3.98 -3.89 15.17
N ARG B 391 -3.52 -3.12 14.19
CA ARG B 391 -2.86 -1.86 14.48
C ARG B 391 -3.77 -0.93 15.26
N GLN B 392 -5.03 -0.81 14.85
CA GLN B 392 -5.93 0.16 15.47
C GLN B 392 -6.15 -0.15 16.94
N VAL B 393 -6.43 -1.41 17.27
CA VAL B 393 -6.72 -1.76 18.66
C VAL B 393 -5.45 -1.68 19.51
N LEU B 394 -4.28 -1.91 18.90
CA LEU B 394 -3.03 -1.73 19.62
C LEU B 394 -2.81 -0.25 19.94
N GLU B 395 -3.08 0.64 19.00
CA GLU B 395 -3.03 2.06 19.28
C GLU B 395 -4.02 2.44 20.36
N GLU B 396 -5.21 1.84 20.33
CA GLU B 396 -6.26 2.20 21.28
C GLU B 396 -5.87 1.82 22.70
N LEU B 397 -5.45 0.56 22.90
CA LEU B 397 -5.28 0.04 24.25
C LEU B 397 -3.90 0.32 24.84
N THR B 398 -2.87 0.50 24.01
CA THR B 398 -1.56 0.89 24.51
C THR B 398 -1.34 2.40 24.49
N GLU B 399 -2.04 3.11 23.62
CA GLU B 399 -1.87 4.55 23.41
C GLU B 399 -0.49 4.90 22.85
N LEU B 400 0.27 3.90 22.41
CA LEU B 400 1.57 4.12 21.84
C LEU B 400 1.48 4.23 20.32
N PRO B 401 2.40 4.94 19.67
CA PRO B 401 2.49 4.84 18.22
C PRO B 401 2.74 3.40 17.79
N VAL B 402 2.03 2.99 16.75
CA VAL B 402 2.17 1.64 16.20
C VAL B 402 2.49 1.77 14.71
N MET B 403 3.65 1.27 14.31
CA MET B 403 4.12 1.33 12.94
C MET B 403 4.23 -0.09 12.41
N VAL B 404 3.61 -0.35 11.26
CA VAL B 404 3.59 -1.67 10.65
C VAL B 404 4.43 -1.62 9.38
N GLU B 405 5.38 -2.53 9.26
CA GLU B 405 6.40 -2.48 8.21
C GLU B 405 6.47 -3.82 7.48
N LEU B 406 6.58 -3.74 6.15
CA LEU B 406 6.94 -4.90 5.35
C LEU B 406 8.43 -5.15 5.47
N ALA B 407 8.81 -6.37 5.85
CA ALA B 407 10.19 -6.64 6.22
C ALA B 407 11.16 -6.27 5.11
N SER B 408 10.84 -6.66 3.87
CA SER B 408 11.75 -6.37 2.76
C SER B 408 12.01 -4.88 2.63
N ASP B 409 10.93 -4.07 2.68
CA ASP B 409 11.09 -2.62 2.58
C ASP B 409 11.75 -2.06 3.82
N PHE B 410 11.38 -2.57 5.00
CA PHE B 410 12.00 -2.14 6.24
C PHE B 410 13.52 -2.22 6.15
N ARG B 411 14.04 -3.25 5.50
CA ARG B 411 15.48 -3.42 5.37
C ARG B 411 16.07 -2.46 4.33
N ASP B 412 15.40 -2.29 3.19
CA ASP B 412 15.93 -1.44 2.14
C ASP B 412 16.15 0.00 2.63
N ARG B 413 15.28 0.49 3.51
CA ARG B 413 15.30 1.89 3.90
C ARG B 413 16.18 2.19 5.10
N ASN B 414 16.75 1.18 5.75
CA ASN B 414 17.48 1.35 7.01
C ASN B 414 16.66 2.18 7.99
N THR B 415 15.47 1.69 8.27
CA THR B 415 14.50 2.43 9.07
C THR B 415 15.11 2.82 10.43
N PRO B 416 14.88 4.04 10.90
CA PRO B 416 15.37 4.42 12.23
C PRO B 416 14.72 3.58 13.34
N VAL B 417 15.55 3.05 14.22
CA VAL B 417 15.12 2.26 15.36
C VAL B 417 15.94 2.67 16.58
N PHE B 418 15.31 2.68 17.75
CA PHE B 418 15.91 3.22 18.96
C PHE B 418 15.78 2.23 20.12
N ARG B 419 16.49 2.55 21.20
CA ARG B 419 16.56 1.63 22.34
C ARG B 419 15.21 1.48 23.03
N ASP B 420 14.37 2.51 23.00
CA ASP B 420 13.06 2.44 23.64
C ASP B 420 11.96 2.06 22.64
N ASP B 421 12.33 1.42 21.54
CA ASP B 421 11.36 0.82 20.63
C ASP B 421 11.12 -0.62 21.02
N VAL B 422 9.86 -1.04 20.95
CA VAL B 422 9.48 -2.45 21.08
C VAL B 422 9.12 -2.94 19.68
N CYS B 423 9.87 -3.92 19.20
CA CYS B 423 9.74 -4.42 17.83
C CYS B 423 9.19 -5.84 17.86
N PHE B 424 8.02 -6.02 17.23
CA PHE B 424 7.39 -7.32 17.10
C PHE B 424 7.72 -7.91 15.73
N PHE B 425 7.90 -9.22 15.69
CA PHE B 425 8.27 -9.94 14.47
C PHE B 425 7.29 -11.10 14.31
N LEU B 426 6.35 -10.94 13.38
CA LEU B 426 5.30 -11.92 13.16
C LEU B 426 5.73 -12.88 12.06
N SER B 427 5.85 -14.16 12.42
CA SER B 427 6.35 -15.15 11.46
C SER B 427 5.82 -16.52 11.89
N GLN B 428 4.85 -17.04 11.13
CA GLN B 428 4.36 -18.39 11.34
C GLN B 428 5.52 -19.38 11.44
N SER B 429 6.40 -19.37 10.43
CA SER B 429 7.52 -20.31 10.38
C SER B 429 8.62 -19.94 11.35
N GLY B 430 8.78 -18.65 11.66
CA GLY B 430 9.89 -18.22 12.49
C GLY B 430 11.25 -18.25 11.81
N GLU B 431 11.28 -18.44 10.48
CA GLU B 431 12.53 -18.52 9.74
C GLU B 431 12.56 -17.61 8.52
N THR B 432 11.48 -16.88 8.24
CA THR B 432 11.44 -16.01 7.06
C THR B 432 12.65 -15.08 7.06
N ALA B 433 13.32 -15.01 5.91
CA ALA B 433 14.61 -14.32 5.82
C ALA B 433 14.49 -12.85 6.16
N ASP B 434 13.65 -12.11 5.42
CA ASP B 434 13.57 -10.67 5.62
C ASP B 434 13.12 -10.33 7.03
N THR B 435 12.21 -11.13 7.60
CA THR B 435 11.79 -10.89 8.97
C THR B 435 12.92 -11.16 9.95
N LEU B 436 13.68 -12.24 9.72
CA LEU B 436 14.76 -12.59 10.63
C LEU B 436 15.90 -11.57 10.56
N MET B 437 16.23 -11.10 9.35
CA MET B 437 17.28 -10.10 9.23
C MET B 437 16.84 -8.77 9.81
N GLY B 438 15.57 -8.41 9.63
CA GLY B 438 15.06 -7.23 10.30
C GLY B 438 15.18 -7.33 11.81
N LEU B 439 15.01 -8.53 12.35
CA LEU B 439 15.16 -8.73 13.79
C LEU B 439 16.58 -8.40 14.24
N ARG B 440 17.57 -8.96 13.55
CA ARG B 440 18.96 -8.69 13.91
C ARG B 440 19.32 -7.22 13.71
N TYR B 441 18.70 -6.57 12.73
CA TYR B 441 18.85 -5.14 12.56
C TYR B 441 18.38 -4.40 13.81
N CYS B 442 17.19 -4.76 14.31
CA CYS B 442 16.64 -4.07 15.47
C CYS B 442 17.45 -4.37 16.73
N LYS B 443 17.92 -5.62 16.88
CA LYS B 443 18.74 -5.96 18.03
C LYS B 443 20.02 -5.13 18.05
N GLU B 444 20.62 -4.89 16.89
CA GLU B 444 21.86 -4.12 16.84
C GLU B 444 21.66 -2.71 17.37
N ARG B 445 20.44 -2.17 17.25
CA ARG B 445 20.14 -0.82 17.70
C ARG B 445 19.53 -0.78 19.09
N GLY B 446 19.55 -1.90 19.83
CA GLY B 446 19.16 -1.91 21.22
C GLY B 446 17.67 -1.98 21.48
N ALA B 447 16.86 -2.28 20.47
CA ALA B 447 15.43 -2.34 20.66
C ALA B 447 15.04 -3.61 21.43
N LEU B 448 13.90 -3.53 22.10
CA LEU B 448 13.32 -4.70 22.76
C LEU B 448 12.54 -5.50 21.73
N THR B 449 12.96 -6.75 21.51
CA THR B 449 12.42 -7.57 20.42
C THR B 449 11.47 -8.63 20.98
N VAL B 450 10.36 -8.83 20.26
CA VAL B 450 9.32 -9.77 20.65
C VAL B 450 8.95 -10.61 19.43
N GLY B 451 8.87 -11.92 19.62
CA GLY B 451 8.58 -12.85 18.53
C GLY B 451 7.17 -13.40 18.65
N ILE B 452 6.43 -13.32 17.54
CA ILE B 452 5.11 -13.92 17.43
C ILE B 452 5.20 -15.04 16.41
N THR B 453 5.43 -16.27 16.88
CA THR B 453 5.74 -17.39 16.00
C THR B 453 4.78 -18.54 16.23
N ASN B 454 4.76 -19.46 15.26
CA ASN B 454 4.00 -20.71 15.35
C ASN B 454 4.92 -21.92 15.35
N THR B 455 6.21 -21.71 15.62
CA THR B 455 7.21 -22.77 15.53
C THR B 455 8.17 -22.60 16.70
N VAL B 456 8.19 -23.58 17.61
CA VAL B 456 9.07 -23.53 18.76
C VAL B 456 10.49 -23.86 18.32
N GLY B 457 11.46 -23.17 18.91
CA GLY B 457 12.84 -23.35 18.55
C GLY B 457 13.27 -22.69 17.26
N SER B 458 12.36 -22.01 16.57
CA SER B 458 12.73 -21.31 15.34
C SER B 458 13.70 -20.18 15.65
N SER B 459 14.35 -19.69 14.60
CA SER B 459 15.34 -18.62 14.78
C SER B 459 14.72 -17.40 15.44
N ILE B 460 13.56 -16.97 14.94
CA ILE B 460 12.94 -15.75 15.46
C ILE B 460 12.50 -15.92 16.90
N SER B 461 12.07 -17.12 17.29
CA SER B 461 11.65 -17.33 18.68
C SER B 461 12.83 -17.39 19.63
N ARG B 462 13.99 -17.84 19.15
CA ARG B 462 15.19 -17.92 19.99
C ARG B 462 15.84 -16.56 20.16
N GLU B 463 15.99 -15.81 19.07
CA GLU B 463 16.80 -14.60 19.06
C GLU B 463 16.06 -13.37 19.56
N THR B 464 14.77 -13.47 19.87
CA THR B 464 14.03 -12.37 20.46
C THR B 464 14.13 -12.43 21.98
N ASP B 465 14.10 -11.24 22.60
CA ASP B 465 14.17 -11.17 24.06
C ASP B 465 13.04 -11.96 24.70
N CYS B 466 11.85 -11.92 24.10
CA CYS B 466 10.70 -12.67 24.55
C CYS B 466 9.84 -12.97 23.34
N GLY B 467 8.69 -13.59 23.56
CA GLY B 467 7.80 -13.88 22.47
C GLY B 467 6.60 -14.69 22.92
N VAL B 468 5.72 -14.95 21.97
CA VAL B 468 4.52 -15.73 22.18
C VAL B 468 4.42 -16.78 21.08
N HIS B 469 4.13 -18.02 21.47
CA HIS B 469 3.84 -19.07 20.50
C HIS B 469 2.32 -19.11 20.30
N ILE B 470 1.87 -18.76 19.10
CA ILE B 470 0.44 -18.67 18.83
C ILE B 470 -0.24 -20.04 18.98
N ASN B 471 0.52 -21.12 18.89
CA ASN B 471 0.03 -22.47 19.18
C ASN B 471 -1.20 -22.80 18.35
N ALA B 472 -1.10 -22.60 17.03
CA ALA B 472 -2.17 -22.92 16.11
C ALA B 472 -2.01 -24.31 15.51
N GLY B 473 -0.97 -25.04 15.87
CA GLY B 473 -0.69 -26.33 15.27
C GLY B 473 0.05 -26.16 13.96
N PRO B 474 0.62 -27.25 13.44
CA PRO B 474 1.35 -27.17 12.17
C PRO B 474 0.45 -26.69 11.05
N GLU B 475 0.97 -25.76 10.25
CA GLU B 475 0.29 -25.29 9.05
C GLU B 475 0.98 -25.89 7.84
N ILE B 476 0.25 -26.71 7.10
CA ILE B 476 0.81 -27.42 5.95
C ILE B 476 0.45 -26.73 4.64
N GLY B 477 -0.76 -26.17 4.55
CA GLY B 477 -1.13 -25.44 3.36
C GLY B 477 -0.21 -24.25 3.13
N VAL B 478 0.17 -24.04 1.88
CA VAL B 478 1.09 -22.95 1.56
C VAL B 478 0.49 -21.61 1.93
N ALA B 479 -0.81 -21.44 1.69
CA ALA B 479 -1.49 -20.20 2.04
C ALA B 479 -1.88 -20.24 3.51
N SER B 480 -1.36 -19.30 4.30
CA SER B 480 -1.64 -19.27 5.73
C SER B 480 -3.10 -18.90 5.96
N THR B 481 -3.77 -19.66 6.82
CA THR B 481 -5.15 -19.38 7.18
C THR B 481 -5.29 -19.28 8.69
N LYS B 482 -5.12 -20.41 9.40
CA LYS B 482 -5.20 -20.37 10.85
C LYS B 482 -4.06 -19.58 11.47
N ALA B 483 -2.89 -19.55 10.80
CA ALA B 483 -1.79 -18.73 11.31
C ALA B 483 -2.18 -17.27 11.37
N TYR B 484 -2.94 -16.79 10.38
CA TYR B 484 -3.37 -15.39 10.37
C TYR B 484 -4.32 -15.11 11.53
N THR B 485 -5.40 -15.88 11.65
CA THR B 485 -6.36 -15.63 12.71
C THR B 485 -5.75 -15.86 14.09
N SER B 486 -4.77 -16.77 14.21
CA SER B 486 -4.12 -16.99 15.49
C SER B 486 -3.19 -15.83 15.84
N GLN B 487 -2.45 -15.31 14.86
CA GLN B 487 -1.67 -14.09 15.08
C GLN B 487 -2.58 -12.94 15.49
N PHE B 488 -3.70 -12.78 14.78
CA PHE B 488 -4.71 -11.79 15.14
C PHE B 488 -5.05 -11.88 16.63
N VAL B 489 -5.54 -13.05 17.05
CA VAL B 489 -5.97 -13.21 18.44
C VAL B 489 -4.81 -12.95 19.39
N SER B 490 -3.60 -13.42 19.03
CA SER B 490 -2.46 -13.25 19.91
C SER B 490 -2.16 -11.76 20.13
N LEU B 491 -2.17 -10.97 19.05
CA LEU B 491 -1.91 -9.54 19.20
C LEU B 491 -3.00 -8.85 20.00
N VAL B 492 -4.24 -9.33 19.91
CA VAL B 492 -5.32 -8.77 20.74
C VAL B 492 -5.06 -9.07 22.21
N MET B 493 -4.63 -10.29 22.54
CA MET B 493 -4.35 -10.63 23.93
C MET B 493 -3.24 -9.75 24.50
N PHE B 494 -2.22 -9.45 23.68
CA PHE B 494 -1.17 -8.54 24.13
C PHE B 494 -1.75 -7.17 24.45
N ALA B 495 -2.58 -6.64 23.55
CA ALA B 495 -3.21 -5.36 23.79
C ALA B 495 -4.01 -5.37 25.09
N LEU B 496 -4.69 -6.48 25.37
CA LEU B 496 -5.47 -6.57 26.61
C LEU B 496 -4.58 -6.55 27.84
N MET B 497 -3.36 -7.05 27.74
CA MET B 497 -2.43 -6.99 28.87
C MET B 497 -1.93 -5.56 29.09
N MET B 498 -1.64 -4.85 28.00
CA MET B 498 -1.06 -3.52 28.09
C MET B 498 -1.98 -2.50 28.74
N CYS B 499 -3.27 -2.80 28.90
CA CYS B 499 -4.22 -1.86 29.45
C CYS B 499 -4.96 -2.42 30.67
N ASP B 500 -4.45 -3.49 31.27
CA ASP B 500 -5.13 -4.13 32.39
C ASP B 500 -5.07 -3.31 33.67
N ASP B 501 -4.39 -2.17 33.68
CA ASP B 501 -4.29 -1.31 34.85
C ASP B 501 -5.01 0.02 34.64
N ARG B 502 -5.78 0.16 33.56
CA ARG B 502 -6.48 1.40 33.24
C ARG B 502 -7.95 1.25 33.63
N ILE B 503 -8.38 2.01 34.64
CA ILE B 503 -9.77 1.97 35.07
C ILE B 503 -10.69 2.30 33.91
N SER B 504 -10.34 3.31 33.12
CA SER B 504 -11.21 3.78 32.05
C SER B 504 -11.41 2.75 30.95
N MET B 505 -10.50 1.76 30.84
CA MET B 505 -10.56 0.77 29.77
C MET B 505 -11.09 -0.57 30.24
N GLN B 506 -11.58 -0.66 31.47
CA GLN B 506 -12.04 -1.95 31.98
C GLN B 506 -13.23 -2.47 31.20
N GLU B 507 -14.23 -1.62 30.95
CA GLU B 507 -15.39 -2.06 30.19
C GLU B 507 -15.00 -2.46 28.77
N ARG B 508 -14.12 -1.69 28.14
CA ARG B 508 -13.66 -2.04 26.80
C ARG B 508 -12.98 -3.41 26.81
N ARG B 509 -12.16 -3.69 27.83
CA ARG B 509 -11.54 -5.01 27.93
C ARG B 509 -12.59 -6.10 28.06
N LYS B 510 -13.61 -5.88 28.90
CA LYS B 510 -14.66 -6.87 29.07
C LYS B 510 -15.37 -7.14 27.75
N GLU B 511 -15.74 -6.09 27.03
CA GLU B 511 -16.38 -6.24 25.73
C GLU B 511 -15.55 -7.14 24.81
N ILE B 512 -14.24 -6.88 24.75
CA ILE B 512 -13.38 -7.64 23.86
C ILE B 512 -13.28 -9.10 24.31
N MET B 513 -13.15 -9.32 25.62
CA MET B 513 -12.95 -10.68 26.12
C MET B 513 -14.21 -11.52 25.95
N LEU B 514 -15.38 -10.92 26.17
CA LEU B 514 -16.62 -11.63 25.88
C LEU B 514 -16.73 -11.96 24.40
N GLY B 515 -16.21 -11.07 23.54
CA GLY B 515 -16.17 -11.37 22.12
C GLY B 515 -15.29 -12.57 21.82
N LEU B 516 -14.12 -12.64 22.47
CA LEU B 516 -13.23 -13.78 22.28
C LEU B 516 -13.85 -15.06 22.80
N LYS B 517 -14.64 -14.97 23.88
CA LYS B 517 -15.32 -16.16 24.39
C LYS B 517 -16.32 -16.70 23.37
N ARG B 518 -17.03 -15.82 22.68
CA ARG B 518 -18.03 -16.21 21.71
C ARG B 518 -17.46 -16.41 20.31
N LEU B 519 -16.20 -16.04 20.09
CA LEU B 519 -15.63 -16.09 18.75
C LEU B 519 -15.63 -17.49 18.15
N PRO B 520 -15.22 -18.54 18.87
CA PRO B 520 -15.19 -19.87 18.24
C PRO B 520 -16.54 -20.28 17.66
N ASP B 521 -17.63 -20.05 18.39
CA ASP B 521 -18.94 -20.42 17.87
C ASP B 521 -19.35 -19.57 16.67
N LEU B 522 -18.97 -18.29 16.66
CA LEU B 522 -19.27 -17.45 15.51
C LEU B 522 -18.48 -17.89 14.28
N ILE B 523 -17.25 -18.34 14.46
CA ILE B 523 -16.49 -18.90 13.35
C ILE B 523 -17.22 -20.12 12.78
N LYS B 524 -17.77 -20.96 13.65
CA LYS B 524 -18.57 -22.09 13.18
C LYS B 524 -19.76 -21.61 12.36
N GLU B 525 -20.40 -20.51 12.79
CA GLU B 525 -21.53 -19.98 12.03
C GLU B 525 -21.10 -19.54 10.64
N VAL B 526 -19.91 -18.93 10.53
CA VAL B 526 -19.40 -18.53 9.22
C VAL B 526 -19.15 -19.76 8.35
N LEU B 527 -18.52 -20.79 8.93
CA LEU B 527 -18.20 -21.98 8.15
C LEU B 527 -19.45 -22.68 7.65
N SER B 528 -20.57 -22.53 8.35
CA SER B 528 -21.83 -23.14 7.90
C SER B 528 -22.35 -22.52 6.62
N MET B 529 -21.82 -21.36 6.20
CA MET B 529 -22.18 -20.75 4.94
C MET B 529 -21.29 -21.20 3.80
N ASP B 530 -20.57 -22.32 3.97
CA ASP B 530 -19.62 -22.76 2.96
C ASP B 530 -20.28 -22.93 1.60
N ASP B 531 -21.47 -23.54 1.56
CA ASP B 531 -22.15 -23.79 0.29
C ASP B 531 -22.58 -22.48 -0.37
N GLU B 532 -23.01 -21.51 0.44
CA GLU B 532 -23.40 -20.22 -0.13
C GLU B 532 -22.20 -19.50 -0.75
N ILE B 533 -21.03 -19.61 -0.12
CA ILE B 533 -19.81 -19.05 -0.71
C ILE B 533 -19.49 -19.78 -2.01
N GLN B 534 -19.65 -21.10 -2.02
CA GLN B 534 -19.32 -21.87 -3.22
C GLN B 534 -20.21 -21.45 -4.39
N LYS B 535 -21.49 -21.18 -4.13
CA LYS B 535 -22.38 -20.74 -5.20
C LYS B 535 -21.87 -19.45 -5.84
N LEU B 536 -21.61 -18.42 -5.03
CA LEU B 536 -21.09 -17.18 -5.59
C LEU B 536 -19.79 -17.39 -6.33
N ALA B 537 -18.96 -18.34 -5.88
CA ALA B 537 -17.72 -18.63 -6.59
C ALA B 537 -18.00 -19.08 -8.02
N THR B 538 -19.09 -19.83 -8.24
CA THR B 538 -19.42 -20.26 -9.59
C THR B 538 -19.79 -19.07 -10.49
N GLU B 539 -20.07 -17.91 -9.91
CA GLU B 539 -20.38 -16.71 -10.68
C GLU B 539 -19.14 -15.89 -11.01
N LEU B 540 -17.98 -16.20 -10.43
CA LEU B 540 -16.79 -15.39 -10.57
C LEU B 540 -15.59 -16.11 -11.17
N TYR B 541 -15.57 -17.45 -11.17
CA TYR B 541 -14.35 -18.17 -11.51
C TYR B 541 -13.86 -17.83 -12.90
N HIS B 542 -14.76 -17.40 -13.80
CA HIS B 542 -14.34 -17.08 -15.17
C HIS B 542 -13.75 -15.68 -15.30
N GLN B 543 -13.89 -14.83 -14.29
CA GLN B 543 -13.43 -13.45 -14.38
C GLN B 543 -11.90 -13.38 -14.26
N LYS B 544 -11.35 -12.29 -14.78
CA LYS B 544 -9.91 -12.06 -14.72
C LYS B 544 -9.48 -11.23 -13.53
N SER B 545 -10.36 -10.37 -13.01
CA SER B 545 -10.01 -9.47 -11.93
C SER B 545 -11.16 -9.39 -10.93
N VAL B 546 -10.82 -8.99 -9.70
CA VAL B 546 -11.81 -8.68 -8.68
C VAL B 546 -11.20 -7.68 -7.72
N LEU B 547 -11.94 -6.61 -7.43
CA LEU B 547 -11.50 -5.60 -6.48
C LEU B 547 -12.19 -5.84 -5.14
N ILE B 548 -11.42 -5.86 -4.07
CA ILE B 548 -11.93 -6.08 -2.72
C ILE B 548 -11.70 -4.80 -1.92
N MET B 549 -12.77 -4.22 -1.41
CA MET B 549 -12.74 -2.88 -0.84
C MET B 549 -13.19 -2.91 0.61
N GLY B 550 -12.45 -2.20 1.45
CA GLY B 550 -12.78 -2.07 2.86
C GLY B 550 -11.94 -0.99 3.48
N ARG B 551 -12.31 -0.61 4.71
CA ARG B 551 -11.57 0.39 5.44
C ARG B 551 -11.64 0.10 6.93
N GLY B 552 -10.86 0.86 7.69
CA GLY B 552 -10.83 0.67 9.13
C GLY B 552 -10.31 -0.71 9.49
N TYR B 553 -11.06 -1.40 10.35
CA TYR B 553 -10.67 -2.73 10.80
C TYR B 553 -10.60 -3.73 9.66
N HIS B 554 -11.19 -3.39 8.49
CA HIS B 554 -11.28 -4.33 7.38
C HIS B 554 -10.43 -3.91 6.20
N TYR B 555 -9.53 -2.95 6.39
CA TYR B 555 -8.46 -2.74 5.42
C TYR B 555 -7.61 -4.01 5.30
N ALA B 556 -7.19 -4.57 6.43
CA ALA B 556 -6.43 -5.82 6.41
C ALA B 556 -7.24 -6.93 5.75
N THR B 557 -8.55 -6.97 6.00
CA THR B 557 -9.38 -8.03 5.45
C THR B 557 -9.34 -8.03 3.93
N CYS B 558 -9.45 -6.85 3.31
CA CYS B 558 -9.46 -6.80 1.85
C CYS B 558 -8.07 -7.01 1.27
N LEU B 559 -7.01 -6.73 2.02
CA LEU B 559 -5.66 -7.03 1.55
C LEU B 559 -5.38 -8.53 1.63
N GLU B 560 -5.75 -9.16 2.75
CA GLU B 560 -5.51 -10.59 2.91
C GLU B 560 -6.40 -11.40 1.97
N GLY B 561 -7.64 -10.98 1.80
CA GLY B 561 -8.52 -11.66 0.85
C GLY B 561 -8.02 -11.57 -0.57
N ALA B 562 -7.49 -10.40 -0.95
CA ALA B 562 -6.93 -10.26 -2.29
C ALA B 562 -5.68 -11.12 -2.45
N LEU B 563 -4.85 -11.19 -1.41
CA LEU B 563 -3.64 -12.01 -1.49
C LEU B 563 -3.99 -13.48 -1.62
N LYS B 564 -4.96 -13.97 -0.84
CA LYS B 564 -5.36 -15.36 -0.94
C LYS B 564 -5.83 -15.71 -2.35
N ILE B 565 -6.67 -14.85 -2.93
CA ILE B 565 -7.20 -15.13 -4.27
C ILE B 565 -6.07 -15.10 -5.30
N LYS B 566 -5.13 -14.16 -5.15
CA LYS B 566 -3.94 -14.18 -5.99
C LYS B 566 -3.23 -15.53 -5.90
N GLU B 567 -3.05 -16.03 -4.68
CA GLU B 567 -2.08 -17.09 -4.43
C GLU B 567 -2.55 -18.44 -4.97
N ILE B 568 -3.81 -18.81 -4.71
CA ILE B 568 -4.28 -20.15 -5.03
C ILE B 568 -5.25 -20.19 -6.22
N THR B 569 -5.89 -19.07 -6.58
CA THR B 569 -6.76 -19.05 -7.74
C THR B 569 -6.11 -18.44 -8.98
N TYR B 570 -5.13 -17.56 -8.79
CA TYR B 570 -4.40 -16.90 -9.87
C TYR B 570 -5.23 -15.81 -10.55
N MET B 571 -6.41 -15.51 -10.03
CA MET B 571 -7.14 -14.33 -10.49
C MET B 571 -6.42 -13.07 -10.02
N HIS B 572 -6.60 -12.00 -10.78
CA HIS B 572 -5.97 -10.71 -10.44
C HIS B 572 -6.89 -9.97 -9.47
N SER B 573 -6.74 -10.32 -8.20
CA SER B 573 -7.50 -9.69 -7.13
C SER B 573 -6.63 -8.65 -6.43
N GLU B 574 -7.24 -7.50 -6.11
CA GLU B 574 -6.52 -6.39 -5.50
C GLU B 574 -7.37 -5.78 -4.39
N GLY B 575 -6.73 -5.50 -3.26
CA GLY B 575 -7.39 -4.83 -2.15
C GLY B 575 -7.26 -3.33 -2.30
N ILE B 576 -8.38 -2.63 -2.16
CA ILE B 576 -8.43 -1.18 -2.34
C ILE B 576 -9.04 -0.57 -1.08
N LEU B 577 -8.28 0.30 -0.42
CA LEU B 577 -8.81 1.05 0.70
C LEU B 577 -10.02 1.86 0.26
N ALA B 578 -11.15 1.66 0.92
CA ALA B 578 -12.40 2.24 0.45
C ALA B 578 -12.31 3.77 0.38
N GLY B 579 -11.71 4.40 1.39
CA GLY B 579 -11.57 5.84 1.39
C GLY B 579 -10.71 6.39 0.26
N GLU B 580 -9.99 5.52 -0.45
CA GLU B 580 -9.14 5.94 -1.55
C GLU B 580 -9.82 5.84 -2.92
N LEU B 581 -11.00 5.22 -2.99
CA LEU B 581 -11.68 5.06 -4.26
C LEU B 581 -11.82 6.38 -5.01
N LYS B 582 -12.29 7.41 -4.33
CA LYS B 582 -12.56 8.69 -4.96
C LYS B 582 -11.31 9.37 -5.51
N HIS B 583 -10.12 8.88 -5.17
CA HIS B 583 -8.87 9.52 -5.57
C HIS B 583 -8.22 8.86 -6.77
N GLY B 584 -8.94 7.98 -7.48
CA GLY B 584 -8.42 7.43 -8.72
C GLY B 584 -8.93 6.04 -9.04
N PRO B 585 -8.72 5.08 -8.13
CA PRO B 585 -9.07 3.69 -8.44
C PRO B 585 -10.52 3.48 -8.84
N LEU B 586 -11.44 4.35 -8.41
CA LEU B 586 -12.85 4.17 -8.75
C LEU B 586 -13.08 4.17 -10.25
N ALA B 587 -12.20 4.79 -11.02
CA ALA B 587 -12.35 4.81 -12.48
C ALA B 587 -12.32 3.41 -13.07
N LEU B 588 -11.77 2.44 -12.36
CA LEU B 588 -11.68 1.07 -12.87
C LEU B 588 -12.98 0.30 -12.72
N VAL B 589 -13.96 0.84 -12.02
CA VAL B 589 -15.21 0.13 -11.74
C VAL B 589 -16.21 0.41 -12.86
N ASP B 590 -16.73 -0.66 -13.45
CA ASP B 590 -17.87 -0.58 -14.35
C ASP B 590 -18.74 -1.80 -14.10
N LYS B 591 -19.80 -1.96 -14.90
CA LYS B 591 -20.72 -3.09 -14.70
C LYS B 591 -20.03 -4.44 -14.90
N LEU B 592 -18.88 -4.47 -15.57
CA LEU B 592 -18.19 -5.71 -15.84
C LEU B 592 -17.15 -6.06 -14.77
N MET B 593 -16.62 -5.08 -14.05
CA MET B 593 -15.56 -5.33 -13.08
C MET B 593 -16.13 -5.94 -11.81
N PRO B 594 -15.75 -7.17 -11.45
CA PRO B 594 -16.24 -7.74 -10.18
C PRO B 594 -15.71 -6.95 -8.99
N VAL B 595 -16.55 -6.83 -7.97
CA VAL B 595 -16.22 -6.06 -6.78
C VAL B 595 -16.77 -6.78 -5.55
N ILE B 596 -15.97 -6.83 -4.50
CA ILE B 596 -16.40 -7.32 -3.20
C ILE B 596 -16.16 -6.20 -2.19
N MET B 597 -17.19 -5.87 -1.42
CA MET B 597 -17.10 -4.82 -0.43
C MET B 597 -17.40 -5.38 0.96
N ILE B 598 -16.77 -4.78 1.96
CA ILE B 598 -16.93 -5.19 3.36
C ILE B 598 -17.53 -4.00 4.10
N ILE B 599 -18.75 -4.19 4.61
CA ILE B 599 -19.48 -3.14 5.32
C ILE B 599 -19.98 -3.74 6.63
N MET B 600 -19.28 -3.46 7.71
CA MET B 600 -19.62 -3.97 9.03
C MET B 600 -20.15 -2.85 9.91
N ARG B 601 -20.90 -3.25 10.94
CA ARG B 601 -21.54 -2.30 11.85
C ARG B 601 -20.51 -1.83 12.88
N ASP B 602 -19.58 -0.99 12.40
CA ASP B 602 -18.66 -0.28 13.28
C ASP B 602 -18.72 1.21 12.97
N HIS B 603 -17.77 1.98 13.48
CA HIS B 603 -17.84 3.43 13.35
C HIS B 603 -17.65 3.92 11.91
N THR B 604 -17.20 3.06 11.00
CA THR B 604 -17.00 3.44 9.61
C THR B 604 -18.19 3.07 8.73
N TYR B 605 -19.31 2.67 9.33
CA TYR B 605 -20.45 2.17 8.56
C TYR B 605 -20.92 3.20 7.53
N ALA B 606 -21.18 4.43 7.98
CA ALA B 606 -21.67 5.46 7.07
C ALA B 606 -20.69 5.67 5.91
N LYS B 607 -19.39 5.76 6.23
CA LYS B 607 -18.39 5.95 5.19
C LYS B 607 -18.36 4.76 4.23
N CYS B 608 -18.50 3.54 4.76
CA CYS B 608 -18.56 2.36 3.90
C CYS B 608 -19.79 2.41 3.00
N GLN B 609 -20.90 2.92 3.53
CA GLN B 609 -22.10 3.06 2.71
C GLN B 609 -21.88 4.06 1.57
N ASN B 610 -21.15 5.14 1.84
CA ASN B 610 -20.84 6.11 0.80
C ASN B 610 -20.00 5.47 -0.30
N ALA B 611 -19.02 4.65 0.07
CA ALA B 611 -18.21 3.96 -0.93
C ALA B 611 -19.07 3.01 -1.75
N LEU B 612 -20.00 2.31 -1.11
CA LEU B 612 -20.90 1.42 -1.85
C LEU B 612 -21.74 2.20 -2.84
N GLN B 613 -22.26 3.37 -2.43
CA GLN B 613 -23.03 4.20 -3.34
C GLN B 613 -22.19 4.63 -4.54
N GLN B 614 -20.93 4.99 -4.31
CA GLN B 614 -20.05 5.36 -5.40
C GLN B 614 -19.85 4.20 -6.37
N VAL B 615 -19.67 2.98 -5.84
CA VAL B 615 -19.53 1.81 -6.70
C VAL B 615 -20.78 1.60 -7.54
N VAL B 616 -21.95 1.71 -6.91
CA VAL B 616 -23.20 1.48 -7.64
C VAL B 616 -23.38 2.53 -8.72
N ALA B 617 -23.08 3.80 -8.41
CA ALA B 617 -23.21 4.86 -9.40
C ALA B 617 -22.39 4.57 -10.65
N ARG B 618 -21.22 3.93 -10.48
CA ARG B 618 -20.41 3.50 -11.61
C ARG B 618 -20.90 2.19 -12.23
N GLN B 619 -22.13 1.79 -11.95
CA GLN B 619 -22.75 0.58 -12.48
C GLN B 619 -22.16 -0.70 -11.89
N GLY B 620 -21.38 -0.61 -10.83
CA GLY B 620 -20.84 -1.81 -10.20
C GLY B 620 -21.93 -2.60 -9.50
N ARG B 621 -21.82 -3.93 -9.58
CA ARG B 621 -22.76 -4.86 -8.96
C ARG B 621 -21.99 -5.70 -7.95
N PRO B 622 -21.69 -5.16 -6.77
CA PRO B 622 -20.74 -5.81 -5.86
C PRO B 622 -21.37 -6.81 -4.92
N VAL B 623 -20.55 -7.78 -4.52
CA VAL B 623 -20.88 -8.66 -3.39
C VAL B 623 -20.47 -7.95 -2.12
N VAL B 624 -21.40 -7.85 -1.17
CA VAL B 624 -21.16 -7.14 0.09
C VAL B 624 -21.12 -8.16 1.21
N ILE B 625 -19.99 -8.20 1.92
CA ILE B 625 -19.89 -8.92 3.18
C ILE B 625 -20.34 -7.97 4.28
N CYS B 626 -21.45 -8.30 4.94
CA CYS B 626 -22.06 -7.41 5.91
C CYS B 626 -22.55 -8.21 7.10
N ASP B 627 -23.10 -7.50 8.08
CA ASP B 627 -23.67 -8.11 9.27
C ASP B 627 -25.06 -8.65 8.99
N LYS B 628 -25.46 -9.66 9.76
CA LYS B 628 -26.78 -10.28 9.57
C LYS B 628 -27.90 -9.27 9.80
N GLU B 629 -27.75 -8.41 10.81
CA GLU B 629 -28.79 -7.45 11.15
C GLU B 629 -28.81 -6.23 10.23
N ASP B 630 -27.83 -6.09 9.36
CA ASP B 630 -27.76 -4.95 8.45
C ASP B 630 -28.84 -5.07 7.39
N THR B 631 -30.11 -4.86 7.80
CA THR B 631 -31.23 -5.06 6.89
C THR B 631 -31.14 -4.13 5.68
N GLU B 632 -30.73 -2.88 5.89
CA GLU B 632 -30.67 -1.93 4.79
C GLU B 632 -29.77 -2.45 3.67
N THR B 633 -28.55 -2.87 4.02
CA THR B 633 -27.62 -3.37 3.02
C THR B 633 -28.15 -4.62 2.34
N ILE B 634 -28.80 -5.50 3.12
CA ILE B 634 -29.26 -6.78 2.57
C ILE B 634 -30.39 -6.56 1.57
N LYS B 635 -31.26 -5.57 1.82
CA LYS B 635 -32.37 -5.32 0.92
C LYS B 635 -31.89 -4.77 -0.41
N ASN B 636 -30.92 -3.86 -0.38
CA ASN B 636 -30.51 -3.13 -1.57
C ASN B 636 -29.35 -3.80 -2.31
N THR B 637 -28.92 -4.97 -1.88
CA THR B 637 -27.81 -5.69 -2.53
C THR B 637 -28.24 -7.12 -2.79
N LYS B 638 -28.07 -7.55 -4.04
CA LYS B 638 -28.49 -8.89 -4.44
C LYS B 638 -27.66 -9.95 -3.71
N ARG B 639 -26.35 -9.93 -3.90
CA ARG B 639 -25.45 -10.90 -3.31
C ARG B 639 -24.87 -10.31 -2.03
N THR B 640 -25.23 -10.90 -0.88
CA THR B 640 -24.69 -10.49 0.41
C THR B 640 -24.25 -11.72 1.18
N ILE B 641 -23.06 -11.65 1.76
CA ILE B 641 -22.56 -12.66 2.68
C ILE B 641 -22.78 -12.10 4.09
N LYS B 642 -23.70 -12.71 4.82
CA LYS B 642 -24.17 -12.18 6.10
C LYS B 642 -23.45 -12.94 7.22
N VAL B 643 -22.53 -12.25 7.89
CA VAL B 643 -21.76 -12.86 8.97
C VAL B 643 -22.30 -12.35 10.30
N PRO B 644 -22.16 -13.11 11.39
CA PRO B 644 -22.62 -12.62 12.68
C PRO B 644 -21.77 -11.47 13.18
N HIS B 645 -22.36 -10.64 14.03
CA HIS B 645 -21.68 -9.47 14.56
C HIS B 645 -20.83 -9.83 15.77
N SER B 646 -19.60 -9.32 15.78
CA SER B 646 -18.73 -9.44 16.94
C SER B 646 -18.22 -8.06 17.31
N VAL B 647 -17.27 -8.00 18.26
CA VAL B 647 -16.70 -6.71 18.62
C VAL B 647 -15.97 -6.14 17.41
N ASP B 648 -16.00 -4.81 17.28
CA ASP B 648 -15.45 -4.17 16.09
C ASP B 648 -14.00 -4.57 15.86
N CYS B 649 -13.20 -4.66 16.93
CA CYS B 649 -11.80 -5.03 16.78
C CYS B 649 -11.58 -6.53 16.64
N LEU B 650 -12.64 -7.34 16.68
CA LEU B 650 -12.55 -8.75 16.38
C LEU B 650 -13.24 -9.14 15.07
N GLN B 651 -14.09 -8.25 14.54
CA GLN B 651 -14.87 -8.59 13.35
C GLN B 651 -13.99 -9.00 12.18
N GLY B 652 -12.75 -8.48 12.12
CA GLY B 652 -11.86 -8.82 11.02
C GLY B 652 -11.62 -10.33 10.90
N ILE B 653 -11.70 -11.05 12.02
CA ILE B 653 -11.52 -12.49 11.98
C ILE B 653 -12.68 -13.16 11.25
N LEU B 654 -13.90 -12.68 11.49
CA LEU B 654 -15.08 -13.27 10.86
C LEU B 654 -15.22 -12.83 9.41
N SER B 655 -14.79 -11.62 9.08
CA SER B 655 -14.95 -11.10 7.72
C SER B 655 -13.92 -11.67 6.75
N VAL B 656 -12.79 -12.15 7.24
CA VAL B 656 -11.77 -12.70 6.35
C VAL B 656 -12.09 -14.15 5.98
N ILE B 657 -12.75 -14.89 6.86
CA ILE B 657 -13.00 -16.31 6.60
C ILE B 657 -13.79 -16.52 5.32
N PRO B 658 -14.87 -15.79 5.05
CA PRO B 658 -15.56 -15.95 3.77
C PRO B 658 -14.63 -15.80 2.58
N LEU B 659 -13.62 -14.94 2.68
CA LEU B 659 -12.68 -14.77 1.57
C LEU B 659 -11.67 -15.91 1.50
N GLN B 660 -11.32 -16.50 2.65
CA GLN B 660 -10.58 -17.76 2.61
C GLN B 660 -11.36 -18.82 1.86
N LEU B 661 -12.64 -18.99 2.21
CA LEU B 661 -13.48 -19.99 1.55
C LEU B 661 -13.66 -19.67 0.08
N LEU B 662 -13.89 -18.40 -0.25
CA LEU B 662 -14.08 -18.01 -1.64
C LEU B 662 -12.85 -18.35 -2.47
N ALA B 663 -11.67 -17.96 -1.99
CA ALA B 663 -10.44 -18.31 -2.69
C ALA B 663 -10.34 -19.81 -2.91
N PHE B 664 -10.65 -20.59 -1.88
CA PHE B 664 -10.61 -22.04 -2.02
C PHE B 664 -11.53 -22.52 -3.14
N HIS B 665 -12.81 -22.15 -3.08
CA HIS B 665 -13.77 -22.64 -4.06
C HIS B 665 -13.40 -22.18 -5.47
N LEU B 666 -12.97 -20.92 -5.61
CA LEU B 666 -12.54 -20.45 -6.93
C LEU B 666 -11.42 -21.31 -7.49
N ALA B 667 -10.45 -21.68 -6.65
CA ALA B 667 -9.35 -22.52 -7.11
C ALA B 667 -9.85 -23.88 -7.57
N VAL B 668 -10.83 -24.45 -6.86
CA VAL B 668 -11.38 -25.74 -7.26
C VAL B 668 -12.10 -25.62 -8.60
N LEU B 669 -12.91 -24.58 -8.77
CA LEU B 669 -13.63 -24.39 -10.02
C LEU B 669 -12.68 -24.22 -11.20
N ARG B 670 -11.53 -23.59 -10.96
CA ARG B 670 -10.57 -23.35 -12.02
C ARG B 670 -9.59 -24.51 -12.20
N GLY B 671 -9.75 -25.59 -11.44
CA GLY B 671 -8.93 -26.76 -11.63
C GLY B 671 -7.52 -26.67 -11.06
N TYR B 672 -7.32 -25.87 -10.02
CA TYR B 672 -6.03 -25.69 -9.40
C TYR B 672 -5.99 -26.37 -8.04
N ASP B 673 -4.77 -26.65 -7.58
CA ASP B 673 -4.56 -27.28 -6.27
C ASP B 673 -4.40 -26.20 -5.21
N VAL B 674 -5.17 -26.29 -4.14
CA VAL B 674 -5.15 -25.27 -3.11
C VAL B 674 -3.96 -25.42 -2.16
N ASP B 675 -3.34 -26.59 -2.12
CA ASP B 675 -2.21 -26.83 -1.24
C ASP B 675 -0.86 -26.59 -1.90
N PHE B 676 -0.80 -26.58 -3.22
CA PHE B 676 0.45 -26.44 -3.96
C PHE B 676 0.27 -25.41 -5.07
N PRO B 677 0.09 -24.14 -4.70
CA PRO B 677 -0.03 -23.09 -5.73
C PRO B 677 1.25 -22.97 -6.54
N ARG B 678 1.09 -22.57 -7.79
CA ARG B 678 2.22 -22.50 -8.71
C ARG B 678 3.17 -21.37 -8.32
N ASN B 679 4.43 -21.53 -8.72
CA ASN B 679 5.47 -20.49 -8.68
C ASN B 679 6.04 -20.22 -7.30
N LEU B 680 5.69 -20.98 -6.27
CA LEU B 680 6.22 -20.69 -4.94
C LEU B 680 6.03 -21.92 -4.05
N ALA B 681 6.44 -21.78 -2.80
CA ALA B 681 6.22 -22.79 -1.76
C ALA B 681 5.97 -22.05 -0.46
N LYS B 682 5.97 -22.79 0.65
CA LYS B 682 5.66 -22.19 1.95
C LYS B 682 6.95 -21.76 2.66
N SER B 683 6.88 -20.61 3.31
CA SER B 683 7.99 -20.09 4.11
C SER B 683 9.17 -19.69 3.24
N VAL B 684 9.41 -18.38 3.12
CA VAL B 684 10.52 -17.85 2.34
C VAL B 684 11.70 -17.74 3.29
N THR B 685 12.45 -18.83 3.43
CA THR B 685 13.57 -18.89 4.36
C THR B 685 14.88 -18.40 3.76
N VAL B 686 14.92 -18.11 2.47
CA VAL B 686 16.11 -17.57 1.81
C VAL B 686 15.67 -16.50 0.83
N GLU B 687 16.31 -15.34 0.90
CA GLU B 687 15.99 -14.23 0.02
C GLU B 687 17.20 -13.91 -0.87
C1 G6Q C . -4.25 11.07 -8.98
C2 G6Q C . -5.04 12.24 -8.36
C3 G6Q C . -5.46 11.96 -6.89
C4 G6Q C . -5.04 13.05 -5.92
C5 G6Q C . -5.82 12.99 -4.60
C6 G6Q C . -5.34 14.02 -3.59
O1 G6Q C . -3.97 11.14 -10.15
O2 G6Q C . -4.27 13.43 -8.51
O3 G6Q C . -4.97 10.71 -6.41
O4 G6Q C . -3.65 12.93 -5.63
O5 G6Q C . -7.20 13.19 -4.87
O6 G6Q C . -5.50 15.34 -4.16
P G6Q C . -4.68 16.55 -3.47
O1P G6Q C . -3.23 16.46 -3.86
O2P G6Q C . -5.35 17.84 -3.94
O3P G6Q C . -4.90 16.40 -1.96
H1 G6Q C . -3.98 10.24 -8.33
H2 G6Q C . -5.92 12.46 -8.97
H3 G6Q C . -6.54 11.82 -6.85
H4 G6Q C . -5.12 14.04 -6.39
H5 G6Q C . -5.80 11.99 -4.18
H61 G6Q C . -5.92 14.01 -2.67
H62 G6Q C . -4.30 13.87 -3.31
HO2 G6Q C . -4.64 13.96 -9.27
HO3 G6Q C . -5.72 10.07 -6.40
HO4 G6Q C . -3.18 13.73 -5.99
HO5 G6Q C . -7.58 12.33 -5.19
HOP2 G6Q C . -5.71 17.93 -4.87
HOP3 G6Q C . -5.44 17.02 -1.40
N GLU D . -26.06 21.63 -4.72
CA GLU D . -26.26 22.60 -5.84
C GLU D . -27.05 21.97 -6.97
O GLU D . -27.77 22.66 -7.69
CB GLU D . -24.90 23.10 -6.36
CG GLU D . -23.92 21.98 -6.70
CD GLU D . -22.61 22.50 -7.26
OE1 GLU D . -22.56 22.85 -8.45
OE2 GLU D . -21.63 22.57 -6.48
OXT GLU D . -27.00 20.76 -7.18
H1 GLU D . -25.42 21.94 -4.17
H2 GLU D . -26.82 21.54 -4.27
H3 GLU D . -25.81 20.84 -5.05
HA GLU D . -26.75 23.36 -5.51
HB2 GLU D . -25.05 23.61 -7.17
HB3 GLU D . -24.49 23.65 -5.69
HG2 GLU D . -23.73 21.47 -5.91
HG3 GLU D . -24.32 21.40 -7.38
C1 G6Q E . 0.48 -16.30 2.05
C2 G6Q E . 1.59 -16.86 2.97
C3 G6Q E . 2.77 -15.85 3.01
C4 G6Q E . 3.57 -15.92 4.32
C5 G6Q E . 4.98 -15.35 4.16
C6 G6Q E . 5.83 -15.53 5.42
O1 G6Q E . -0.65 -16.66 2.21
O2 G6Q E . 1.03 -17.14 4.25
O3 G6Q E . 2.31 -14.52 2.80
O4 G6Q E . 2.88 -15.18 5.33
O5 G6Q E . 5.64 -15.99 3.07
O6 G6Q E . 4.99 -16.05 6.48
P G6Q E . 5.63 -16.39 7.92
O1P G6Q E . 4.59 -16.11 8.95
O2P G6Q E . 6.06 -17.86 7.87
O3P G6Q E . 6.88 -15.53 8.06
H1 G6Q E . 0.79 -15.58 1.29
H2 G6Q E . 1.92 -17.83 2.62
H3 G6Q E . 3.42 -16.02 2.16
H4 G6Q E . 3.57 -16.93 4.71
H5 G6Q E . 4.97 -14.32 3.84
H61 G6Q E . 6.64 -16.24 5.28
H62 G6Q E . 6.28 -14.60 5.74
HO2 G6Q E . 0.41 -16.39 4.49
HO3 G6Q E . 2.55 -14.24 1.88
HO4 G6Q E . 2.19 -15.76 5.73
HO5 G6Q E . 5.45 -16.96 3.12
HOP2 G6Q E . 5.51 -18.56 7.42
HOP3 G6Q E . 6.92 -14.65 8.50
#